data_6P2K
#
_entry.id   6P2K
#
_cell.length_a   173.427
_cell.length_b   173.427
_cell.length_c   173.427
_cell.angle_alpha   90.00
_cell.angle_beta   90.00
_cell.angle_gamma   90.00
#
_symmetry.space_group_name_H-M   'P 21 3'
#
loop_
_entity.id
_entity.type
_entity.pdbx_description
1 polymer 'Fibronectin type III domain-containing protein'
2 non-polymer 'ZINC ION'
3 non-polymer 'ACETATE ION'
4 non-polymer GLYCEROL
5 non-polymer 3,6,9,12,15,18,21,24,27,30,33,36,39-TRIDECAOXAHENTETRACONTANE-1,41-DIOL
6 non-polymer 'CHLORIDE ION'
7 water water
#
_entity_poly.entity_id   1
_entity_poly.type   'polypeptide(L)'
_entity_poly.pdbx_seq_one_letter_code
;MAATVWQPLNPGAGGQVQDVVADPNQANVVYMASDMEGVYKSTNNGESWQITGNLVNNRVFAVAVTPGNSNKIFVGTLYG
LHISTNGSNSYALVPETENKSIASIAFKPGNANHIIAAPGWRDDDDFIGKFGETAAGPGQVFVSQNGGSSWQTVTFDSNS
STDRNVYSVVFDQSNANTVYLGSNKGVYKSTNGGLNWQRIAGPDDAVRPWNKGIALSPNGQVLYATYAEAKPDLRYNTNF
LVYATRTSNINWQQVTGGLEGNRRYWYPEVDPRSTGNSHKVLLGAVKDRFGLYEGTFNWDNNGNLTNFYWEKIWDSYDGS
WDIGWDYATPPNARFAHYTPVTGGWARGVWSTTNQTMYYASHNSGNNSYSWQNKYSTPTSQTVNWYGTEWPTYKGKGTES
TYTYDVAVHENYVIQGQADNGLMESWDGGVSWSNMQHRRGGGFNLSDVQAVDIADAWGVPTVVAQATSGYGGGAHNGRLW
AKRLNTHSPADQWVELAGGPNAKAGLPKGVLRDVAVSPANPAKVFMFSSNYGMYMVEDIGRALDYHDRGETLPVTQIYEG
LDNSNDARIARKIAPHPTNEKVVFFSSTGGVQGVWRGEQQNDGSWTFAQVLASSGWDAEVEAWAYNGTVYLMSFAKGGGP
GLTDGNNWQILLSTDEGQNWQKIFTPADAMAVRPTSNLVWWNSVGNRFKFTGKGGSAGAGNKIVMSYYDHDYQLGYGVFL
GTIQSNGQVNWQDITDDLHFSGMTSSRFIKDAGQMYLYSTTPGAGLWRRSISGMNMDPA
;
_entity_poly.pdbx_strand_id   A,B
#
loop_
_chem_comp.id
_chem_comp.type
_chem_comp.name
_chem_comp.formula
ACT non-polymer 'ACETATE ION' 'C2 H3 O2 -1'
CL non-polymer 'CHLORIDE ION' 'Cl -1'
GOL non-polymer GLYCEROL 'C3 H8 O3'
PE3 non-polymer 3,6,9,12,15,18,21,24,27,30,33,36,39-TRIDECAOXAHENTETRACONTANE-1,41-DIOL 'C28 H58 O15'
ZN non-polymer 'ZINC ION' 'Zn 2'
#
# COMPACT_ATOMS: atom_id res chain seq x y z
N THR A 4 12.72 -29.32 17.35
CA THR A 4 12.33 -30.08 16.17
C THR A 4 11.28 -31.12 16.54
N VAL A 5 10.17 -31.15 15.79
CA VAL A 5 9.08 -32.08 16.06
C VAL A 5 8.82 -32.93 14.84
N TRP A 6 8.46 -32.30 13.71
CA TRP A 6 8.30 -33.01 12.46
C TRP A 6 9.67 -33.32 11.88
N GLN A 7 9.83 -34.55 11.40
CA GLN A 7 11.12 -35.04 10.91
C GLN A 7 11.01 -35.36 9.43
N PRO A 8 11.76 -34.69 8.56
CA PRO A 8 11.69 -34.98 7.12
C PRO A 8 12.47 -36.22 6.75
N LEU A 9 11.94 -36.96 5.75
CA LEU A 9 12.55 -38.19 5.24
C LEU A 9 12.54 -38.07 3.72
N ASN A 10 13.54 -37.40 3.16
CA ASN A 10 13.55 -37.07 1.74
C ASN A 10 14.97 -37.14 1.19
N PRO A 11 15.11 -37.35 -0.11
CA PRO A 11 16.44 -37.37 -0.74
C PRO A 11 16.96 -36.03 -1.19
N GLY A 12 16.17 -34.96 -1.08
CA GLY A 12 16.64 -33.63 -1.42
C GLY A 12 16.07 -33.04 -2.69
N ALA A 13 15.52 -31.83 -2.60
CA ALA A 13 15.00 -31.06 -3.74
C ALA A 13 13.96 -31.91 -4.45
N GLY A 14 13.99 -32.03 -5.77
CA GLY A 14 13.04 -32.85 -6.49
C GLY A 14 11.87 -32.10 -7.11
N GLY A 15 11.82 -30.78 -6.94
CA GLY A 15 10.83 -29.97 -7.61
C GLY A 15 11.49 -28.88 -8.44
N GLN A 16 10.75 -28.29 -9.37
CA GLN A 16 11.31 -27.30 -10.28
C GLN A 16 11.86 -26.11 -9.49
N VAL A 17 13.16 -25.83 -9.70
CA VAL A 17 13.84 -24.77 -8.97
C VAL A 17 13.80 -23.49 -9.80
N GLN A 18 13.41 -22.39 -9.15
CA GLN A 18 13.26 -21.12 -9.86
C GLN A 18 14.56 -20.33 -9.95
N ASP A 19 15.36 -20.32 -8.88
CA ASP A 19 16.59 -19.54 -8.88
C ASP A 19 17.42 -19.91 -7.66
N VAL A 20 18.73 -19.67 -7.78
CA VAL A 20 19.64 -19.65 -6.65
C VAL A 20 20.40 -18.33 -6.73
N VAL A 21 20.31 -17.52 -5.67
CA VAL A 21 20.79 -16.14 -5.68
C VAL A 21 21.89 -16.00 -4.64
N ALA A 22 23.04 -15.48 -5.06
CA ALA A 22 24.15 -15.24 -4.15
C ALA A 22 23.98 -13.92 -3.40
N ASP A 23 24.43 -13.91 -2.16
CA ASP A 23 24.53 -12.68 -1.39
C ASP A 23 25.77 -11.92 -1.85
N PRO A 24 25.63 -10.72 -2.42
CA PRO A 24 26.82 -10.00 -2.90
C PRO A 24 27.74 -9.54 -1.78
N ASN A 25 27.27 -9.55 -0.53
CA ASN A 25 28.05 -9.01 0.57
C ASN A 25 28.90 -10.05 1.30
N GLN A 26 28.62 -11.34 1.11
CA GLN A 26 29.38 -12.37 1.82
C GLN A 26 29.43 -13.65 1.00
N ALA A 27 30.65 -14.12 0.73
CA ALA A 27 30.84 -15.37 0.02
C ALA A 27 30.11 -16.50 0.73
N ASN A 28 29.62 -17.46 -0.07
CA ASN A 28 29.06 -18.73 0.37
C ASN A 28 27.68 -18.60 1.00
N VAL A 29 27.07 -17.42 0.99
CA VAL A 29 25.70 -17.24 1.44
C VAL A 29 24.80 -17.14 0.21
N VAL A 30 23.82 -18.04 0.12
CA VAL A 30 22.96 -18.15 -1.06
C VAL A 30 21.53 -18.40 -0.61
N TYR A 31 20.59 -18.03 -1.48
CA TYR A 31 19.17 -18.27 -1.27
C TYR A 31 18.62 -19.03 -2.47
N MET A 32 17.70 -19.93 -2.21
CA MET A 32 17.09 -20.68 -3.25
C MET A 32 15.58 -20.42 -3.29
N ALA A 33 15.09 -20.08 -4.46
CA ALA A 33 13.67 -19.84 -4.67
C ALA A 33 13.02 -21.15 -5.09
N SER A 34 12.17 -21.69 -4.24
CA SER A 34 11.34 -22.83 -4.58
C SER A 34 9.96 -22.35 -5.02
N ASP A 35 9.24 -23.21 -5.73
CA ASP A 35 7.91 -22.86 -6.20
C ASP A 35 6.80 -23.41 -5.31
N MET A 36 7.14 -24.08 -4.20
CA MET A 36 6.12 -24.62 -3.31
C MET A 36 6.41 -24.44 -1.82
N GLU A 37 7.65 -24.20 -1.41
CA GLU A 37 7.96 -24.06 0.01
C GLU A 37 8.62 -22.73 0.37
N GLY A 38 8.77 -21.81 -0.57
CA GLY A 38 9.31 -20.50 -0.26
C GLY A 38 10.79 -20.43 -0.53
N VAL A 39 11.53 -19.85 0.42
CA VAL A 39 12.94 -19.53 0.24
C VAL A 39 13.76 -20.34 1.24
N TYR A 40 14.80 -21.00 0.76
CA TYR A 40 15.80 -21.61 1.61
C TYR A 40 17.06 -20.77 1.63
N LYS A 41 17.81 -20.85 2.71
CA LYS A 41 19.06 -20.11 2.88
C LYS A 41 20.18 -21.09 3.21
N SER A 42 21.38 -20.77 2.74
CA SER A 42 22.57 -21.53 3.09
C SER A 42 23.73 -20.56 3.30
N THR A 43 24.57 -20.86 4.29
CA THR A 43 25.77 -20.08 4.56
C THR A 43 27.05 -20.87 4.32
N ASN A 44 26.95 -22.03 3.66
CA ASN A 44 28.10 -22.84 3.29
C ASN A 44 28.03 -23.19 1.80
N ASN A 45 27.52 -22.25 1.01
CA ASN A 45 27.44 -22.39 -0.45
C ASN A 45 26.71 -23.67 -0.87
N GLY A 46 25.64 -23.99 -0.16
CA GLY A 46 24.77 -25.08 -0.57
C GLY A 46 25.11 -26.45 -0.04
N GLU A 47 26.08 -26.56 0.87
CA GLU A 47 26.35 -27.85 1.49
C GLU A 47 25.21 -28.28 2.39
N SER A 48 24.51 -27.32 2.99
CA SER A 48 23.29 -27.60 3.74
C SER A 48 22.37 -26.40 3.61
N TRP A 49 21.06 -26.66 3.63
CA TRP A 49 20.06 -25.62 3.44
C TRP A 49 19.13 -25.58 4.65
N GLN A 50 18.66 -24.37 4.97
CA GLN A 50 17.72 -24.16 6.06
C GLN A 50 16.54 -23.32 5.55
N ILE A 51 15.35 -23.64 6.04
CA ILE A 51 14.17 -22.85 5.68
C ILE A 51 14.27 -21.45 6.27
N THR A 52 13.60 -20.49 5.63
CA THR A 52 13.54 -19.13 6.14
C THR A 52 12.13 -18.82 6.65
N GLY A 53 11.84 -17.54 6.83
CA GLY A 53 10.58 -17.12 7.43
C GLY A 53 9.37 -17.44 6.56
N ASN A 54 8.20 -17.22 7.14
CA ASN A 54 6.95 -17.55 6.47
C ASN A 54 6.54 -16.43 5.52
N LEU A 55 6.26 -16.79 4.28
CA LEU A 55 5.75 -15.87 3.27
C LEU A 55 4.23 -15.98 3.20
N VAL A 56 3.61 -14.96 2.59
CA VAL A 56 2.18 -15.04 2.32
C VAL A 56 1.90 -16.03 1.19
N ASN A 57 2.78 -16.08 0.20
CA ASN A 57 2.70 -17.04 -0.89
C ASN A 57 4.06 -17.69 -1.10
N ASN A 58 4.05 -19.01 -1.28
CA ASN A 58 5.27 -19.82 -1.31
C ASN A 58 5.83 -20.03 -2.71
N ARG A 59 5.18 -19.52 -3.75
CA ARG A 59 5.70 -19.64 -5.12
C ARG A 59 6.62 -18.46 -5.37
N VAL A 60 7.93 -18.67 -5.22
CA VAL A 60 8.92 -17.60 -5.28
C VAL A 60 9.56 -17.59 -6.65
N PHE A 61 9.60 -16.42 -7.28
CA PHE A 61 10.26 -16.24 -8.56
C PHE A 61 11.57 -15.47 -8.47
N ALA A 62 11.77 -14.67 -7.43
CA ALA A 62 12.98 -13.86 -7.33
C ALA A 62 13.34 -13.62 -5.88
N VAL A 63 14.65 -13.54 -5.62
CA VAL A 63 15.21 -13.13 -4.33
C VAL A 63 16.38 -12.20 -4.61
N ALA A 64 16.46 -11.10 -3.85
CA ALA A 64 17.55 -10.15 -4.04
C ALA A 64 18.03 -9.66 -2.68
N VAL A 65 19.34 -9.64 -2.49
CA VAL A 65 19.97 -9.18 -1.25
C VAL A 65 20.44 -7.74 -1.47
N THR A 66 20.10 -6.87 -0.52
CA THR A 66 20.48 -5.46 -0.62
C THR A 66 22.00 -5.32 -0.57
N PRO A 67 22.63 -4.72 -1.58
CA PRO A 67 24.07 -4.48 -1.51
C PRO A 67 24.41 -3.61 -0.32
N GLY A 68 25.37 -4.07 0.49
CA GLY A 68 25.75 -3.36 1.68
C GLY A 68 24.89 -3.61 2.90
N ASN A 69 23.86 -4.45 2.81
CA ASN A 69 22.99 -4.73 3.95
C ASN A 69 22.41 -6.13 3.77
N SER A 70 23.14 -7.13 4.26
CA SER A 70 22.71 -8.52 4.13
C SER A 70 21.46 -8.84 4.92
N ASN A 71 21.06 -7.98 5.85
CA ASN A 71 19.84 -8.21 6.61
C ASN A 71 18.59 -7.79 5.86
N LYS A 72 18.71 -6.98 4.81
CA LYS A 72 17.56 -6.53 4.04
C LYS A 72 17.46 -7.35 2.76
N ILE A 73 16.38 -8.11 2.63
CA ILE A 73 16.19 -9.05 1.54
C ILE A 73 14.79 -8.88 0.97
N PHE A 74 14.69 -8.91 -0.35
CA PHE A 74 13.41 -8.83 -1.05
C PHE A 74 13.13 -10.16 -1.74
N VAL A 75 11.85 -10.55 -1.72
CA VAL A 75 11.41 -11.83 -2.26
C VAL A 75 10.21 -11.59 -3.17
N GLY A 76 10.35 -11.94 -4.44
CA GLY A 76 9.24 -11.83 -5.37
C GLY A 76 8.44 -13.12 -5.48
N THR A 77 7.15 -13.06 -5.15
CA THR A 77 6.28 -14.23 -5.17
C THR A 77 5.10 -13.99 -6.11
N LEU A 78 4.30 -15.05 -6.28
CA LEU A 78 3.11 -14.95 -7.12
C LEU A 78 2.12 -13.93 -6.58
N TYR A 79 2.14 -13.67 -5.28
CA TYR A 79 1.24 -12.69 -4.69
C TYR A 79 1.89 -11.34 -4.44
N GLY A 80 3.15 -11.15 -4.82
CA GLY A 80 3.76 -9.85 -4.73
C GLY A 80 5.09 -9.90 -4.01
N LEU A 81 5.62 -8.71 -3.75
CA LEU A 81 6.94 -8.56 -3.16
C LEU A 81 6.87 -8.65 -1.63
N HIS A 82 7.85 -9.35 -1.06
CA HIS A 82 8.05 -9.38 0.38
C HIS A 82 9.39 -8.71 0.71
N ILE A 83 9.45 -8.12 1.90
CA ILE A 83 10.69 -7.54 2.41
C ILE A 83 11.00 -8.17 3.76
N SER A 84 12.27 -8.47 3.98
CA SER A 84 12.78 -8.89 5.28
C SER A 84 13.84 -7.89 5.72
N THR A 85 13.79 -7.51 6.99
CA THR A 85 14.83 -6.66 7.57
C THR A 85 15.68 -7.39 8.59
N ASN A 86 15.46 -8.69 8.80
CA ASN A 86 16.25 -9.49 9.73
C ASN A 86 16.90 -10.67 9.03
N GLY A 87 17.41 -10.44 7.82
CA GLY A 87 18.15 -11.49 7.11
C GLY A 87 17.33 -12.70 6.75
N SER A 88 16.03 -12.51 6.48
CA SER A 88 15.08 -13.53 6.02
C SER A 88 14.46 -14.34 7.14
N ASN A 89 14.69 -13.94 8.40
CA ASN A 89 14.05 -14.64 9.51
C ASN A 89 12.55 -14.42 9.53
N SER A 90 12.10 -13.23 9.12
CA SER A 90 10.68 -12.93 9.01
C SER A 90 10.46 -12.06 7.77
N TYR A 91 9.25 -12.14 7.22
CA TYR A 91 8.90 -11.41 6.01
C TYR A 91 7.62 -10.61 6.22
N ALA A 92 7.49 -9.53 5.46
CA ALA A 92 6.28 -8.73 5.41
C ALA A 92 5.93 -8.43 3.96
N LEU A 93 4.64 -8.54 3.64
CA LEU A 93 4.17 -8.21 2.31
C LEU A 93 4.29 -6.72 2.05
N VAL A 94 4.72 -6.36 0.84
CA VAL A 94 4.83 -4.96 0.44
C VAL A 94 3.48 -4.55 -0.15
N PRO A 95 2.80 -3.55 0.43
CA PRO A 95 1.40 -3.31 0.04
C PRO A 95 1.23 -2.85 -1.40
N GLU A 96 2.20 -2.13 -1.96
CA GLU A 96 2.07 -1.62 -3.33
C GLU A 96 1.99 -2.75 -4.35
N THR A 97 2.61 -3.90 -4.04
CA THR A 97 2.72 -5.01 -4.99
C THR A 97 1.81 -6.18 -4.63
N GLU A 98 0.90 -6.01 -3.66
CA GLU A 98 0.01 -7.10 -3.29
C GLU A 98 -0.81 -7.54 -4.51
N ASN A 99 -0.92 -8.86 -4.68
CA ASN A 99 -1.65 -9.46 -5.81
C ASN A 99 -0.98 -9.14 -7.14
N LYS A 100 0.33 -8.91 -7.12
CA LYS A 100 1.10 -8.56 -8.33
C LYS A 100 2.36 -9.41 -8.34
N SER A 101 2.36 -10.48 -9.13
CA SER A 101 3.49 -11.40 -9.17
C SER A 101 4.75 -10.69 -9.64
N ILE A 102 5.85 -10.86 -8.89
CA ILE A 102 7.13 -10.20 -9.15
C ILE A 102 8.18 -11.27 -9.39
N ALA A 103 8.99 -11.08 -10.43
CA ALA A 103 10.00 -12.07 -10.80
C ALA A 103 11.39 -11.50 -11.07
N SER A 104 11.63 -10.20 -10.85
CA SER A 104 12.96 -9.66 -10.97
CA SER A 104 12.95 -9.61 -11.02
C SER A 104 13.08 -8.43 -10.07
N ILE A 105 14.25 -8.32 -9.42
CA ILE A 105 14.54 -7.24 -8.49
C ILE A 105 15.98 -6.81 -8.71
N ALA A 106 16.19 -5.54 -9.04
CA ALA A 106 17.53 -5.03 -9.36
C ALA A 106 17.80 -3.73 -8.63
N PHE A 107 19.05 -3.55 -8.20
CA PHE A 107 19.49 -2.36 -7.49
C PHE A 107 20.33 -1.48 -8.40
N LYS A 108 20.17 -0.16 -8.25
CA LYS A 108 20.98 0.77 -9.01
C LYS A 108 22.44 0.68 -8.55
N PRO A 109 23.39 0.57 -9.48
CA PRO A 109 24.81 0.50 -9.08
C PRO A 109 25.22 1.73 -8.28
N GLY A 110 25.85 1.49 -7.14
CA GLY A 110 26.31 2.57 -6.29
C GLY A 110 25.25 3.24 -5.45
N ASN A 111 23.99 2.80 -5.53
CA ASN A 111 22.92 3.35 -4.68
C ASN A 111 21.92 2.23 -4.40
N ALA A 112 22.15 1.51 -3.30
CA ALA A 112 21.28 0.39 -2.92
C ALA A 112 19.89 0.83 -2.46
N ASN A 113 19.63 2.14 -2.36
CA ASN A 113 18.29 2.61 -2.03
C ASN A 113 17.40 2.76 -3.26
N HIS A 114 17.97 2.64 -4.45
CA HIS A 114 17.22 2.74 -5.71
C HIS A 114 17.02 1.33 -6.23
N ILE A 115 15.76 0.87 -6.22
CA ILE A 115 15.43 -0.52 -6.53
C ILE A 115 14.34 -0.55 -7.59
N ILE A 116 14.40 -1.54 -8.47
CA ILE A 116 13.35 -1.81 -9.45
C ILE A 116 12.87 -3.24 -9.26
N ALA A 117 11.56 -3.41 -9.08
CA ALA A 117 10.92 -4.72 -9.00
C ALA A 117 9.92 -4.83 -10.14
N ALA A 118 10.10 -5.83 -10.99
CA ALA A 118 9.31 -5.92 -12.21
C ALA A 118 8.30 -7.03 -12.13
N PRO A 119 7.03 -6.75 -12.46
CA PRO A 119 6.05 -7.82 -12.60
C PRO A 119 6.54 -8.93 -13.50
N GLY A 120 6.28 -10.16 -13.10
CA GLY A 120 6.71 -11.30 -13.89
C GLY A 120 6.41 -12.60 -13.16
N TRP A 121 6.55 -13.70 -13.90
CA TRP A 121 6.26 -15.01 -13.34
C TRP A 121 7.06 -16.11 -14.05
N ARG A 122 8.20 -15.76 -14.64
CA ARG A 122 9.11 -16.71 -15.31
C ARG A 122 8.29 -17.49 -16.34
N ASP A 123 8.36 -18.82 -16.36
CA ASP A 123 7.64 -19.64 -17.32
C ASP A 123 6.33 -20.19 -16.76
N ASP A 124 5.90 -19.72 -15.59
CA ASP A 124 4.72 -20.30 -14.95
C ASP A 124 3.45 -19.58 -15.39
N ASP A 125 3.26 -19.57 -16.72
CA ASP A 125 2.04 -19.03 -17.30
C ASP A 125 0.81 -19.79 -16.85
N ASP A 126 0.99 -21.06 -16.46
CA ASP A 126 -0.13 -21.85 -15.95
C ASP A 126 -0.65 -21.31 -14.62
N PHE A 127 0.13 -20.51 -13.90
CA PHE A 127 -0.22 -20.12 -12.54
C PHE A 127 -0.50 -18.63 -12.37
N ILE A 128 -0.27 -17.81 -13.40
CA ILE A 128 -0.42 -16.36 -13.26
C ILE A 128 -1.85 -15.97 -12.91
N GLY A 129 -2.83 -16.83 -13.20
CA GLY A 129 -4.20 -16.52 -12.88
C GLY A 129 -4.72 -17.04 -11.56
N LYS A 130 -3.87 -17.64 -10.72
CA LYS A 130 -4.34 -18.24 -9.48
C LYS A 130 -5.01 -17.22 -8.55
N PHE A 131 -4.53 -15.98 -8.53
CA PHE A 131 -5.11 -14.92 -7.73
C PHE A 131 -5.82 -13.87 -8.57
N GLY A 132 -6.21 -14.20 -9.81
CA GLY A 132 -7.00 -13.32 -10.63
C GLY A 132 -6.22 -12.51 -11.66
N GLU A 133 -4.90 -12.51 -11.62
CA GLU A 133 -4.14 -11.77 -12.61
C GLU A 133 -4.24 -12.44 -13.99
N THR A 134 -3.86 -11.68 -15.01
CA THR A 134 -3.75 -12.19 -16.37
C THR A 134 -2.39 -11.83 -16.92
N ALA A 135 -1.92 -12.63 -17.89
CA ALA A 135 -0.66 -12.32 -18.55
C ALA A 135 -0.77 -11.00 -19.31
N ALA A 136 -1.91 -10.75 -19.93
CA ALA A 136 -2.10 -9.52 -20.68
C ALA A 136 -2.34 -8.35 -19.73
N GLY A 137 -1.80 -7.19 -20.10
CA GLY A 137 -1.98 -5.99 -19.33
C GLY A 137 -0.94 -4.95 -19.68
N PRO A 138 -1.04 -3.77 -19.07
CA PRO A 138 -0.02 -2.74 -19.29
C PRO A 138 1.36 -3.21 -18.80
N GLY A 139 2.39 -2.77 -19.50
CA GLY A 139 3.74 -3.04 -19.07
C GLY A 139 4.16 -2.06 -17.99
N GLN A 140 4.53 -2.58 -16.82
CA GLN A 140 4.83 -1.73 -15.67
C GLN A 140 6.03 -2.27 -14.92
N VAL A 141 6.67 -1.38 -14.15
CA VAL A 141 7.66 -1.75 -13.15
C VAL A 141 7.38 -0.94 -11.90
N PHE A 142 7.85 -1.46 -10.77
CA PHE A 142 7.79 -0.77 -9.49
C PHE A 142 9.17 -0.22 -9.16
N VAL A 143 9.23 1.05 -8.78
CA VAL A 143 10.50 1.73 -8.52
C VAL A 143 10.46 2.32 -7.11
N SER A 144 11.46 1.99 -6.30
CA SER A 144 11.67 2.59 -4.99
C SER A 144 12.97 3.37 -4.98
N GLN A 145 12.95 4.55 -4.38
CA GLN A 145 14.16 5.37 -4.26
C GLN A 145 14.55 5.60 -2.81
N ASN A 146 13.91 4.91 -1.86
CA ASN A 146 14.23 5.03 -0.44
C ASN A 146 14.44 3.66 0.19
N GLY A 147 15.00 2.72 -0.57
CA GLY A 147 15.31 1.42 -0.02
C GLY A 147 14.12 0.54 0.29
N GLY A 148 12.98 0.77 -0.37
CA GLY A 148 11.86 -0.14 -0.28
C GLY A 148 10.79 0.20 0.73
N SER A 149 10.85 1.37 1.37
CA SER A 149 9.76 1.79 2.24
C SER A 149 8.53 2.18 1.44
N SER A 150 8.71 2.72 0.23
CA SER A 150 7.61 3.09 -0.64
C SER A 150 7.98 2.80 -2.08
N TRP A 151 6.97 2.53 -2.90
CA TRP A 151 7.17 2.12 -4.28
C TRP A 151 6.28 2.93 -5.21
N GLN A 152 6.84 3.30 -6.36
CA GLN A 152 6.11 4.00 -7.41
C GLN A 152 5.82 3.04 -8.56
N THR A 153 4.65 3.18 -9.17
CA THR A 153 4.25 2.36 -10.30
C THR A 153 4.55 3.13 -11.59
N VAL A 154 5.48 2.60 -12.39
CA VAL A 154 5.90 3.21 -13.64
C VAL A 154 5.36 2.36 -14.78
N THR A 155 4.70 3.01 -15.74
CA THR A 155 4.16 2.34 -16.92
C THR A 155 5.10 2.56 -18.10
N PHE A 156 5.51 1.48 -18.77
CA PHE A 156 6.29 1.60 -19.99
C PHE A 156 5.52 1.19 -21.25
N ASP A 157 4.37 0.53 -21.10
CA ASP A 157 3.50 0.25 -22.24
C ASP A 157 2.06 0.16 -21.74
N SER A 158 1.14 0.73 -22.51
CA SER A 158 -0.25 0.90 -22.07
C SER A 158 -1.22 -0.05 -22.76
N ASN A 159 -0.75 -0.98 -23.57
CA ASN A 159 -1.64 -1.92 -24.26
C ASN A 159 -2.09 -2.98 -23.27
N SER A 160 -3.39 -2.97 -22.94
CA SER A 160 -3.93 -3.88 -21.94
C SER A 160 -4.14 -5.30 -22.46
N SER A 161 -3.96 -5.54 -23.76
CA SER A 161 -4.25 -6.84 -24.34
C SER A 161 -3.02 -7.65 -24.70
N THR A 162 -1.81 -7.15 -24.43
CA THR A 162 -0.58 -7.85 -24.80
C THR A 162 0.19 -8.28 -23.57
N ASP A 163 0.92 -9.39 -23.73
CA ASP A 163 1.61 -10.03 -22.61
C ASP A 163 2.65 -9.09 -21.99
N ARG A 164 2.61 -8.98 -20.66
CA ARG A 164 3.40 -8.00 -19.93
C ARG A 164 4.53 -8.61 -19.11
N ASN A 165 4.76 -9.93 -19.23
CA ASN A 165 5.83 -10.59 -18.47
C ASN A 165 7.18 -9.92 -18.71
N VAL A 166 7.86 -9.56 -17.62
CA VAL A 166 9.22 -9.03 -17.68
C VAL A 166 10.16 -10.11 -17.18
N TYR A 167 11.22 -10.37 -17.95
CA TYR A 167 12.15 -11.44 -17.63
C TYR A 167 13.42 -10.95 -16.93
N SER A 168 13.93 -9.77 -17.29
CA SER A 168 15.12 -9.28 -16.62
C SER A 168 15.15 -7.75 -16.62
N VAL A 169 15.83 -7.21 -15.61
CA VAL A 169 16.12 -5.79 -15.47
C VAL A 169 17.62 -5.67 -15.24
N VAL A 170 18.30 -4.86 -16.04
CA VAL A 170 19.76 -4.79 -15.97
C VAL A 170 20.21 -3.33 -16.08
N PHE A 171 21.06 -2.91 -15.16
CA PHE A 171 21.60 -1.56 -15.12
C PHE A 171 22.93 -1.48 -15.88
N ASP A 172 23.24 -0.27 -16.33
CA ASP A 172 24.55 0.05 -16.86
C ASP A 172 25.50 0.28 -15.69
N GLN A 173 26.48 -0.62 -15.51
CA GLN A 173 27.42 -0.46 -14.41
C GLN A 173 28.27 0.80 -14.57
N SER A 174 28.51 1.22 -15.81
CA SER A 174 29.33 2.39 -16.08
CA SER A 174 29.33 2.40 -16.06
C SER A 174 28.54 3.70 -16.07
N ASN A 175 27.21 3.63 -16.09
CA ASN A 175 26.34 4.81 -16.03
C ASN A 175 25.07 4.36 -15.32
N ALA A 176 25.05 4.56 -14.00
CA ALA A 176 24.04 3.94 -13.14
C ALA A 176 22.62 4.40 -13.45
N ASN A 177 22.45 5.53 -14.13
CA ASN A 177 21.12 6.01 -14.46
C ASN A 177 20.53 5.36 -15.70
N THR A 178 21.31 4.55 -16.42
CA THR A 178 20.85 3.84 -17.59
C THR A 178 20.48 2.41 -17.20
N VAL A 179 19.28 1.99 -17.58
CA VAL A 179 18.80 0.66 -17.23
C VAL A 179 17.92 0.16 -18.37
N TYR A 180 18.00 -1.14 -18.64
CA TYR A 180 17.19 -1.80 -19.65
C TYR A 180 16.33 -2.87 -18.98
N LEU A 181 15.22 -3.21 -19.63
CA LEU A 181 14.41 -4.36 -19.22
C LEU A 181 14.09 -5.20 -20.44
N GLY A 182 13.92 -6.50 -20.21
CA GLY A 182 13.57 -7.44 -21.25
C GLY A 182 12.21 -8.07 -21.01
N SER A 183 11.30 -7.95 -21.97
CA SER A 183 9.90 -8.29 -21.75
C SER A 183 9.32 -8.89 -23.02
N ASN A 184 8.21 -9.61 -22.85
CA ASN A 184 7.40 -9.96 -24.02
C ASN A 184 6.89 -8.71 -24.73
N LYS A 185 6.77 -7.60 -23.99
CA LYS A 185 6.43 -6.32 -24.60
C LYS A 185 7.54 -5.81 -25.51
N GLY A 186 8.75 -6.35 -25.37
CA GLY A 186 9.91 -5.84 -26.06
C GLY A 186 11.01 -5.48 -25.07
N VAL A 187 12.11 -4.99 -25.61
CA VAL A 187 13.19 -4.46 -24.79
C VAL A 187 12.97 -2.97 -24.65
N TYR A 188 13.12 -2.45 -23.43
CA TYR A 188 12.93 -1.05 -23.14
C TYR A 188 14.15 -0.49 -22.43
N LYS A 189 14.36 0.81 -22.58
CA LYS A 189 15.51 1.50 -22.05
C LYS A 189 15.07 2.74 -21.28
N SER A 190 15.75 3.01 -20.17
CA SER A 190 15.52 4.24 -19.41
C SER A 190 16.88 4.87 -19.13
N THR A 191 16.94 6.20 -19.24
CA THR A 191 18.16 6.92 -18.91
C THR A 191 18.04 7.75 -17.63
N ASN A 192 16.95 7.56 -16.87
CA ASN A 192 16.77 8.26 -15.60
C ASN A 192 16.37 7.30 -14.49
N GLY A 193 16.98 6.12 -14.48
CA GLY A 193 16.80 5.18 -13.38
C GLY A 193 15.50 4.42 -13.37
N GLY A 194 14.76 4.41 -14.47
CA GLY A 194 13.55 3.62 -14.58
C GLY A 194 12.24 4.38 -14.40
N LEU A 195 12.27 5.71 -14.36
CA LEU A 195 11.05 6.49 -14.21
C LEU A 195 10.37 6.80 -15.54
N ASN A 196 11.12 6.81 -16.64
CA ASN A 196 10.56 6.94 -17.98
C ASN A 196 11.30 5.98 -18.88
N TRP A 197 10.56 5.28 -19.75
CA TRP A 197 11.12 4.24 -20.59
C TRP A 197 10.77 4.49 -22.06
N GLN A 198 11.65 4.01 -22.94
CA GLN A 198 11.41 4.02 -24.38
C GLN A 198 11.71 2.64 -24.95
N ARG A 199 11.00 2.28 -26.02
CA ARG A 199 11.12 0.95 -26.59
C ARG A 199 12.35 0.84 -27.49
N ILE A 200 13.04 -0.30 -27.40
CA ILE A 200 14.10 -0.68 -28.33
C ILE A 200 13.51 -1.64 -29.34
N ALA A 201 13.65 -1.32 -30.63
CA ALA A 201 13.15 -2.23 -31.66
C ALA A 201 13.99 -3.49 -31.69
N GLY A 202 13.32 -4.63 -31.87
CA GLY A 202 13.99 -5.91 -31.95
C GLY A 202 14.57 -6.17 -33.32
N PRO A 203 15.29 -7.28 -33.44
CA PRO A 203 15.91 -7.62 -34.74
C PRO A 203 14.91 -7.86 -35.84
N ASP A 204 13.71 -8.36 -35.52
CA ASP A 204 12.74 -8.74 -36.55
C ASP A 204 11.34 -8.79 -35.95
N ASP A 205 10.80 -7.62 -35.58
CA ASP A 205 9.60 -7.57 -34.75
C ASP A 205 8.37 -8.11 -35.46
N ALA A 206 8.36 -8.14 -36.80
CA ALA A 206 7.23 -8.74 -37.50
C ALA A 206 7.17 -10.24 -37.29
N VAL A 207 8.25 -10.87 -36.86
CA VAL A 207 8.35 -12.32 -36.77
C VAL A 207 8.55 -12.79 -35.33
N ARG A 208 9.52 -12.20 -34.63
CA ARG A 208 9.85 -12.60 -33.26
C ARG A 208 9.96 -11.38 -32.36
N PRO A 209 8.83 -10.77 -31.99
CA PRO A 209 8.88 -9.54 -31.19
C PRO A 209 9.16 -9.77 -29.71
N TRP A 210 8.91 -10.98 -29.20
CA TRP A 210 8.97 -11.23 -27.76
C TRP A 210 10.42 -11.42 -27.31
N ASN A 211 10.86 -10.61 -26.35
CA ASN A 211 12.16 -10.81 -25.74
C ASN A 211 12.06 -11.78 -24.57
N LYS A 212 13.07 -12.64 -24.43
CA LYS A 212 13.09 -13.66 -23.39
C LYS A 212 14.32 -13.48 -22.50
N GLY A 213 14.67 -12.23 -22.23
CA GLY A 213 15.82 -11.95 -21.40
C GLY A 213 16.88 -11.13 -22.10
N ILE A 214 17.53 -10.22 -21.37
CA ILE A 214 18.59 -9.39 -21.91
C ILE A 214 19.79 -9.45 -20.98
N ALA A 215 20.95 -9.14 -21.55
CA ALA A 215 22.17 -8.95 -20.79
C ALA A 215 22.88 -7.72 -21.31
N LEU A 216 23.67 -7.08 -20.46
CA LEU A 216 24.36 -5.86 -20.80
C LEU A 216 25.78 -5.92 -20.26
N SER A 217 26.76 -5.61 -21.11
CA SER A 217 28.14 -5.64 -20.67
C SER A 217 28.37 -4.57 -19.60
N PRO A 218 29.28 -4.82 -18.66
CA PRO A 218 29.54 -3.83 -17.60
C PRO A 218 29.89 -2.44 -18.11
N ASN A 219 30.59 -2.33 -19.24
CA ASN A 219 30.88 -1.01 -19.77
C ASN A 219 29.67 -0.37 -20.44
N GLY A 220 28.54 -1.07 -20.51
CA GLY A 220 27.32 -0.54 -21.07
C GLY A 220 27.26 -0.46 -22.58
N GLN A 221 28.27 -0.99 -23.28
CA GLN A 221 28.38 -0.78 -24.72
C GLN A 221 27.68 -1.84 -25.56
N VAL A 222 27.42 -3.03 -25.02
CA VAL A 222 26.88 -4.12 -25.80
C VAL A 222 25.67 -4.70 -25.08
N LEU A 223 24.60 -4.93 -25.82
CA LEU A 223 23.38 -5.55 -25.32
C LEU A 223 23.23 -6.92 -25.97
N TYR A 224 22.89 -7.92 -25.17
CA TYR A 224 22.62 -9.26 -25.65
C TYR A 224 21.18 -9.62 -25.34
N ALA A 225 20.54 -10.39 -26.22
CA ALA A 225 19.13 -10.70 -26.05
C ALA A 225 18.79 -11.95 -26.84
N THR A 226 17.74 -12.65 -26.40
CA THR A 226 17.09 -13.68 -27.19
C THR A 226 15.66 -13.24 -27.49
N TYR A 227 15.20 -13.62 -28.69
CA TYR A 227 13.89 -13.17 -29.18
C TYR A 227 13.11 -14.37 -29.72
N ALA A 228 11.78 -14.29 -29.59
CA ALA A 228 10.91 -15.42 -29.87
C ALA A 228 9.66 -14.95 -30.60
N GLU A 229 9.09 -15.85 -31.39
CA GLU A 229 7.75 -15.64 -31.95
C GLU A 229 6.74 -15.52 -30.82
N ALA A 230 5.63 -14.84 -31.11
CA ALA A 230 4.54 -14.72 -30.15
C ALA A 230 3.66 -15.96 -30.22
N LYS A 231 3.66 -16.76 -29.16
CA LYS A 231 2.83 -17.95 -29.08
C LYS A 231 2.31 -18.08 -27.65
N PRO A 232 1.08 -18.57 -27.48
CA PRO A 232 0.46 -18.54 -26.14
C PRO A 232 1.13 -19.45 -25.12
N ASP A 233 1.84 -20.50 -25.53
CA ASP A 233 2.36 -21.48 -24.58
C ASP A 233 3.79 -21.85 -24.95
N LEU A 234 4.70 -21.70 -23.97
CA LEU A 234 6.10 -22.06 -24.15
C LEU A 234 6.28 -23.53 -24.53
N ARG A 235 5.30 -24.38 -24.22
CA ARG A 235 5.39 -25.79 -24.59
C ARG A 235 5.62 -25.97 -26.08
N TYR A 236 5.10 -25.04 -26.90
CA TYR A 236 5.11 -25.20 -28.35
C TYR A 236 5.87 -24.06 -29.04
N ASN A 237 6.74 -23.37 -28.30
CA ASN A 237 7.55 -22.29 -28.82
C ASN A 237 8.99 -22.68 -28.55
N THR A 238 9.66 -23.27 -29.53
CA THR A 238 10.90 -23.99 -29.30
C THR A 238 12.15 -23.28 -29.80
N ASN A 239 12.03 -22.25 -30.64
CA ASN A 239 13.18 -21.67 -31.33
C ASN A 239 13.33 -20.21 -30.91
N PHE A 240 14.21 -19.96 -29.94
CA PHE A 240 14.60 -18.61 -29.54
C PHE A 240 15.99 -18.34 -30.08
N LEU A 241 16.16 -17.23 -30.79
CA LEU A 241 17.44 -16.88 -31.40
C LEU A 241 18.15 -15.80 -30.58
N VAL A 242 19.47 -15.82 -30.64
CA VAL A 242 20.32 -14.97 -29.79
C VAL A 242 20.95 -13.88 -30.65
N TYR A 243 20.90 -12.65 -30.17
CA TYR A 243 21.40 -11.50 -30.91
C TYR A 243 22.23 -10.60 -30.01
N ALA A 244 23.06 -9.77 -30.64
CA ALA A 244 23.85 -8.77 -29.94
C ALA A 244 23.80 -7.46 -30.72
N THR A 245 23.85 -6.35 -29.99
CA THR A 245 23.93 -5.04 -30.61
C THR A 245 24.76 -4.11 -29.74
N ARG A 246 25.49 -3.20 -30.40
CA ARG A 246 26.00 -2.04 -29.70
C ARG A 246 24.83 -1.19 -29.21
N THR A 247 24.99 -0.60 -28.02
CA THR A 247 23.91 0.23 -27.49
C THR A 247 23.95 1.65 -28.03
N SER A 248 25.08 2.08 -28.60
CA SER A 248 25.15 3.44 -29.14
C SER A 248 24.36 3.59 -30.43
N ASN A 249 24.08 2.49 -31.12
CA ASN A 249 23.26 2.54 -32.34
C ASN A 249 22.66 1.15 -32.54
N ILE A 250 21.36 1.02 -32.35
CA ILE A 250 20.73 -0.29 -32.33
C ILE A 250 20.80 -0.89 -33.72
N ASN A 251 21.53 -2.01 -33.85
CA ASN A 251 21.68 -2.71 -35.12
C ASN A 251 22.02 -4.16 -34.75
N TRP A 252 20.98 -4.99 -34.67
CA TRP A 252 21.13 -6.34 -34.15
C TRP A 252 21.87 -7.23 -35.14
N GLN A 253 22.68 -8.14 -34.62
CA GLN A 253 23.21 -9.24 -35.42
C GLN A 253 23.00 -10.56 -34.70
N GLN A 254 22.59 -11.57 -35.47
CA GLN A 254 22.39 -12.90 -34.92
C GLN A 254 23.74 -13.54 -34.58
N VAL A 255 23.82 -14.16 -33.40
CA VAL A 255 25.08 -14.74 -32.94
C VAL A 255 24.83 -16.13 -32.37
N THR A 256 24.21 -17.00 -33.16
CA THR A 256 23.91 -18.36 -32.72
C THR A 256 24.90 -19.38 -33.26
N GLY A 257 25.86 -18.97 -34.08
CA GLY A 257 26.85 -19.88 -34.63
C GLY A 257 27.63 -20.62 -33.56
N GLY A 258 27.42 -21.94 -33.48
CA GLY A 258 28.00 -22.77 -32.45
C GLY A 258 27.00 -23.31 -31.45
N LEU A 259 25.80 -22.75 -31.40
CA LEU A 259 24.74 -23.24 -30.53
C LEU A 259 23.93 -24.31 -31.25
N GLU A 260 23.33 -25.20 -30.46
CA GLU A 260 22.34 -26.11 -31.01
C GLU A 260 21.18 -25.30 -31.58
N GLY A 261 20.64 -25.75 -32.70
CA GLY A 261 19.48 -25.11 -33.26
C GLY A 261 18.22 -25.43 -32.49
N ASN A 262 17.23 -24.56 -32.65
CA ASN A 262 15.86 -24.84 -32.20
C ASN A 262 15.79 -25.08 -30.70
N ARG A 263 16.33 -24.13 -29.92
CA ARG A 263 16.32 -24.22 -28.47
C ARG A 263 15.77 -22.93 -27.87
N ARG A 264 15.22 -23.05 -26.66
CA ARG A 264 14.55 -21.92 -25.99
C ARG A 264 15.53 -21.12 -25.12
N TYR A 265 16.61 -20.66 -25.75
CA TYR A 265 17.61 -19.88 -25.04
C TYR A 265 16.99 -18.65 -24.39
N TRP A 266 17.30 -18.43 -23.13
CA TRP A 266 16.71 -17.32 -22.39
C TRP A 266 17.64 -16.88 -21.26
N TYR A 267 17.29 -15.75 -20.66
CA TYR A 267 18.02 -15.19 -19.53
C TYR A 267 19.54 -15.11 -19.72
N PRO A 268 20.02 -14.51 -20.80
CA PRO A 268 21.47 -14.32 -20.93
C PRO A 268 21.99 -13.40 -19.83
N GLU A 269 23.30 -13.48 -19.58
CA GLU A 269 23.90 -12.78 -18.46
C GLU A 269 25.38 -12.61 -18.72
N VAL A 270 25.89 -11.37 -18.59
CA VAL A 270 27.31 -11.10 -18.77
C VAL A 270 28.02 -11.20 -17.42
N ASP A 271 29.19 -11.83 -17.42
CA ASP A 271 30.04 -11.88 -16.24
C ASP A 271 30.34 -10.47 -15.76
N PRO A 272 30.08 -10.13 -14.50
CA PRO A 272 30.48 -8.82 -13.98
C PRO A 272 31.97 -8.58 -14.07
N ARG A 273 32.78 -9.62 -14.29
CA ARG A 273 34.21 -9.46 -14.47
C ARG A 273 34.59 -8.99 -15.87
N SER A 274 33.66 -9.05 -16.83
CA SER A 274 33.95 -8.66 -18.22
C SER A 274 33.84 -7.14 -18.35
N THR A 275 34.83 -6.45 -17.78
CA THR A 275 34.84 -5.00 -17.75
C THR A 275 35.43 -4.36 -19.00
N GLY A 276 35.93 -5.16 -19.94
CA GLY A 276 36.51 -4.62 -21.15
C GLY A 276 35.73 -4.97 -22.41
N ASN A 277 36.45 -5.28 -23.48
CA ASN A 277 35.83 -5.57 -24.78
C ASN A 277 35.63 -7.05 -25.03
N SER A 278 35.99 -7.91 -24.09
CA SER A 278 35.74 -9.35 -24.16
C SER A 278 34.71 -9.71 -23.11
N HIS A 279 33.54 -10.19 -23.55
CA HIS A 279 32.41 -10.44 -22.66
C HIS A 279 32.13 -11.94 -22.56
N LYS A 280 31.97 -12.42 -21.33
CA LYS A 280 31.54 -13.79 -21.07
C LYS A 280 30.04 -13.78 -20.84
N VAL A 281 29.31 -14.55 -21.65
CA VAL A 281 27.84 -14.55 -21.64
C VAL A 281 27.36 -15.95 -21.28
N LEU A 282 26.61 -16.05 -20.19
CA LEU A 282 26.07 -17.31 -19.70
C LEU A 282 24.66 -17.53 -20.26
N LEU A 283 24.40 -18.71 -20.81
CA LEU A 283 23.16 -18.94 -21.56
C LEU A 283 22.65 -20.37 -21.34
N GLY A 284 21.52 -20.48 -20.65
CA GLY A 284 20.76 -21.72 -20.57
C GLY A 284 19.44 -21.60 -21.30
N ALA A 285 18.41 -22.32 -20.85
CA ALA A 285 17.14 -22.31 -21.56
C ALA A 285 16.05 -22.81 -20.63
N VAL A 286 14.81 -22.50 -20.98
CA VAL A 286 13.65 -23.09 -20.33
C VAL A 286 13.33 -24.41 -21.04
N LYS A 287 13.05 -25.44 -20.25
CA LYS A 287 12.65 -26.77 -20.71
C LYS A 287 13.77 -27.57 -21.37
N ASP A 288 14.47 -27.00 -22.34
CA ASP A 288 15.39 -27.77 -23.16
C ASP A 288 16.59 -28.29 -22.35
N ARG A 289 17.00 -29.52 -22.65
CA ARG A 289 18.12 -30.19 -21.98
C ARG A 289 19.31 -30.23 -22.94
N PHE A 290 20.30 -29.36 -22.68
CA PHE A 290 21.54 -29.40 -23.43
C PHE A 290 22.75 -29.04 -22.58
N GLY A 291 22.58 -28.93 -21.26
CA GLY A 291 23.64 -28.41 -20.43
C GLY A 291 23.61 -26.89 -20.40
N LEU A 292 24.78 -26.27 -20.36
CA LEU A 292 24.88 -24.83 -20.15
C LEU A 292 26.01 -24.26 -21.01
N TYR A 293 25.73 -23.16 -21.70
CA TYR A 293 26.69 -22.52 -22.59
C TYR A 293 27.34 -21.32 -21.91
N GLU A 294 28.63 -21.13 -22.18
CA GLU A 294 29.29 -19.87 -21.92
C GLU A 294 29.86 -19.35 -23.24
N GLY A 295 29.48 -18.14 -23.61
CA GLY A 295 29.96 -17.51 -24.83
C GLY A 295 31.02 -16.46 -24.53
N THR A 296 31.95 -16.30 -25.47
CA THR A 296 32.98 -15.29 -25.40
C THR A 296 32.85 -14.40 -26.63
N PHE A 297 32.63 -13.11 -26.41
CA PHE A 297 32.47 -12.14 -27.49
C PHE A 297 33.63 -11.16 -27.43
N ASN A 298 34.39 -11.07 -28.51
CA ASN A 298 35.57 -10.21 -28.58
C ASN A 298 35.26 -9.05 -29.51
N TRP A 299 34.95 -7.90 -28.92
CA TRP A 299 34.73 -6.67 -29.69
C TRP A 299 36.04 -5.90 -29.79
N ASP A 300 36.16 -5.12 -30.86
CA ASP A 300 37.25 -4.15 -30.98
C ASP A 300 36.75 -2.76 -30.59
N ASN A 301 37.67 -1.80 -30.55
CA ASN A 301 37.30 -0.46 -30.13
C ASN A 301 36.57 0.32 -31.22
N ASN A 302 36.35 -0.28 -32.38
CA ASN A 302 35.49 0.30 -33.41
C ASN A 302 34.04 -0.08 -33.24
N GLY A 303 33.71 -0.87 -32.22
CA GLY A 303 32.37 -1.38 -32.09
C GLY A 303 32.03 -2.54 -33.01
N ASN A 304 33.04 -3.18 -33.61
CA ASN A 304 32.83 -4.36 -34.42
C ASN A 304 33.15 -5.62 -33.63
N LEU A 305 32.36 -6.66 -33.83
CA LEU A 305 32.58 -7.94 -33.19
C LEU A 305 33.61 -8.72 -34.00
N THR A 306 34.82 -8.87 -33.45
CA THR A 306 35.87 -9.58 -34.17
C THR A 306 35.54 -11.05 -34.33
N ASN A 307 35.15 -11.70 -33.24
CA ASN A 307 34.71 -13.09 -33.28
C ASN A 307 33.94 -13.37 -32.00
N PHE A 308 33.19 -14.47 -32.03
CA PHE A 308 32.51 -14.98 -30.84
C PHE A 308 32.50 -16.50 -30.93
N TYR A 309 32.42 -17.14 -29.77
CA TYR A 309 32.32 -18.59 -29.75
C TYR A 309 31.60 -19.02 -28.48
N TRP A 310 30.77 -20.06 -28.62
CA TRP A 310 29.99 -20.63 -27.54
C TRP A 310 30.61 -21.95 -27.12
N GLU A 311 30.77 -22.14 -25.82
CA GLU A 311 31.34 -23.36 -25.28
C GLU A 311 30.40 -23.97 -24.26
N LYS A 312 30.15 -25.28 -24.38
CA LYS A 312 29.39 -25.98 -23.36
C LYS A 312 30.28 -26.18 -22.15
N ILE A 313 30.01 -25.43 -21.07
CA ILE A 313 30.72 -25.62 -19.81
C ILE A 313 30.04 -26.65 -18.93
N TRP A 314 28.90 -27.19 -19.36
CA TRP A 314 28.15 -28.23 -18.67
C TRP A 314 27.40 -29.02 -19.72
N ASP A 315 27.43 -30.35 -19.62
CA ASP A 315 26.91 -31.18 -20.69
C ASP A 315 26.34 -32.47 -20.12
N SER A 316 26.08 -33.44 -20.99
CA SER A 316 25.50 -34.71 -20.62
C SER A 316 26.31 -35.38 -19.51
N TYR A 317 25.64 -36.22 -18.74
CA TYR A 317 26.32 -37.04 -17.75
C TYR A 317 27.40 -37.87 -18.39
N ASP A 318 28.64 -37.68 -17.96
CA ASP A 318 29.76 -38.40 -18.54
C ASP A 318 30.73 -38.94 -17.51
N GLY A 319 30.46 -38.80 -16.22
CA GLY A 319 31.37 -39.24 -15.18
C GLY A 319 32.11 -38.12 -14.47
N SER A 320 31.99 -36.88 -14.94
CA SER A 320 32.75 -35.79 -14.36
C SER A 320 32.02 -35.07 -13.23
N TRP A 321 30.74 -35.33 -13.01
CA TRP A 321 30.02 -34.69 -11.92
C TRP A 321 28.97 -35.64 -11.36
N ASP A 322 28.69 -35.49 -10.05
CA ASP A 322 27.71 -36.32 -9.36
C ASP A 322 26.31 -35.87 -9.75
N ILE A 323 25.57 -36.73 -10.45
CA ILE A 323 24.21 -36.39 -10.86
C ILE A 323 23.21 -36.50 -9.71
N GLY A 324 23.63 -37.02 -8.57
CA GLY A 324 22.70 -37.16 -7.47
C GLY A 324 21.69 -38.28 -7.75
N TRP A 325 20.59 -38.24 -7.00
CA TRP A 325 19.54 -39.23 -7.21
C TRP A 325 18.70 -38.93 -8.45
N ASP A 326 18.65 -37.67 -8.88
CA ASP A 326 17.80 -37.26 -9.99
C ASP A 326 18.59 -37.39 -11.29
N TYR A 327 18.47 -38.56 -11.93
CA TYR A 327 19.20 -38.84 -13.16
C TYR A 327 18.55 -38.04 -14.30
N ALA A 328 18.88 -36.74 -14.32
CA ALA A 328 18.29 -35.80 -15.26
C ALA A 328 19.40 -35.27 -16.16
N THR A 329 19.58 -35.95 -17.31
CA THR A 329 20.65 -35.60 -18.22
C THR A 329 20.12 -35.59 -19.65
N PRO A 330 20.55 -34.62 -20.48
CA PRO A 330 21.41 -33.50 -20.12
C PRO A 330 20.72 -32.54 -19.17
N PRO A 331 21.48 -31.72 -18.44
CA PRO A 331 20.86 -30.73 -17.57
C PRO A 331 19.96 -29.80 -18.37
N ASN A 332 18.83 -29.44 -17.77
CA ASN A 332 18.03 -28.31 -18.24
C ASN A 332 18.40 -27.14 -17.35
N ALA A 333 19.31 -26.29 -17.82
CA ALA A 333 19.81 -25.16 -17.04
C ALA A 333 18.80 -24.02 -17.17
N ARG A 334 17.70 -24.15 -16.42
CA ARG A 334 16.61 -23.17 -16.48
C ARG A 334 16.91 -21.90 -15.69
N PHE A 335 18.03 -21.85 -14.98
CA PHE A 335 18.60 -20.61 -14.48
C PHE A 335 20.11 -20.81 -14.40
N ALA A 336 20.85 -19.71 -14.48
CA ALA A 336 22.30 -19.78 -14.38
C ALA A 336 22.84 -18.38 -14.10
N HIS A 337 23.74 -18.29 -13.12
CA HIS A 337 24.30 -17.02 -12.69
C HIS A 337 25.78 -17.16 -12.39
N TYR A 338 26.56 -16.14 -12.77
CA TYR A 338 27.90 -15.99 -12.26
C TYR A 338 27.85 -15.54 -10.80
N THR A 339 28.90 -15.89 -10.05
CA THR A 339 29.02 -15.37 -8.69
C THR A 339 29.37 -13.88 -8.74
N PRO A 340 29.02 -13.13 -7.69
CA PRO A 340 29.38 -11.72 -7.64
C PRO A 340 30.89 -11.52 -7.55
N VAL A 341 31.31 -10.29 -7.83
CA VAL A 341 32.71 -9.92 -7.66
C VAL A 341 32.99 -9.35 -6.28
N THR A 342 31.96 -9.12 -5.48
CA THR A 342 32.07 -8.54 -4.15
C THR A 342 32.04 -9.65 -3.10
N GLY A 343 32.16 -9.25 -1.83
CA GLY A 343 31.94 -10.13 -0.70
C GLY A 343 32.97 -11.22 -0.50
N GLY A 344 34.06 -11.22 -1.27
CA GLY A 344 35.03 -12.31 -1.18
C GLY A 344 34.68 -13.53 -2.01
N TRP A 345 33.66 -13.45 -2.87
CA TRP A 345 33.28 -14.58 -3.68
C TRP A 345 34.40 -14.95 -4.66
N ALA A 346 34.61 -16.25 -4.83
CA ALA A 346 35.41 -16.73 -5.94
C ALA A 346 34.55 -16.76 -7.20
N ARG A 347 35.19 -16.97 -8.34
CA ARG A 347 34.45 -17.05 -9.59
C ARG A 347 33.83 -18.43 -9.74
N GLY A 348 32.51 -18.46 -9.94
CA GLY A 348 31.80 -19.72 -10.06
C GLY A 348 30.47 -19.52 -10.75
N VAL A 349 29.72 -20.62 -10.87
CA VAL A 349 28.44 -20.63 -11.57
C VAL A 349 27.43 -21.44 -10.76
N TRP A 350 26.26 -20.87 -10.54
CA TRP A 350 25.13 -21.55 -9.91
C TRP A 350 24.10 -21.90 -10.98
N SER A 351 23.63 -23.14 -10.97
CA SER A 351 22.69 -23.59 -11.98
C SER A 351 21.93 -24.81 -11.47
N THR A 352 21.35 -25.58 -12.39
CA THR A 352 20.44 -26.67 -12.04
C THR A 352 20.33 -27.64 -13.21
N THR A 353 19.93 -28.87 -12.91
CA THR A 353 19.52 -29.81 -13.96
C THR A 353 18.03 -29.74 -14.23
N ASN A 354 17.28 -28.97 -13.41
CA ASN A 354 15.87 -28.59 -13.53
C ASN A 354 15.25 -28.58 -12.14
N GLN A 355 15.38 -29.71 -11.42
CA GLN A 355 14.81 -29.88 -10.10
C GLN A 355 15.87 -29.80 -8.99
N THR A 356 17.07 -29.35 -9.30
CA THR A 356 18.23 -29.55 -8.45
C THR A 356 18.98 -28.23 -8.25
N MET A 357 20.08 -28.29 -7.51
CA MET A 357 20.96 -27.16 -7.30
C MET A 357 22.40 -27.60 -7.55
N TYR A 358 23.11 -26.86 -8.40
CA TYR A 358 24.48 -27.20 -8.75
C TYR A 358 25.35 -25.95 -8.75
N TYR A 359 26.57 -26.10 -8.25
CA TYR A 359 27.56 -25.03 -8.24
C TYR A 359 28.82 -25.53 -8.94
N ALA A 360 29.37 -24.70 -9.82
CA ALA A 360 30.62 -24.99 -10.49
C ALA A 360 31.69 -24.02 -9.97
N SER A 361 32.82 -24.56 -9.55
CA SER A 361 34.01 -23.77 -9.32
C SER A 361 34.78 -23.64 -10.62
N HIS A 362 35.60 -22.61 -10.72
CA HIS A 362 36.27 -22.27 -11.96
C HIS A 362 37.78 -22.24 -11.79
N ASN A 363 38.48 -22.82 -12.76
CA ASN A 363 39.94 -22.84 -12.82
C ASN A 363 40.37 -21.90 -13.93
N SER A 364 40.85 -20.71 -13.57
CA SER A 364 41.24 -19.73 -14.57
C SER A 364 42.54 -20.09 -15.27
N GLY A 365 43.28 -21.09 -14.78
CA GLY A 365 44.48 -21.50 -15.49
C GLY A 365 44.17 -22.21 -16.79
N ASN A 366 43.21 -23.13 -16.77
CA ASN A 366 42.82 -23.88 -17.96
C ASN A 366 41.37 -23.65 -18.36
N ASN A 367 40.70 -22.64 -17.77
CA ASN A 367 39.31 -22.30 -18.08
C ASN A 367 38.40 -23.52 -17.98
N SER A 368 38.53 -24.25 -16.87
CA SER A 368 37.76 -25.44 -16.63
C SER A 368 36.75 -25.20 -15.51
N TYR A 369 35.65 -25.96 -15.56
CA TYR A 369 34.60 -25.88 -14.55
C TYR A 369 34.44 -27.24 -13.87
N SER A 370 34.22 -27.20 -12.56
CA SER A 370 34.07 -28.41 -11.75
C SER A 370 32.71 -28.35 -11.06
N TRP A 371 31.79 -29.20 -11.49
CA TRP A 371 30.40 -29.14 -11.05
C TRP A 371 30.18 -29.94 -9.79
N GLN A 372 29.44 -29.36 -8.84
CA GLN A 372 29.26 -29.93 -7.51
C GLN A 372 27.77 -30.05 -7.21
N ASN A 373 27.38 -31.25 -6.75
CA ASN A 373 26.01 -31.52 -6.31
C ASN A 373 25.72 -30.75 -5.03
N LYS A 374 24.77 -29.83 -5.09
CA LYS A 374 24.38 -29.02 -3.93
C LYS A 374 22.93 -29.27 -3.53
N TYR A 375 22.42 -30.48 -3.75
CA TYR A 375 21.05 -30.81 -3.36
C TYR A 375 20.91 -32.15 -2.66
N SER A 376 21.83 -33.10 -2.85
CA SER A 376 21.75 -34.40 -2.24
C SER A 376 23.15 -34.88 -1.88
N THR A 377 23.21 -35.87 -0.98
CA THR A 377 24.48 -36.36 -0.45
C THR A 377 24.54 -37.87 -0.62
N PRO A 378 25.53 -38.42 -1.32
CA PRO A 378 25.60 -39.87 -1.50
C PRO A 378 26.01 -40.57 -0.22
N THR A 379 25.43 -41.75 0.01
CA THR A 379 25.80 -42.62 1.12
C THR A 379 26.65 -43.77 0.60
N SER A 380 27.01 -44.68 1.51
CA SER A 380 27.81 -45.83 1.15
C SER A 380 26.98 -47.00 0.61
N GLN A 381 25.65 -46.89 0.60
CA GLN A 381 24.81 -47.91 -0.01
C GLN A 381 24.75 -47.69 -1.51
N THR A 382 24.70 -48.79 -2.27
CA THR A 382 24.63 -48.70 -3.73
C THR A 382 23.45 -49.49 -4.25
N VAL A 383 22.92 -49.01 -5.37
CA VAL A 383 21.86 -49.67 -6.14
CA VAL A 383 21.87 -49.70 -6.12
C VAL A 383 22.41 -49.98 -7.52
N ASN A 384 21.88 -51.02 -8.11
CA ASN A 384 22.27 -51.43 -9.39
C ASN A 384 21.26 -51.10 -10.44
N TRP A 385 21.64 -50.34 -11.44
CA TRP A 385 20.75 -50.03 -12.54
C TRP A 385 21.59 -49.69 -13.76
N TYR A 386 21.12 -50.11 -14.94
CA TYR A 386 21.86 -49.98 -16.19
C TYR A 386 23.19 -50.74 -16.16
N GLY A 387 23.31 -51.76 -15.31
CA GLY A 387 24.60 -52.40 -15.12
C GLY A 387 25.65 -51.55 -14.42
N THR A 388 25.23 -50.47 -13.77
CA THR A 388 26.13 -49.58 -13.05
C THR A 388 25.61 -49.41 -11.62
N GLU A 389 26.55 -49.16 -10.70
CA GLU A 389 26.24 -48.99 -9.29
C GLU A 389 26.04 -47.51 -8.98
N TRP A 390 24.91 -47.17 -8.38
CA TRP A 390 24.58 -45.80 -8.01
C TRP A 390 24.34 -45.72 -6.51
N PRO A 391 24.82 -44.66 -5.86
CA PRO A 391 24.59 -44.52 -4.42
C PRO A 391 23.13 -44.19 -4.13
N THR A 392 22.74 -44.42 -2.88
CA THR A 392 21.53 -43.79 -2.37
C THR A 392 21.88 -42.40 -1.86
N TYR A 393 20.89 -41.52 -1.83
CA TYR A 393 21.14 -40.11 -1.53
C TYR A 393 20.21 -39.62 -0.43
N LYS A 394 20.77 -38.88 0.52
CA LYS A 394 20.01 -38.20 1.55
C LYS A 394 20.01 -36.70 1.27
N GLY A 395 18.93 -36.03 1.67
CA GLY A 395 18.75 -34.65 1.33
C GLY A 395 19.74 -33.73 2.03
N LYS A 396 19.95 -32.56 1.41
CA LYS A 396 20.78 -31.52 1.98
C LYS A 396 19.98 -30.46 2.71
N GLY A 397 18.68 -30.67 2.91
CA GLY A 397 17.89 -29.74 3.69
C GLY A 397 16.62 -29.24 3.04
N THR A 398 16.50 -29.43 1.72
CA THR A 398 15.29 -29.03 1.00
C THR A 398 14.52 -30.27 0.58
N GLU A 399 13.23 -30.08 0.34
CA GLU A 399 12.39 -31.15 -0.21
C GLU A 399 11.20 -30.50 -0.89
N SER A 400 11.03 -30.77 -2.19
CA SER A 400 10.04 -30.05 -2.99
C SER A 400 9.28 -30.99 -3.90
N THR A 401 9.12 -32.24 -3.51
CA THR A 401 8.43 -33.22 -4.33
C THR A 401 6.95 -33.24 -4.02
N TYR A 402 6.14 -33.43 -5.06
CA TYR A 402 4.73 -33.76 -4.87
C TYR A 402 4.64 -35.26 -4.60
N THR A 403 4.37 -35.62 -3.35
CA THR A 403 4.35 -37.02 -2.94
C THR A 403 2.91 -37.43 -2.67
N TYR A 404 2.45 -38.48 -3.37
CA TYR A 404 1.07 -38.93 -3.27
C TYR A 404 0.83 -39.80 -2.04
N ASP A 405 1.71 -40.76 -1.78
CA ASP A 405 1.42 -41.84 -0.84
C ASP A 405 2.75 -42.40 -0.32
N VAL A 406 2.66 -43.17 0.77
CA VAL A 406 3.83 -43.74 1.42
C VAL A 406 3.49 -45.12 1.95
N ALA A 407 4.47 -46.01 1.92
CA ALA A 407 4.37 -47.32 2.56
C ALA A 407 5.69 -47.64 3.24
N VAL A 408 5.61 -48.45 4.30
CA VAL A 408 6.76 -48.80 5.12
C VAL A 408 6.68 -50.28 5.45
N HIS A 409 7.82 -50.96 5.38
CA HIS A 409 7.93 -52.31 5.93
C HIS A 409 9.35 -52.53 6.41
N GLU A 410 9.51 -52.77 7.72
CA GLU A 410 10.82 -52.91 8.34
C GLU A 410 11.69 -51.74 7.90
N ASN A 411 12.85 -51.98 7.29
CA ASN A 411 13.71 -50.87 6.90
C ASN A 411 13.31 -50.25 5.57
N TYR A 412 12.32 -50.80 4.86
CA TYR A 412 11.97 -50.34 3.53
C TYR A 412 10.90 -49.25 3.60
N VAL A 413 11.12 -48.16 2.87
CA VAL A 413 10.11 -47.11 2.68
C VAL A 413 10.04 -46.78 1.20
N ILE A 414 8.83 -46.58 0.70
CA ILE A 414 8.60 -46.05 -0.63
C ILE A 414 7.64 -44.87 -0.51
N GLN A 415 7.98 -43.75 -1.13
CA GLN A 415 7.01 -42.69 -1.38
C GLN A 415 6.73 -42.64 -2.86
N GLY A 416 5.44 -42.67 -3.23
CA GLY A 416 5.04 -42.51 -4.60
C GLY A 416 4.91 -41.05 -4.94
N GLN A 417 5.68 -40.59 -5.91
CA GLN A 417 5.73 -39.18 -6.25
C GLN A 417 5.22 -38.96 -7.67
N ALA A 418 4.81 -37.73 -7.93
CA ALA A 418 4.69 -37.26 -9.29
C ALA A 418 6.06 -36.84 -9.79
N ASP A 419 6.25 -36.90 -11.12
CA ASP A 419 7.51 -36.58 -11.77
C ASP A 419 8.62 -37.60 -11.50
N ASN A 420 8.81 -37.98 -10.23
CA ASN A 420 9.95 -38.80 -9.85
C ASN A 420 9.59 -40.24 -9.53
N GLY A 421 8.31 -40.58 -9.49
CA GLY A 421 7.91 -41.99 -9.52
C GLY A 421 8.25 -42.75 -8.26
N LEU A 422 8.87 -43.91 -8.44
CA LEU A 422 9.13 -44.86 -7.36
C LEU A 422 10.36 -44.39 -6.58
N MET A 423 10.12 -43.67 -5.48
CA MET A 423 11.19 -43.17 -4.62
C MET A 423 11.33 -44.13 -3.43
N GLU A 424 12.46 -44.85 -3.37
CA GLU A 424 12.60 -45.98 -2.48
C GLU A 424 13.78 -45.80 -1.55
N SER A 425 13.62 -46.27 -0.31
CA SER A 425 14.65 -46.21 0.71
C SER A 425 14.78 -47.55 1.41
N TRP A 426 16.01 -47.86 1.82
CA TRP A 426 16.30 -49.10 2.53
C TRP A 426 16.96 -48.85 3.88
N ASP A 427 16.96 -47.62 4.37
CA ASP A 427 17.47 -47.27 5.69
C ASP A 427 16.44 -46.45 6.47
N GLY A 428 15.17 -46.81 6.32
CA GLY A 428 14.12 -46.14 7.06
C GLY A 428 13.75 -44.76 6.57
N GLY A 429 14.15 -44.38 5.36
CA GLY A 429 13.81 -43.10 4.82
C GLY A 429 14.88 -42.03 4.92
N VAL A 430 16.11 -42.39 5.30
CA VAL A 430 17.19 -41.43 5.34
C VAL A 430 17.71 -41.13 3.94
N SER A 431 18.07 -42.19 3.20
CA SER A 431 18.61 -42.06 1.86
C SER A 431 17.72 -42.81 0.87
N TRP A 432 17.75 -42.37 -0.38
CA TRP A 432 16.79 -42.84 -1.37
C TRP A 432 17.45 -43.07 -2.71
N SER A 433 16.72 -43.79 -3.56
CA SER A 433 17.04 -43.88 -4.99
C SER A 433 15.74 -44.16 -5.72
N ASN A 434 15.59 -43.55 -6.90
CA ASN A 434 14.45 -43.81 -7.77
C ASN A 434 14.88 -44.34 -9.13
N MET A 435 16.12 -44.85 -9.24
CA MET A 435 16.63 -45.30 -10.53
C MET A 435 15.78 -46.41 -11.12
N GLN A 436 15.17 -47.25 -10.28
CA GLN A 436 14.43 -48.40 -10.78
C GLN A 436 13.15 -48.02 -11.52
N HIS A 437 12.75 -46.75 -11.48
CA HIS A 437 11.56 -46.34 -12.23
C HIS A 437 11.84 -46.09 -13.70
N ARG A 438 13.11 -46.06 -14.11
CA ARG A 438 13.48 -45.84 -15.51
C ARG A 438 13.63 -47.21 -16.18
N ARG A 439 12.58 -47.64 -16.87
CA ARG A 439 12.48 -49.02 -17.33
C ARG A 439 13.02 -49.15 -18.76
N GLY A 440 13.42 -50.38 -19.09
CA GLY A 440 13.87 -50.66 -20.43
C GLY A 440 12.76 -50.52 -21.45
N GLY A 441 13.13 -50.04 -22.64
CA GLY A 441 12.16 -49.73 -23.67
C GLY A 441 11.78 -48.26 -23.73
N GLY A 442 12.36 -47.42 -22.87
CA GLY A 442 12.19 -46.00 -22.99
C GLY A 442 11.00 -45.40 -22.29
N PHE A 443 10.41 -46.08 -21.32
CA PHE A 443 9.34 -45.49 -20.52
C PHE A 443 9.76 -45.44 -19.05
N ASN A 444 9.30 -44.40 -18.36
CA ASN A 444 9.63 -44.16 -16.97
C ASN A 444 8.35 -44.20 -16.14
N LEU A 445 8.38 -44.92 -15.02
CA LEU A 445 7.27 -44.95 -14.08
C LEU A 445 7.36 -43.73 -13.17
N SER A 446 7.06 -42.58 -13.76
CA SER A 446 7.28 -41.29 -13.12
C SER A 446 6.12 -40.81 -12.27
N ASP A 447 4.98 -41.52 -12.28
CA ASP A 447 3.81 -41.13 -11.50
C ASP A 447 3.33 -42.34 -10.70
N VAL A 448 3.36 -42.23 -9.38
CA VAL A 448 3.03 -43.34 -8.48
C VAL A 448 2.05 -42.82 -7.44
N GLN A 449 0.75 -42.99 -7.71
CA GLN A 449 -0.30 -42.37 -6.90
C GLN A 449 -0.72 -43.20 -5.70
N ALA A 450 -0.35 -44.47 -5.62
CA ALA A 450 -0.73 -45.30 -4.48
C ALA A 450 0.29 -46.41 -4.29
N VAL A 451 0.59 -46.70 -3.02
CA VAL A 451 1.49 -47.78 -2.65
C VAL A 451 0.92 -48.49 -1.42
N ASP A 452 1.27 -49.77 -1.27
CA ASP A 452 0.80 -50.56 -0.14
C ASP A 452 1.70 -51.78 0.00
N ILE A 453 1.49 -52.54 1.07
CA ILE A 453 2.26 -53.74 1.36
C ILE A 453 1.30 -54.92 1.40
N ALA A 454 1.53 -55.90 0.53
CA ALA A 454 0.72 -57.11 0.44
C ALA A 454 1.52 -58.31 0.93
N ASP A 455 0.99 -59.51 0.70
CA ASP A 455 1.57 -60.74 1.23
C ASP A 455 1.56 -61.81 0.13
N ALA A 456 2.74 -62.13 -0.40
CA ALA A 456 2.87 -63.14 -1.46
C ALA A 456 3.47 -64.41 -0.84
N TRP A 457 2.60 -65.33 -0.45
CA TRP A 457 2.98 -66.61 0.16
C TRP A 457 3.92 -66.39 1.35
N GLY A 458 3.58 -65.43 2.20
CA GLY A 458 4.39 -65.11 3.35
C GLY A 458 5.46 -64.07 3.14
N VAL A 459 5.74 -63.68 1.89
CA VAL A 459 6.76 -62.69 1.59
C VAL A 459 6.08 -61.33 1.47
N PRO A 460 6.44 -60.35 2.29
CA PRO A 460 5.87 -59.00 2.14
C PRO A 460 6.21 -58.44 0.77
N THR A 461 5.19 -57.88 0.10
CA THR A 461 5.29 -57.50 -1.29
C THR A 461 4.69 -56.12 -1.48
N VAL A 462 5.51 -55.16 -1.90
CA VAL A 462 5.02 -53.82 -2.21
C VAL A 462 4.13 -53.90 -3.45
N VAL A 463 3.00 -53.20 -3.40
CA VAL A 463 2.14 -53.03 -4.56
C VAL A 463 2.03 -51.53 -4.83
N ALA A 464 1.91 -51.18 -6.11
CA ALA A 464 1.91 -49.77 -6.47
C ALA A 464 1.13 -49.55 -7.75
N GLN A 465 0.35 -48.46 -7.77
CA GLN A 465 -0.09 -47.86 -9.02
C GLN A 465 1.08 -47.02 -9.53
N ALA A 466 1.71 -47.47 -10.61
CA ALA A 466 2.92 -46.84 -11.12
C ALA A 466 2.82 -46.75 -12.63
N THR A 467 2.85 -45.53 -13.15
CA THR A 467 2.66 -45.31 -14.57
C THR A 467 3.50 -44.13 -15.04
N SER A 468 3.53 -43.93 -16.34
CA SER A 468 4.28 -42.84 -16.94
C SER A 468 3.43 -41.55 -16.93
N GLY A 469 4.08 -40.45 -17.27
CA GLY A 469 3.43 -39.15 -17.25
C GLY A 469 4.04 -38.21 -16.23
N TYR A 470 4.22 -36.95 -16.64
CA TYR A 470 4.84 -35.94 -15.80
C TYR A 470 3.80 -34.90 -15.38
N GLY A 471 4.18 -34.09 -14.39
CA GLY A 471 3.29 -33.06 -13.89
C GLY A 471 1.97 -33.58 -13.37
N GLY A 472 1.92 -34.84 -12.93
CA GLY A 472 0.68 -35.44 -12.48
C GLY A 472 -0.20 -35.98 -13.57
N GLY A 473 0.20 -35.86 -14.84
CA GLY A 473 -0.59 -36.39 -15.94
C GLY A 473 -0.43 -37.89 -16.12
N ALA A 474 -0.90 -38.67 -15.17
CA ALA A 474 -0.75 -40.12 -15.21
C ALA A 474 -1.42 -40.71 -16.43
N HIS A 475 -0.72 -41.58 -17.13
CA HIS A 475 -1.20 -42.09 -18.42
C HIS A 475 -2.26 -43.17 -18.26
N ASN A 476 -2.08 -44.10 -17.32
CA ASN A 476 -3.04 -45.20 -17.20
C ASN A 476 -2.90 -45.84 -15.82
N GLY A 477 -3.86 -46.72 -15.52
CA GLY A 477 -3.75 -47.59 -14.36
C GLY A 477 -2.82 -48.76 -14.67
N ARG A 478 -1.93 -49.05 -13.73
CA ARG A 478 -0.86 -50.00 -13.98
C ARG A 478 -0.37 -50.51 -12.63
N LEU A 479 -0.57 -51.81 -12.38
CA LEU A 479 -0.25 -52.40 -11.08
C LEU A 479 1.09 -53.10 -11.14
N TRP A 480 2.01 -52.69 -10.27
CA TRP A 480 3.33 -53.30 -10.14
C TRP A 480 3.47 -53.89 -8.74
N ALA A 481 4.37 -54.87 -8.62
CA ALA A 481 4.62 -55.51 -7.33
C ALA A 481 6.11 -55.75 -7.16
N LYS A 482 6.60 -55.56 -5.94
CA LYS A 482 8.00 -55.84 -5.60
C LYS A 482 8.01 -56.75 -4.37
N ARG A 483 8.47 -57.98 -4.56
CA ARG A 483 8.65 -58.89 -3.44
C ARG A 483 9.88 -58.47 -2.63
N LEU A 484 9.67 -58.15 -1.36
CA LEU A 484 10.76 -57.73 -0.48
C LEU A 484 11.46 -58.97 0.07
N ASN A 485 12.16 -59.67 -0.85
CA ASN A 485 12.90 -60.86 -0.46
C ASN A 485 14.06 -60.51 0.45
N THR A 486 14.74 -59.40 0.18
CA THR A 486 15.93 -59.01 0.94
C THR A 486 15.79 -57.68 1.66
N HIS A 487 14.71 -56.93 1.45
CA HIS A 487 14.59 -55.56 1.92
C HIS A 487 15.85 -54.76 1.55
N SER A 488 16.30 -54.96 0.31
CA SER A 488 17.54 -54.38 -0.22
C SER A 488 17.29 -53.90 -1.64
N PRO A 489 18.21 -53.10 -2.22
CA PRO A 489 18.06 -52.71 -3.63
C PRO A 489 18.05 -53.88 -4.61
N ALA A 490 18.38 -55.08 -4.17
CA ALA A 490 18.34 -56.23 -5.09
C ALA A 490 16.91 -56.62 -5.46
N ASP A 491 15.93 -56.31 -4.60
CA ASP A 491 14.54 -56.58 -4.94
C ASP A 491 14.12 -55.78 -6.17
N GLN A 492 13.22 -56.37 -6.97
CA GLN A 492 12.86 -55.82 -8.28
C GLN A 492 11.36 -55.67 -8.42
N TRP A 493 10.97 -54.76 -9.32
CA TRP A 493 9.57 -54.53 -9.66
C TRP A 493 9.16 -55.41 -10.83
N VAL A 494 7.94 -55.95 -10.77
CA VAL A 494 7.34 -56.65 -11.90
C VAL A 494 5.92 -56.13 -12.11
N GLU A 495 5.50 -56.11 -13.37
CA GLU A 495 4.19 -55.60 -13.75
C GLU A 495 3.17 -56.74 -13.71
N LEU A 496 2.01 -56.47 -13.11
CA LEU A 496 0.97 -57.47 -12.94
C LEU A 496 -0.28 -57.21 -13.77
N ALA A 497 -0.69 -55.95 -13.94
CA ALA A 497 -1.98 -55.67 -14.56
C ALA A 497 -2.02 -54.24 -15.07
N GLY A 498 -2.94 -53.99 -16.01
CA GLY A 498 -3.18 -52.67 -16.53
C GLY A 498 -2.21 -52.25 -17.61
N GLY A 499 -1.80 -50.98 -17.58
CA GLY A 499 -0.86 -50.45 -18.53
C GLY A 499 -1.48 -50.21 -19.88
N PRO A 500 -0.67 -49.76 -20.85
CA PRO A 500 -1.21 -49.54 -22.20
C PRO A 500 -1.70 -50.80 -22.88
N ASN A 501 -1.26 -51.97 -22.42
CA ASN A 501 -1.59 -53.23 -23.07
C ASN A 501 -2.76 -53.96 -22.42
N ALA A 502 -3.40 -53.36 -21.40
CA ALA A 502 -4.57 -53.93 -20.73
C ALA A 502 -4.26 -55.30 -20.14
N LYS A 503 -3.11 -55.39 -19.46
CA LYS A 503 -2.66 -56.66 -18.90
C LYS A 503 -3.60 -57.15 -17.81
N ALA A 504 -3.85 -58.46 -17.81
CA ALA A 504 -4.70 -59.15 -16.83
C ALA A 504 -6.14 -58.71 -16.89
N GLY A 505 -6.55 -58.06 -17.98
CA GLY A 505 -7.90 -57.57 -18.09
C GLY A 505 -8.20 -56.32 -17.28
N LEU A 506 -7.19 -55.67 -16.72
CA LEU A 506 -7.41 -54.44 -15.99
C LEU A 506 -7.46 -53.27 -16.97
N PRO A 507 -8.53 -52.47 -16.97
CA PRO A 507 -8.63 -51.37 -17.93
C PRO A 507 -7.65 -50.25 -17.66
N LYS A 508 -7.61 -49.24 -18.53
CA LYS A 508 -6.56 -48.23 -18.54
C LYS A 508 -6.84 -47.06 -17.59
N GLY A 509 -7.99 -47.04 -16.93
CA GLY A 509 -8.27 -45.96 -16.00
C GLY A 509 -7.30 -45.97 -14.83
N VAL A 510 -6.86 -44.77 -14.43
CA VAL A 510 -5.87 -44.65 -13.37
C VAL A 510 -6.42 -45.24 -12.08
N LEU A 511 -5.60 -46.04 -11.40
CA LEU A 511 -5.94 -46.57 -10.08
C LEU A 511 -5.58 -45.51 -9.05
N ARG A 512 -6.53 -44.61 -8.77
CA ARG A 512 -6.25 -43.54 -7.82
C ARG A 512 -5.92 -44.06 -6.42
N ASP A 513 -6.30 -45.29 -6.10
CA ASP A 513 -5.83 -45.90 -4.87
C ASP A 513 -5.77 -47.41 -5.04
N VAL A 514 -4.83 -48.01 -4.33
CA VAL A 514 -4.63 -49.45 -4.25
C VAL A 514 -4.57 -49.80 -2.78
N ALA A 515 -5.38 -50.77 -2.36
CA ALA A 515 -5.54 -51.06 -0.94
C ALA A 515 -5.51 -52.55 -0.69
N VAL A 516 -4.68 -52.96 0.26
CA VAL A 516 -4.57 -54.35 0.68
C VAL A 516 -5.54 -54.59 1.82
N SER A 517 -6.22 -55.73 1.79
CA SER A 517 -7.13 -56.09 2.88
C SER A 517 -6.33 -56.39 4.14
N PRO A 518 -6.61 -55.72 5.26
CA PRO A 518 -5.92 -56.06 6.51
C PRO A 518 -6.29 -57.43 7.04
N ALA A 519 -7.48 -57.94 6.72
CA ALA A 519 -7.89 -59.25 7.19
C ALA A 519 -7.22 -60.36 6.38
N ASN A 520 -7.02 -60.14 5.08
CA ASN A 520 -6.33 -61.08 4.21
C ASN A 520 -5.35 -60.29 3.36
N PRO A 521 -4.12 -60.13 3.83
CA PRO A 521 -3.18 -59.24 3.13
C PRO A 521 -2.66 -59.79 1.80
N ALA A 522 -3.18 -60.94 1.37
CA ALA A 522 -2.94 -61.40 0.02
C ALA A 522 -3.90 -60.81 -1.00
N LYS A 523 -4.98 -60.19 -0.53
CA LYS A 523 -6.05 -59.68 -1.37
C LYS A 523 -5.91 -58.17 -1.52
N VAL A 524 -5.99 -57.68 -2.76
CA VAL A 524 -5.71 -56.28 -3.07
C VAL A 524 -6.85 -55.71 -3.89
N PHE A 525 -7.36 -54.54 -3.48
CA PHE A 525 -8.42 -53.82 -4.17
C PHE A 525 -7.84 -52.61 -4.89
N MET A 526 -8.46 -52.27 -6.02
CA MET A 526 -8.08 -51.10 -6.79
C MET A 526 -9.29 -50.62 -7.59
N PHE A 527 -9.37 -49.32 -7.81
CA PHE A 527 -10.49 -48.73 -8.52
C PHE A 527 -9.96 -48.03 -9.78
N SER A 528 -10.29 -48.57 -10.94
CA SER A 528 -9.91 -47.98 -12.21
C SER A 528 -10.86 -46.84 -12.54
N SER A 529 -10.33 -45.62 -12.65
CA SER A 529 -11.15 -44.45 -12.90
C SER A 529 -11.99 -44.63 -14.15
N ASN A 530 -13.30 -44.44 -13.98
CA ASN A 530 -14.33 -44.49 -15.04
C ASN A 530 -14.59 -45.90 -15.54
N TYR A 531 -14.08 -46.93 -14.87
CA TYR A 531 -14.40 -48.31 -15.23
C TYR A 531 -15.05 -49.07 -14.09
N GLY A 532 -14.44 -49.07 -12.91
CA GLY A 532 -15.02 -49.74 -11.76
C GLY A 532 -13.95 -50.24 -10.81
N MET A 533 -14.38 -51.11 -9.91
CA MET A 533 -13.54 -51.61 -8.83
C MET A 533 -13.10 -53.04 -9.14
N TYR A 534 -11.80 -53.30 -9.02
CA TYR A 534 -11.23 -54.60 -9.35
C TYR A 534 -10.47 -55.14 -8.14
N MET A 535 -10.15 -56.43 -8.22
CA MET A 535 -9.58 -57.13 -7.07
C MET A 535 -8.62 -58.20 -7.54
N VAL A 536 -7.45 -58.25 -6.91
CA VAL A 536 -6.54 -59.39 -7.01
C VAL A 536 -6.82 -60.26 -5.80
N GLU A 537 -7.43 -61.43 -6.05
CA GLU A 537 -7.85 -62.31 -4.97
C GLU A 537 -6.67 -62.75 -4.12
N ASP A 538 -5.59 -63.18 -4.77
CA ASP A 538 -4.41 -63.67 -4.07
C ASP A 538 -3.19 -63.25 -4.91
N ILE A 539 -2.39 -62.33 -4.38
CA ILE A 539 -1.27 -61.82 -5.17
C ILE A 539 -0.19 -62.87 -5.34
N GLY A 540 -0.08 -63.82 -4.41
CA GLY A 540 0.85 -64.92 -4.59
C GLY A 540 0.55 -65.73 -5.84
N ARG A 541 -0.74 -65.98 -6.09
CA ARG A 541 -1.13 -66.70 -7.30
C ARG A 541 -0.86 -65.88 -8.55
N ALA A 542 -1.09 -64.57 -8.48
CA ALA A 542 -0.81 -63.70 -9.61
C ALA A 542 0.67 -63.73 -9.97
N LEU A 543 1.54 -63.77 -8.96
CA LEU A 543 2.98 -63.82 -9.23
C LEU A 543 3.41 -65.20 -9.70
N ASP A 544 2.71 -66.26 -9.33
CA ASP A 544 3.05 -67.55 -9.85
C ASP A 544 2.85 -67.58 -11.37
N TYR A 545 1.72 -67.08 -11.84
CA TYR A 545 1.53 -66.99 -13.29
C TYR A 545 2.59 -66.09 -13.93
N HIS A 546 2.87 -64.95 -13.29
CA HIS A 546 3.84 -64.02 -13.88
C HIS A 546 5.21 -64.67 -14.04
N ASP A 547 5.61 -65.50 -13.07
CA ASP A 547 6.94 -66.10 -13.13
C ASP A 547 7.06 -67.15 -14.22
N ARG A 548 5.95 -67.65 -14.74
CA ARG A 548 5.94 -68.58 -15.86
C ARG A 548 5.83 -67.85 -17.20
N GLY A 549 5.85 -66.53 -17.19
CA GLY A 549 5.62 -65.79 -18.42
C GLY A 549 4.17 -65.75 -18.84
N GLU A 550 3.25 -65.92 -17.89
CA GLU A 550 1.82 -65.86 -18.14
C GLU A 550 1.18 -64.79 -17.28
N THR A 551 -0.14 -64.68 -17.36
CA THR A 551 -0.88 -63.64 -16.65
C THR A 551 -2.18 -64.22 -16.10
N LEU A 552 -2.43 -63.97 -14.82
CA LEU A 552 -3.71 -64.32 -14.20
C LEU A 552 -4.63 -63.11 -14.25
N PRO A 553 -5.87 -63.27 -14.71
CA PRO A 553 -6.78 -62.12 -14.80
C PRO A 553 -7.16 -61.60 -13.42
N VAL A 554 -7.40 -60.28 -13.36
CA VAL A 554 -8.00 -59.68 -12.18
C VAL A 554 -9.49 -59.97 -12.17
N THR A 555 -10.12 -59.75 -11.01
CA THR A 555 -11.55 -59.93 -10.84
C THR A 555 -12.21 -58.56 -10.75
N GLN A 556 -13.20 -58.32 -11.61
CA GLN A 556 -14.03 -57.12 -11.47
C GLN A 556 -15.13 -57.40 -10.46
N ILE A 557 -15.22 -56.56 -9.44
CA ILE A 557 -16.24 -56.71 -8.41
C ILE A 557 -17.26 -55.57 -8.41
N TYR A 558 -16.98 -54.47 -9.08
CA TYR A 558 -17.95 -53.38 -9.21
C TYR A 558 -17.77 -52.71 -10.57
N GLU A 559 -18.88 -52.50 -11.27
CA GLU A 559 -18.88 -51.86 -12.57
C GLU A 559 -19.39 -50.43 -12.43
N GLY A 560 -18.55 -49.46 -12.78
CA GLY A 560 -18.95 -48.07 -12.68
C GLY A 560 -18.91 -47.35 -14.02
N LEU A 561 -19.98 -47.48 -14.81
CA LEU A 561 -20.04 -46.88 -16.14
C LEU A 561 -21.29 -46.02 -16.34
N ASP A 562 -22.03 -45.71 -15.29
CA ASP A 562 -23.25 -44.91 -15.41
C ASP A 562 -23.15 -43.70 -14.50
N ASN A 563 -23.12 -42.50 -15.09
CA ASN A 563 -22.85 -41.29 -14.32
C ASN A 563 -23.97 -40.97 -13.34
N SER A 564 -25.21 -41.36 -13.65
CA SER A 564 -26.34 -41.00 -12.81
C SER A 564 -26.61 -42.00 -11.70
N ASN A 565 -26.07 -43.21 -11.79
CA ASN A 565 -26.35 -44.26 -10.81
C ASN A 565 -25.12 -44.88 -10.17
N ASP A 566 -23.96 -44.86 -10.83
CA ASP A 566 -22.80 -45.60 -10.37
C ASP A 566 -21.71 -44.66 -9.86
N ALA A 567 -20.92 -45.17 -8.92
CA ALA A 567 -19.66 -44.55 -8.60
C ALA A 567 -18.67 -44.82 -9.73
N ARG A 568 -18.05 -43.75 -10.25
CA ARG A 568 -17.19 -43.88 -11.40
C ARG A 568 -15.71 -43.68 -11.09
N ILE A 569 -15.38 -42.97 -10.03
CA ILE A 569 -13.99 -42.70 -9.66
C ILE A 569 -13.88 -42.78 -8.15
N ALA A 570 -12.81 -43.41 -7.66
CA ALA A 570 -12.54 -43.52 -6.24
C ALA A 570 -11.21 -42.85 -5.91
N ARG A 571 -11.17 -42.15 -4.79
CA ARG A 571 -9.95 -41.52 -4.31
C ARG A 571 -9.24 -42.36 -3.26
N LYS A 572 -9.97 -43.07 -2.40
CA LYS A 572 -9.35 -43.88 -1.36
C LYS A 572 -10.23 -45.09 -1.10
N ILE A 573 -9.59 -46.26 -0.98
CA ILE A 573 -10.26 -47.52 -0.68
C ILE A 573 -9.89 -47.93 0.74
N ALA A 574 -10.89 -48.28 1.53
CA ALA A 574 -10.69 -48.70 2.92
C ALA A 574 -11.31 -50.08 3.13
N PRO A 575 -10.54 -51.15 2.94
CA PRO A 575 -11.06 -52.49 3.23
C PRO A 575 -11.38 -52.62 4.72
N HIS A 576 -12.37 -53.44 5.02
CA HIS A 576 -12.80 -53.63 6.40
C HIS A 576 -11.68 -54.28 7.21
N PRO A 577 -11.43 -53.81 8.43
CA PRO A 577 -10.23 -54.26 9.16
C PRO A 577 -10.25 -55.74 9.52
N THR A 578 -11.42 -56.37 9.66
CA THR A 578 -11.50 -57.75 10.08
C THR A 578 -12.31 -58.66 9.17
N ASN A 579 -13.16 -58.11 8.30
CA ASN A 579 -14.02 -58.90 7.42
C ASN A 579 -13.61 -58.63 5.98
N GLU A 580 -12.99 -59.62 5.33
CA GLU A 580 -12.46 -59.39 3.99
C GLU A 580 -13.54 -59.34 2.92
N LYS A 581 -14.81 -59.57 3.27
CA LYS A 581 -15.91 -59.49 2.32
C LYS A 581 -16.61 -58.14 2.34
N VAL A 582 -16.05 -57.15 3.03
CA VAL A 582 -16.61 -55.80 3.13
C VAL A 582 -15.50 -54.79 2.82
N VAL A 583 -15.79 -53.83 1.93
CA VAL A 583 -14.88 -52.72 1.62
C VAL A 583 -15.67 -51.43 1.48
N PHE A 584 -15.00 -50.33 1.80
CA PHE A 584 -15.54 -48.98 1.64
C PHE A 584 -14.64 -48.20 0.68
N PHE A 585 -15.21 -47.24 -0.03
CA PHE A 585 -14.40 -46.32 -0.81
C PHE A 585 -15.13 -44.99 -0.94
N SER A 586 -14.34 -43.94 -1.14
CA SER A 586 -14.86 -42.60 -1.36
C SER A 586 -14.96 -42.36 -2.86
N SER A 587 -16.18 -42.17 -3.34
CA SER A 587 -16.43 -41.94 -4.77
C SER A 587 -16.31 -40.45 -5.08
N THR A 588 -15.49 -40.14 -6.08
CA THR A 588 -15.30 -38.75 -6.51
C THR A 588 -15.77 -38.52 -7.94
N GLY A 589 -16.51 -39.45 -8.51
CA GLY A 589 -17.05 -39.30 -9.84
C GLY A 589 -18.39 -39.99 -9.95
N GLY A 590 -19.23 -39.49 -10.85
CA GLY A 590 -20.59 -40.01 -10.92
C GLY A 590 -21.34 -39.70 -9.65
N VAL A 591 -21.92 -40.73 -9.06
CA VAL A 591 -22.55 -40.61 -7.74
C VAL A 591 -21.43 -40.61 -6.71
N GLN A 592 -21.21 -39.48 -6.05
CA GLN A 592 -20.12 -39.34 -5.11
C GLN A 592 -20.55 -39.77 -3.71
N GLY A 593 -19.58 -39.84 -2.81
CA GLY A 593 -19.82 -40.18 -1.42
C GLY A 593 -19.11 -41.44 -1.01
N VAL A 594 -19.32 -41.81 0.25
CA VAL A 594 -18.75 -43.05 0.79
C VAL A 594 -19.64 -44.21 0.34
N TRP A 595 -19.02 -45.16 -0.35
CA TRP A 595 -19.73 -46.35 -0.83
C TRP A 595 -19.26 -47.56 -0.04
N ARG A 596 -20.17 -48.51 0.15
CA ARG A 596 -19.89 -49.75 0.87
C ARG A 596 -20.27 -50.93 -0.01
N GLY A 597 -19.38 -51.89 -0.12
CA GLY A 597 -19.63 -53.11 -0.88
C GLY A 597 -19.48 -54.33 0.01
N GLU A 598 -20.37 -55.30 -0.17
CA GLU A 598 -20.34 -56.54 0.61
C GLU A 598 -20.40 -57.74 -0.33
N GLN A 599 -19.49 -58.68 -0.13
CA GLN A 599 -19.43 -59.88 -0.95
C GLN A 599 -20.33 -60.97 -0.36
N GLN A 600 -21.05 -61.65 -1.23
CA GLN A 600 -21.98 -62.69 -0.81
C GLN A 600 -21.36 -64.07 -1.01
N ASN A 601 -22.10 -65.11 -0.61
CA ASN A 601 -21.55 -66.47 -0.57
C ASN A 601 -21.20 -66.96 -1.96
N ASP A 602 -22.02 -66.64 -2.97
CA ASP A 602 -21.70 -67.04 -4.34
C ASP A 602 -20.57 -66.21 -4.94
N GLY A 603 -19.93 -65.34 -4.17
CA GLY A 603 -18.85 -64.51 -4.67
C GLY A 603 -19.28 -63.18 -5.25
N SER A 604 -20.58 -62.94 -5.39
CA SER A 604 -21.08 -61.69 -5.94
C SER A 604 -21.01 -60.58 -4.90
N TRP A 605 -20.95 -59.35 -5.39
CA TRP A 605 -20.87 -58.17 -4.55
C TRP A 605 -22.09 -57.29 -4.75
N THR A 606 -22.55 -56.65 -3.67
CA THR A 606 -23.56 -55.60 -3.75
C THR A 606 -22.97 -54.33 -3.17
N PHE A 607 -23.10 -53.23 -3.92
CA PHE A 607 -22.55 -51.94 -3.54
C PHE A 607 -23.67 -50.91 -3.39
N ALA A 608 -23.48 -49.98 -2.45
CA ALA A 608 -24.45 -48.93 -2.22
C ALA A 608 -23.78 -47.75 -1.53
N GLN A 609 -24.37 -46.58 -1.72
CA GLN A 609 -23.86 -45.34 -1.11
C GLN A 609 -24.34 -45.25 0.34
N VAL A 610 -23.41 -45.02 1.26
CA VAL A 610 -23.75 -44.93 2.68
C VAL A 610 -23.58 -43.51 3.24
N LEU A 611 -22.94 -42.61 2.51
CA LEU A 611 -22.85 -41.21 2.91
C LEU A 611 -22.82 -40.35 1.67
N ALA A 612 -23.76 -39.42 1.54
CA ALA A 612 -23.89 -38.58 0.36
C ALA A 612 -22.94 -37.38 0.48
N SER A 613 -21.65 -37.69 0.47
CA SER A 613 -20.60 -36.68 0.51
C SER A 613 -20.03 -36.50 -0.90
N SER A 614 -19.06 -35.59 -1.01
CA SER A 614 -18.42 -35.32 -2.30
C SER A 614 -17.09 -34.60 -2.04
N GLY A 615 -16.36 -34.37 -3.12
CA GLY A 615 -15.03 -33.80 -3.05
C GLY A 615 -14.02 -34.62 -3.82
N TRP A 616 -13.18 -33.97 -4.63
CA TRP A 616 -12.28 -34.70 -5.51
C TRP A 616 -11.22 -35.48 -4.73
N ASP A 617 -10.79 -34.96 -3.58
CA ASP A 617 -9.78 -35.62 -2.76
C ASP A 617 -10.37 -36.19 -1.46
N ALA A 618 -11.65 -36.51 -1.48
CA ALA A 618 -12.32 -37.02 -0.29
C ALA A 618 -11.81 -38.40 0.08
N GLU A 619 -11.67 -38.65 1.38
CA GLU A 619 -11.10 -39.89 1.89
C GLU A 619 -12.07 -40.60 2.82
N VAL A 620 -11.84 -41.90 2.98
CA VAL A 620 -12.54 -42.72 3.96
C VAL A 620 -11.53 -43.68 4.56
N GLU A 621 -11.67 -43.93 5.86
CA GLU A 621 -10.80 -44.83 6.61
CA GLU A 621 -10.82 -44.88 6.55
C GLU A 621 -11.65 -45.73 7.50
N ALA A 622 -11.29 -47.01 7.60
CA ALA A 622 -11.97 -47.96 8.46
C ALA A 622 -10.94 -48.69 9.29
N TRP A 623 -11.12 -48.70 10.61
CA TRP A 623 -10.22 -49.41 11.49
C TRP A 623 -11.00 -49.92 12.70
N ALA A 624 -10.35 -50.79 13.47
CA ALA A 624 -10.94 -51.41 14.65
C ALA A 624 -10.13 -51.04 15.88
N TYR A 625 -10.83 -50.82 16.99
CA TYR A 625 -10.17 -50.43 18.24
C TYR A 625 -11.09 -50.78 19.40
N ASN A 626 -10.64 -51.70 20.25
CA ASN A 626 -11.33 -52.10 21.48
C ASN A 626 -12.79 -52.46 21.21
N GLY A 627 -12.99 -53.31 20.21
CA GLY A 627 -14.29 -53.88 19.93
C GLY A 627 -15.18 -53.06 19.03
N THR A 628 -14.77 -51.86 18.63
CA THR A 628 -15.57 -50.99 17.78
C THR A 628 -14.86 -50.78 16.45
N VAL A 629 -15.60 -50.90 15.35
CA VAL A 629 -15.09 -50.59 14.03
C VAL A 629 -15.50 -49.16 13.69
N TYR A 630 -14.49 -48.31 13.46
CA TYR A 630 -14.73 -46.91 13.15
C TYR A 630 -14.66 -46.69 11.64
N LEU A 631 -15.59 -45.89 11.13
CA LEU A 631 -15.62 -45.47 9.73
C LEU A 631 -15.57 -43.95 9.72
N MET A 632 -14.58 -43.39 9.02
CA MET A 632 -14.28 -41.97 9.12
C MET A 632 -14.16 -41.37 7.73
N SER A 633 -14.91 -40.30 7.50
CA SER A 633 -14.97 -39.63 6.19
C SER A 633 -14.43 -38.22 6.32
N PHE A 634 -13.57 -37.83 5.38
CA PHE A 634 -13.08 -36.47 5.26
C PHE A 634 -13.55 -35.95 3.89
N ALA A 635 -14.57 -35.11 3.89
CA ALA A 635 -15.20 -34.74 2.64
C ALA A 635 -16.12 -33.56 2.85
N LYS A 636 -16.65 -33.06 1.73
CA LYS A 636 -17.70 -32.07 1.67
C LYS A 636 -19.05 -32.75 1.78
N GLY A 637 -20.05 -32.02 2.30
CA GLY A 637 -21.42 -32.50 2.24
C GLY A 637 -21.76 -33.52 3.33
N GLY A 638 -22.62 -34.47 2.97
CA GLY A 638 -23.08 -35.47 3.90
C GLY A 638 -24.58 -35.66 3.93
N GLY A 639 -25.32 -34.63 3.49
CA GLY A 639 -26.76 -34.67 3.49
C GLY A 639 -27.36 -33.74 4.53
N PRO A 640 -28.69 -33.75 4.64
CA PRO A 640 -29.34 -32.85 5.61
C PRO A 640 -28.86 -33.12 7.03
N GLY A 641 -28.57 -32.03 7.75
CA GLY A 641 -28.02 -32.12 9.08
C GLY A 641 -26.52 -32.29 9.14
N LEU A 642 -25.85 -32.49 8.00
CA LEU A 642 -24.41 -32.69 7.97
C LEU A 642 -23.71 -31.74 6.99
N THR A 643 -24.28 -31.53 5.81
CA THR A 643 -23.70 -30.61 4.84
C THR A 643 -23.61 -29.20 5.42
N ASP A 644 -22.51 -28.51 5.13
CA ASP A 644 -22.30 -27.12 5.53
C ASP A 644 -21.58 -26.40 4.39
N GLY A 645 -22.35 -26.02 3.38
CA GLY A 645 -21.77 -25.39 2.20
C GLY A 645 -20.74 -26.29 1.56
N ASN A 646 -19.60 -25.70 1.18
CA ASN A 646 -18.48 -26.45 0.64
C ASN A 646 -17.41 -26.71 1.68
N ASN A 647 -17.71 -26.50 2.96
CA ASN A 647 -16.75 -26.78 4.02
C ASN A 647 -16.52 -28.28 4.14
N TRP A 648 -15.26 -28.70 4.11
CA TRP A 648 -14.94 -30.09 4.39
C TRP A 648 -14.98 -30.34 5.90
N GLN A 649 -15.39 -31.55 6.27
CA GLN A 649 -15.62 -31.90 7.66
C GLN A 649 -15.16 -33.33 7.91
N ILE A 650 -14.96 -33.65 9.18
CA ILE A 650 -14.68 -35.02 9.61
C ILE A 650 -15.98 -35.60 10.15
N LEU A 651 -16.47 -36.66 9.50
CA LEU A 651 -17.65 -37.39 9.95
C LEU A 651 -17.24 -38.79 10.39
N LEU A 652 -17.88 -39.28 11.44
CA LEU A 652 -17.52 -40.56 12.04
C LEU A 652 -18.74 -41.44 12.18
N SER A 653 -18.56 -42.73 11.94
CA SER A 653 -19.61 -43.72 12.11
C SER A 653 -19.04 -44.95 12.78
N THR A 654 -19.80 -45.49 13.74
CA THR A 654 -19.42 -46.72 14.42
C THR A 654 -20.33 -47.89 14.05
N ASP A 655 -21.16 -47.73 13.03
CA ASP A 655 -22.02 -48.81 12.52
C ASP A 655 -21.90 -48.93 11.00
N GLU A 656 -20.66 -48.86 10.49
CA GLU A 656 -20.36 -49.13 9.09
C GLU A 656 -21.12 -48.22 8.12
N GLY A 657 -21.44 -47.01 8.56
CA GLY A 657 -21.96 -46.00 7.66
C GLY A 657 -23.46 -45.82 7.64
N GLN A 658 -24.20 -46.46 8.55
CA GLN A 658 -25.64 -46.22 8.58
C GLN A 658 -25.98 -44.97 9.39
N ASN A 659 -25.12 -44.60 10.34
CA ASN A 659 -25.34 -43.39 11.15
C ASN A 659 -24.02 -42.66 11.31
N TRP A 660 -24.04 -41.35 11.11
CA TRP A 660 -22.85 -40.52 11.11
C TRP A 660 -22.98 -39.39 12.11
N GLN A 661 -21.86 -39.03 12.73
CA GLN A 661 -21.81 -37.87 13.61
CA GLN A 661 -21.79 -37.89 13.65
C GLN A 661 -20.67 -36.96 13.21
N LYS A 662 -20.95 -35.66 13.20
CA LYS A 662 -19.99 -34.63 12.81
C LYS A 662 -19.07 -34.35 13.99
N ILE A 663 -17.77 -34.59 13.82
CA ILE A 663 -16.81 -34.48 14.91
C ILE A 663 -15.73 -33.47 14.66
N PHE A 664 -15.66 -32.84 13.49
CA PHE A 664 -14.71 -31.76 13.27
C PHE A 664 -15.16 -30.88 12.11
N THR A 665 -15.11 -29.57 12.32
CA THR A 665 -15.54 -28.56 11.36
C THR A 665 -14.50 -27.44 11.26
N PRO A 666 -14.62 -26.54 10.28
CA PRO A 666 -13.70 -25.38 10.27
C PRO A 666 -13.78 -24.52 11.52
N ALA A 667 -14.97 -24.37 12.11
CA ALA A 667 -15.08 -23.60 13.34
C ALA A 667 -14.30 -24.25 14.47
N ASP A 668 -14.35 -25.58 14.55
CA ASP A 668 -13.52 -26.29 15.52
C ASP A 668 -12.04 -26.03 15.28
N ALA A 669 -11.62 -26.12 14.01
CA ALA A 669 -10.22 -25.91 13.67
C ALA A 669 -9.76 -24.52 14.08
N MET A 670 -10.59 -23.51 13.86
CA MET A 670 -10.19 -22.14 14.18
C MET A 670 -10.16 -21.89 15.68
N ALA A 671 -10.96 -22.63 16.45
CA ALA A 671 -10.90 -22.50 17.90
C ALA A 671 -9.67 -23.20 18.47
N VAL A 672 -9.32 -24.34 17.91
CA VAL A 672 -8.13 -25.06 18.36
C VAL A 672 -6.86 -24.36 17.87
N ARG A 673 -6.90 -23.78 16.67
CA ARG A 673 -5.74 -23.11 16.08
C ARG A 673 -6.18 -21.75 15.54
N PRO A 674 -6.11 -20.70 16.35
CA PRO A 674 -6.61 -19.39 15.92
C PRO A 674 -5.83 -18.85 14.73
N THR A 675 -6.51 -17.99 13.96
CA THR A 675 -5.93 -17.42 12.74
C THR A 675 -4.73 -16.52 13.02
N SER A 676 -4.48 -16.17 14.28
CA SER A 676 -3.26 -15.47 14.64
C SER A 676 -2.01 -16.28 14.28
N ASN A 677 -2.15 -17.59 14.11
CA ASN A 677 -1.05 -18.47 13.79
C ASN A 677 -0.67 -18.45 12.31
N LEU A 678 -1.39 -17.69 11.49
CA LEU A 678 -1.21 -17.73 10.04
C LEU A 678 -0.80 -16.34 9.54
N VAL A 679 0.43 -16.24 9.02
CA VAL A 679 0.93 -14.99 8.48
C VAL A 679 0.06 -14.47 7.35
N TRP A 680 -0.67 -15.35 6.67
CA TRP A 680 -1.38 -15.00 5.44
C TRP A 680 -2.85 -14.70 5.66
N TRP A 681 -3.36 -14.82 6.89
CA TRP A 681 -4.80 -14.69 7.09
C TRP A 681 -5.31 -13.31 6.70
N ASN A 682 -4.57 -12.25 7.07
CA ASN A 682 -5.05 -10.90 6.81
C ASN A 682 -5.12 -10.61 5.31
N SER A 683 -4.19 -11.16 4.52
CA SER A 683 -4.09 -10.81 3.11
C SER A 683 -4.91 -11.70 2.20
N VAL A 684 -4.93 -13.02 2.43
CA VAL A 684 -5.63 -13.92 1.53
C VAL A 684 -6.55 -14.87 2.28
N GLY A 685 -6.82 -14.56 3.54
CA GLY A 685 -7.76 -15.39 4.30
C GLY A 685 -9.16 -15.35 3.73
N ASN A 686 -9.53 -14.23 3.09
CA ASN A 686 -10.86 -14.13 2.48
C ASN A 686 -11.03 -15.06 1.29
N ARG A 687 -9.93 -15.59 0.74
CA ARG A 687 -10.00 -16.57 -0.33
C ARG A 687 -9.94 -18.01 0.16
N PHE A 688 -9.39 -18.23 1.35
CA PHE A 688 -9.10 -19.59 1.81
C PHE A 688 -10.39 -20.41 1.92
N LYS A 689 -10.33 -21.63 1.41
CA LYS A 689 -11.41 -22.60 1.53
C LYS A 689 -10.95 -23.77 2.39
N PHE A 690 -11.82 -24.20 3.31
CA PHE A 690 -11.50 -25.29 4.22
C PHE A 690 -11.73 -26.61 3.49
N THR A 691 -10.77 -26.96 2.64
CA THR A 691 -10.76 -28.24 1.94
C THR A 691 -9.53 -29.04 2.34
N GLY A 692 -9.06 -29.90 1.45
CA GLY A 692 -7.84 -30.64 1.69
C GLY A 692 -7.45 -31.41 0.45
N LYS A 693 -6.21 -31.87 0.45
CA LYS A 693 -5.71 -32.78 -0.58
C LYS A 693 -5.77 -34.23 -0.13
N GLY A 694 -6.34 -34.50 1.04
CA GLY A 694 -6.30 -35.80 1.66
C GLY A 694 -5.63 -35.72 3.03
N GLY A 695 -4.87 -36.77 3.35
CA GLY A 695 -4.04 -36.74 4.55
C GLY A 695 -4.73 -37.05 5.84
N SER A 696 -5.98 -37.52 5.81
CA SER A 696 -6.65 -37.93 7.03
C SER A 696 -6.44 -39.42 7.26
N ALA A 697 -6.44 -39.83 8.53
CA ALA A 697 -6.20 -41.21 8.88
C ALA A 697 -6.77 -41.50 10.25
N GLY A 698 -6.92 -42.78 10.54
CA GLY A 698 -7.39 -43.23 11.84
C GLY A 698 -6.79 -44.56 12.23
N ALA A 699 -6.39 -44.69 13.49
CA ALA A 699 -5.84 -45.93 14.00
C ALA A 699 -5.90 -45.90 15.52
N GLY A 700 -6.28 -47.01 16.12
CA GLY A 700 -6.43 -47.05 17.56
C GLY A 700 -7.38 -45.97 18.04
N ASN A 701 -6.89 -45.16 18.98
CA ASN A 701 -7.68 -44.08 19.56
C ASN A 701 -7.33 -42.72 18.96
N LYS A 702 -6.69 -42.70 17.79
CA LYS A 702 -6.18 -41.47 17.21
C LYS A 702 -6.77 -41.23 15.82
N ILE A 703 -7.00 -39.95 15.51
CA ILE A 703 -7.52 -39.50 14.24
C ILE A 703 -6.77 -38.23 13.85
N VAL A 704 -6.43 -38.10 12.57
CA VAL A 704 -5.66 -36.96 12.09
C VAL A 704 -6.29 -36.43 10.81
N MET A 705 -6.10 -35.13 10.58
CA MET A 705 -6.57 -34.49 9.36
C MET A 705 -5.81 -33.19 9.17
N SER A 706 -5.89 -32.65 7.95
CA SER A 706 -5.19 -31.41 7.61
C SER A 706 -6.05 -30.59 6.65
N TYR A 707 -6.29 -29.33 7.00
CA TYR A 707 -7.03 -28.39 6.17
C TYR A 707 -6.07 -27.66 5.25
N TYR A 708 -6.33 -27.70 3.94
CA TYR A 708 -5.40 -27.18 2.95
C TYR A 708 -6.17 -26.81 1.69
N ASP A 709 -5.84 -25.67 1.11
CA ASP A 709 -6.47 -25.17 -0.11
C ASP A 709 -5.41 -25.14 -1.20
N HIS A 710 -5.43 -26.13 -2.10
CA HIS A 710 -4.41 -26.24 -3.13
C HIS A 710 -4.48 -25.09 -4.13
N ASP A 711 -5.63 -24.41 -4.25
CA ASP A 711 -5.74 -23.29 -5.17
C ASP A 711 -4.71 -22.20 -4.86
N TYR A 712 -4.34 -22.06 -3.59
CA TYR A 712 -3.40 -21.01 -3.16
C TYR A 712 -2.19 -21.58 -2.43
N GLN A 713 -2.07 -22.91 -2.36
CA GLN A 713 -0.99 -23.58 -1.63
C GLN A 713 -0.94 -23.11 -0.18
N LEU A 714 -2.12 -23.00 0.43
CA LEU A 714 -2.24 -22.54 1.81
C LEU A 714 -2.68 -23.69 2.70
N GLY A 715 -1.89 -23.95 3.75
CA GLY A 715 -2.28 -24.94 4.73
C GLY A 715 -2.68 -24.31 6.05
N TYR A 716 -3.89 -24.62 6.52
CA TYR A 716 -4.33 -24.03 7.78
C TYR A 716 -3.64 -24.67 8.97
N GLY A 717 -3.67 -26.00 9.05
CA GLY A 717 -3.05 -26.69 10.17
C GLY A 717 -3.33 -28.17 10.11
N VAL A 718 -2.62 -28.90 10.96
CA VAL A 718 -2.77 -30.34 11.12
C VAL A 718 -3.35 -30.60 12.51
N PHE A 719 -4.40 -31.40 12.57
CA PHE A 719 -5.17 -31.58 13.79
C PHE A 719 -5.25 -33.06 14.15
N LEU A 720 -4.94 -33.37 15.40
CA LEU A 720 -4.93 -34.73 15.91
C LEU A 720 -6.02 -34.89 16.95
N GLY A 721 -6.87 -35.90 16.77
CA GLY A 721 -8.00 -36.16 17.65
C GLY A 721 -7.80 -37.45 18.42
N THR A 722 -8.19 -37.42 19.70
CA THR A 722 -8.08 -38.56 20.59
C THR A 722 -9.49 -39.03 20.96
N ILE A 723 -9.79 -40.28 20.66
CA ILE A 723 -11.11 -40.85 20.96
C ILE A 723 -11.14 -41.24 22.42
N GLN A 724 -11.97 -40.56 23.21
CA GLN A 724 -12.01 -40.77 24.64
C GLN A 724 -12.87 -41.96 25.01
N SER A 725 -12.80 -42.35 26.29
CA SER A 725 -13.48 -43.55 26.76
C SER A 725 -14.99 -43.50 26.60
N ASN A 726 -15.56 -42.30 26.46
CA ASN A 726 -17.01 -42.16 26.36
C ASN A 726 -17.50 -41.95 24.93
N GLY A 727 -16.60 -41.78 23.96
CA GLY A 727 -16.96 -41.64 22.56
C GLY A 727 -16.58 -40.30 21.96
N GLN A 728 -16.48 -39.26 22.80
CA GLN A 728 -16.09 -37.95 22.32
C GLN A 728 -14.66 -37.97 21.81
N VAL A 729 -14.34 -37.00 20.96
CA VAL A 729 -12.99 -36.83 20.42
C VAL A 729 -12.50 -35.45 20.81
N ASN A 730 -11.35 -35.39 21.47
CA ASN A 730 -10.69 -34.13 21.79
C ASN A 730 -9.59 -33.88 20.77
N TRP A 731 -9.53 -32.65 20.25
CA TRP A 731 -8.64 -32.31 19.15
C TRP A 731 -7.53 -31.39 19.65
N GLN A 732 -6.33 -31.56 19.11
CA GLN A 732 -5.21 -30.69 19.43
C GLN A 732 -4.47 -30.31 18.16
N ASP A 733 -3.78 -29.17 18.24
CA ASP A 733 -3.02 -28.65 17.12
C ASP A 733 -1.64 -29.31 17.09
N ILE A 734 -1.36 -30.08 16.04
CA ILE A 734 -0.06 -30.72 15.90
C ILE A 734 0.68 -30.21 14.66
N THR A 735 0.31 -29.03 14.16
CA THR A 735 1.07 -28.40 13.09
C THR A 735 2.53 -28.22 13.50
N ASP A 736 2.75 -27.60 14.67
CA ASP A 736 4.08 -27.39 15.24
C ASP A 736 5.01 -26.74 14.22
N ASP A 737 6.12 -27.41 13.90
CA ASP A 737 7.12 -26.85 13.00
C ASP A 737 6.98 -27.36 11.57
N LEU A 738 5.82 -27.91 11.21
CA LEU A 738 5.56 -28.32 9.82
C LEU A 738 5.12 -27.08 9.04
N HIS A 739 6.02 -26.57 8.19
CA HIS A 739 5.74 -25.30 7.53
C HIS A 739 4.86 -25.46 6.30
N PHE A 740 4.99 -26.55 5.56
CA PHE A 740 4.08 -26.89 4.48
C PHE A 740 3.23 -28.05 4.98
N SER A 741 2.01 -27.75 5.44
CA SER A 741 1.22 -28.68 6.21
C SER A 741 0.08 -29.36 5.45
N GLY A 742 -0.19 -28.95 4.21
CA GLY A 742 -1.13 -29.70 3.40
C GLY A 742 -0.65 -31.12 3.19
N MET A 743 -1.60 -32.05 3.11
CA MET A 743 -1.25 -33.46 3.11
C MET A 743 -2.05 -34.23 2.07
N THR A 744 -1.35 -35.09 1.32
CA THR A 744 -2.00 -36.01 0.41
C THR A 744 -2.37 -37.33 1.09
N SER A 745 -1.58 -37.78 2.06
CA SER A 745 -1.86 -39.02 2.75
C SER A 745 -1.24 -39.00 4.14
N SER A 746 -1.85 -39.74 5.05
CA SER A 746 -1.31 -39.95 6.39
C SER A 746 -1.54 -41.40 6.78
N ARG A 747 -0.58 -41.98 7.49
CA ARG A 747 -0.70 -43.32 8.03
C ARG A 747 -0.06 -43.37 9.41
N PHE A 748 -0.71 -44.04 10.34
CA PHE A 748 -0.12 -44.30 11.64
C PHE A 748 0.73 -45.57 11.53
N ILE A 749 2.01 -45.45 11.87
CA ILE A 749 2.98 -46.52 11.64
C ILE A 749 3.87 -46.63 12.86
N LYS A 750 4.01 -47.85 13.40
CA LYS A 750 4.92 -48.10 14.50
C LYS A 750 6.28 -48.52 13.95
N ASP A 751 7.31 -47.75 14.27
CA ASP A 751 8.67 -48.03 13.86
C ASP A 751 9.54 -48.09 15.10
N ALA A 752 10.19 -49.24 15.31
CA ALA A 752 11.11 -49.45 16.43
C ALA A 752 10.41 -49.18 17.77
N GLY A 753 9.25 -49.79 17.95
CA GLY A 753 8.53 -49.71 19.21
C GLY A 753 7.90 -48.37 19.53
N GLN A 754 7.98 -47.39 18.64
CA GLN A 754 7.37 -46.09 18.84
C GLN A 754 6.38 -45.83 17.72
N MET A 755 5.20 -45.31 18.09
CA MET A 755 4.16 -45.01 17.11
C MET A 755 4.43 -43.66 16.46
N TYR A 756 4.34 -43.62 15.13
CA TYR A 756 4.59 -42.41 14.36
C TYR A 756 3.41 -42.14 13.44
N LEU A 757 3.32 -40.88 13.01
CA LEU A 757 2.41 -40.47 11.96
C LEU A 757 3.25 -40.12 10.73
N TYR A 758 3.12 -40.92 9.68
CA TYR A 758 3.78 -40.64 8.42
C TYR A 758 2.82 -39.89 7.51
N SER A 759 3.25 -38.73 7.01
CA SER A 759 2.40 -37.86 6.21
C SER A 759 3.14 -37.40 4.97
N THR A 760 2.51 -37.56 3.81
CA THR A 760 3.04 -37.06 2.56
C THR A 760 2.36 -35.75 2.19
N THR A 761 3.12 -34.86 1.56
CA THR A 761 2.63 -33.52 1.27
C THR A 761 2.65 -33.24 -0.23
N PRO A 762 1.68 -32.46 -0.74
CA PRO A 762 1.63 -32.08 -2.16
C PRO A 762 2.63 -30.98 -2.52
N GLY A 763 3.90 -31.19 -2.19
CA GLY A 763 4.91 -30.21 -2.55
C GLY A 763 6.15 -30.20 -1.68
N ALA A 764 6.13 -30.89 -0.53
CA ALA A 764 7.29 -30.90 0.36
C ALA A 764 7.66 -32.30 0.82
N GLY A 765 7.33 -33.32 0.03
CA GLY A 765 7.81 -34.66 0.32
C GLY A 765 7.15 -35.29 1.55
N LEU A 766 7.94 -36.12 2.23
CA LEU A 766 7.47 -36.98 3.31
C LEU A 766 7.98 -36.48 4.65
N TRP A 767 7.11 -36.50 5.66
CA TRP A 767 7.45 -36.13 7.02
C TRP A 767 6.81 -37.12 7.97
N ARG A 768 7.41 -37.29 9.16
CA ARG A 768 6.84 -38.15 10.19
C ARG A 768 6.95 -37.44 11.53
N ARG A 769 6.07 -37.83 12.46
CA ARG A 769 5.98 -37.18 13.76
C ARG A 769 5.65 -38.21 14.82
N SER A 770 6.37 -38.15 15.94
CA SER A 770 6.06 -38.97 17.11
C SER A 770 4.64 -38.68 17.58
N ILE A 771 3.91 -39.74 17.92
CA ILE A 771 2.56 -39.64 18.48
C ILE A 771 2.59 -40.30 19.85
N SER A 772 2.19 -39.55 20.88
CA SER A 772 2.23 -40.05 22.24
C SER A 772 0.84 -40.49 22.70
N GLY A 773 0.83 -41.31 23.75
CA GLY A 773 -0.42 -41.74 24.36
C GLY A 773 -1.35 -42.48 23.45
N MET A 774 -0.82 -43.32 22.55
CA MET A 774 -1.62 -44.05 21.58
C MET A 774 -1.88 -45.47 22.04
N ASN A 775 -3.12 -45.93 21.87
CA ASN A 775 -3.51 -47.29 22.17
C ASN A 775 -3.88 -48.00 20.87
N MET A 776 -3.40 -49.24 20.72
CA MET A 776 -3.65 -50.04 19.54
C MET A 776 -4.23 -51.38 19.94
N ASP A 777 -5.00 -51.97 19.03
CA ASP A 777 -5.32 -53.38 19.15
C ASP A 777 -4.10 -54.21 18.78
N PRO A 778 -3.81 -55.27 19.52
CA PRO A 778 -2.75 -56.20 19.09
C PRO A 778 -3.07 -56.80 17.73
N ALA A 779 -2.17 -56.58 16.78
CA ALA A 779 -2.38 -57.05 15.41
C ALA A 779 -1.13 -57.74 14.87
N ALA B 2 -4.27 1.20 11.10
CA ALA B 2 -5.27 1.84 11.94
C ALA B 2 -6.45 2.33 11.11
N ALA B 3 -7.27 3.20 11.69
CA ALA B 3 -8.46 3.71 11.02
C ALA B 3 -8.63 5.18 11.36
N THR B 4 -9.62 5.80 10.72
CA THR B 4 -9.94 7.21 10.91
C THR B 4 -11.23 7.36 11.70
N VAL B 5 -11.29 8.43 12.49
CA VAL B 5 -12.48 8.78 13.28
C VAL B 5 -13.13 10.05 12.75
N TRP B 6 -12.40 11.15 12.76
CA TRP B 6 -12.92 12.40 12.21
C TRP B 6 -12.86 12.36 10.68
N GLN B 7 -13.94 12.77 10.04
CA GLN B 7 -14.12 12.62 8.61
C GLN B 7 -14.17 14.00 7.96
N PRO B 8 -13.22 14.35 7.09
CA PRO B 8 -13.25 15.67 6.45
C PRO B 8 -14.27 15.74 5.33
N LEU B 9 -14.88 16.91 5.18
CA LEU B 9 -15.89 17.18 4.16
C LEU B 9 -15.55 18.53 3.53
N ASN B 10 -14.65 18.53 2.55
CA ASN B 10 -14.05 19.77 2.07
C ASN B 10 -13.72 19.67 0.60
N PRO B 11 -13.72 20.80 -0.12
CA PRO B 11 -13.41 20.78 -1.56
C PRO B 11 -11.93 20.80 -1.87
N GLY B 12 -11.06 21.00 -0.89
CA GLY B 12 -9.62 20.99 -1.13
C GLY B 12 -8.97 22.36 -1.02
N ALA B 13 -7.90 22.43 -0.21
CA ALA B 13 -7.12 23.66 0.00
C ALA B 13 -8.08 24.78 0.42
N GLY B 14 -7.99 25.97 -0.17
CA GLY B 14 -8.87 27.06 0.19
C GLY B 14 -8.26 28.11 1.10
N GLY B 15 -7.00 27.95 1.50
CA GLY B 15 -6.31 28.95 2.27
C GLY B 15 -4.97 29.25 1.64
N GLN B 16 -4.41 30.41 2.02
CA GLN B 16 -3.16 30.88 1.44
C GLN B 16 -2.06 29.83 1.58
N VAL B 17 -1.43 29.49 0.47
CA VAL B 17 -0.40 28.46 0.42
C VAL B 17 0.96 29.13 0.45
N GLN B 18 1.84 28.63 1.32
CA GLN B 18 3.16 29.23 1.49
C GLN B 18 4.17 28.71 0.47
N ASP B 19 4.19 27.40 0.22
CA ASP B 19 5.19 26.82 -0.67
C ASP B 19 4.82 25.38 -0.97
N VAL B 20 5.34 24.89 -2.10
CA VAL B 20 5.35 23.48 -2.43
C VAL B 20 6.76 23.13 -2.85
N VAL B 21 7.38 22.17 -2.16
CA VAL B 21 8.80 21.87 -2.31
C VAL B 21 8.95 20.44 -2.80
N ALA B 22 9.71 20.26 -3.88
CA ALA B 22 9.96 18.93 -4.41
C ALA B 22 11.12 18.27 -3.68
N ASP B 23 10.98 16.97 -3.45
CA ASP B 23 12.06 16.15 -2.91
C ASP B 23 13.05 15.89 -4.05
N PRO B 24 14.27 16.42 -3.97
CA PRO B 24 15.24 16.17 -5.04
C PRO B 24 15.66 14.71 -5.17
N ASN B 25 15.44 13.90 -4.13
CA ASN B 25 15.84 12.49 -4.17
C ASN B 25 14.80 11.59 -4.82
N GLN B 26 13.54 12.00 -4.84
CA GLN B 26 12.45 11.13 -5.30
C GLN B 26 11.51 11.94 -6.17
N ALA B 27 11.43 11.59 -7.45
CA ALA B 27 10.45 12.23 -8.33
C ALA B 27 9.03 11.93 -7.85
N ASN B 28 8.15 12.92 -8.00
CA ASN B 28 6.74 12.91 -7.61
C ASN B 28 6.54 13.01 -6.11
N VAL B 29 7.59 13.24 -5.32
CA VAL B 29 7.48 13.45 -3.88
C VAL B 29 7.59 14.95 -3.60
N VAL B 30 6.53 15.53 -3.04
CA VAL B 30 6.46 16.95 -2.77
C VAL B 30 5.86 17.18 -1.38
N TYR B 31 6.24 18.32 -0.79
CA TYR B 31 5.71 18.75 0.49
C TYR B 31 5.07 20.12 0.31
N MET B 32 3.94 20.34 1.00
CA MET B 32 3.21 21.60 0.92
C MET B 32 3.21 22.27 2.28
N ALA B 33 3.52 23.56 2.29
CA ALA B 33 3.57 24.35 3.51
C ALA B 33 2.30 25.18 3.62
N SER B 34 1.42 24.79 4.51
CA SER B 34 0.25 25.59 4.86
C SER B 34 0.61 26.50 6.04
N ASP B 35 -0.29 27.44 6.34
CA ASP B 35 -0.07 28.32 7.47
C ASP B 35 -0.87 27.95 8.70
N MET B 36 -1.73 26.92 8.62
CA MET B 36 -2.47 26.48 9.79
C MET B 36 -2.62 24.97 9.92
N GLU B 37 -2.08 24.18 8.99
CA GLU B 37 -2.15 22.72 9.07
C GLU B 37 -0.77 22.05 9.11
N GLY B 38 0.30 22.83 9.20
CA GLY B 38 1.61 22.21 9.13
C GLY B 38 1.94 21.79 7.71
N VAL B 39 2.61 20.65 7.59
CA VAL B 39 3.17 20.19 6.32
C VAL B 39 2.33 19.01 5.82
N TYR B 40 1.94 19.08 4.54
CA TYR B 40 1.35 17.95 3.84
C TYR B 40 2.39 17.29 2.94
N LYS B 41 2.22 15.99 2.70
CA LYS B 41 3.11 15.20 1.87
C LYS B 41 2.31 14.52 0.76
N SER B 42 2.94 14.35 -0.39
CA SER B 42 2.36 13.59 -1.48
C SER B 42 3.46 12.84 -2.21
N THR B 43 3.19 11.57 -2.55
CA THR B 43 4.14 10.77 -3.33
C THR B 43 3.66 10.49 -4.74
N ASN B 44 2.60 11.17 -5.20
CA ASN B 44 2.13 11.05 -6.57
C ASN B 44 2.03 12.42 -7.22
N ASN B 45 2.95 13.31 -6.87
CA ASN B 45 3.04 14.66 -7.43
C ASN B 45 1.72 15.42 -7.28
N GLY B 46 1.09 15.27 -6.12
CA GLY B 46 -0.05 16.09 -5.77
C GLY B 46 -1.40 15.57 -6.20
N GLU B 47 -1.48 14.33 -6.70
CA GLU B 47 -2.80 13.75 -6.98
C GLU B 47 -3.55 13.45 -5.68
N SER B 48 -2.83 13.21 -4.59
CA SER B 48 -3.42 13.05 -3.28
C SER B 48 -2.40 13.48 -2.24
N TRP B 49 -2.88 14.12 -1.17
CA TRP B 49 -2.04 14.67 -0.12
C TRP B 49 -2.34 13.99 1.21
N GLN B 50 -1.29 13.81 2.02
CA GLN B 50 -1.42 13.20 3.33
C GLN B 50 -0.80 14.10 4.38
N ILE B 51 -1.38 14.07 5.59
CA ILE B 51 -0.80 14.82 6.70
C ILE B 51 0.55 14.21 7.10
N THR B 52 1.38 15.02 7.76
CA THR B 52 2.63 14.54 8.31
C THR B 52 2.61 14.67 9.83
N GLY B 53 3.79 14.65 10.46
CA GLY B 53 3.85 14.65 11.91
C GLY B 53 3.40 15.96 12.53
N ASN B 54 3.20 15.92 13.84
CA ASN B 54 2.74 17.10 14.58
C ASN B 54 3.90 18.06 14.83
N LEU B 55 3.70 19.31 14.48
CA LEU B 55 4.65 20.37 14.75
C LEU B 55 4.24 21.15 16.00
N VAL B 56 5.21 21.84 16.61
CA VAL B 56 4.90 22.69 17.75
C VAL B 56 4.15 23.93 17.30
N ASN B 57 4.39 24.39 16.07
CA ASN B 57 3.67 25.51 15.48
C ASN B 57 3.41 25.18 14.02
N ASN B 58 2.18 25.46 13.56
CA ASN B 58 1.72 24.98 12.27
C ASN B 58 1.78 26.03 11.16
N ARG B 59 2.30 27.22 11.45
CA ARG B 59 2.54 28.22 10.41
C ARG B 59 3.89 27.93 9.77
N VAL B 60 3.88 27.18 8.67
CA VAL B 60 5.10 26.68 8.04
C VAL B 60 5.53 27.64 6.94
N PHE B 61 6.79 28.07 6.98
CA PHE B 61 7.34 28.98 5.99
C PHE B 61 8.33 28.31 5.03
N ALA B 62 8.85 27.14 5.36
CA ALA B 62 9.86 26.50 4.52
C ALA B 62 9.94 25.01 4.83
N VAL B 63 10.22 24.23 3.79
CA VAL B 63 10.47 22.80 3.90
C VAL B 63 11.66 22.46 3.01
N ALA B 64 12.57 21.64 3.52
CA ALA B 64 13.73 21.21 2.74
C ALA B 64 14.05 19.76 3.06
N VAL B 65 14.28 18.97 2.01
CA VAL B 65 14.69 17.57 2.14
C VAL B 65 16.19 17.50 1.92
N THR B 66 16.87 16.71 2.74
CA THR B 66 18.33 16.64 2.65
C THR B 66 18.74 15.93 1.36
N PRO B 67 19.62 16.53 0.56
CA PRO B 67 20.20 15.80 -0.57
C PRO B 67 20.86 14.51 -0.11
N GLY B 68 20.47 13.41 -0.73
CA GLY B 68 21.04 12.11 -0.41
C GLY B 68 20.37 11.37 0.72
N ASN B 69 19.38 11.97 1.39
CA ASN B 69 18.70 11.30 2.50
C ASN B 69 17.28 11.89 2.57
N SER B 70 16.37 11.31 1.79
CA SER B 70 14.99 11.76 1.75
C SER B 70 14.24 11.53 3.06
N ASN B 71 14.88 10.93 4.07
CA ASN B 71 14.24 10.73 5.36
C ASN B 71 14.54 11.85 6.35
N LYS B 72 15.51 12.72 6.06
CA LYS B 72 15.83 13.85 6.93
C LYS B 72 15.25 15.12 6.30
N ILE B 73 14.27 15.72 6.98
CA ILE B 73 13.54 16.86 6.46
C ILE B 73 13.56 17.98 7.48
N PHE B 74 13.82 19.20 7.01
CA PHE B 74 13.80 20.39 7.85
C PHE B 74 12.56 21.22 7.52
N VAL B 75 11.91 21.72 8.57
CA VAL B 75 10.68 22.50 8.44
C VAL B 75 10.84 23.78 9.25
N GLY B 76 10.78 24.93 8.59
CA GLY B 76 10.86 26.21 9.24
C GLY B 76 9.48 26.76 9.52
N THR B 77 9.23 27.07 10.79
CA THR B 77 7.93 27.58 11.24
C THR B 77 8.12 28.92 11.96
N LEU B 78 6.98 29.49 12.35
CA LEU B 78 7.00 30.77 13.07
C LEU B 78 7.70 30.64 14.42
N TYR B 79 7.72 29.44 15.00
CA TYR B 79 8.38 29.23 16.29
C TYR B 79 9.74 28.55 16.16
N GLY B 80 10.21 28.30 14.96
CA GLY B 80 11.56 27.80 14.77
C GLY B 80 11.62 26.57 13.91
N LEU B 81 12.85 26.11 13.69
CA LEU B 81 13.10 24.96 12.83
C LEU B 81 12.68 23.66 13.53
N HIS B 82 12.11 22.74 12.75
CA HIS B 82 11.86 21.38 13.19
C HIS B 82 12.70 20.43 12.35
N ILE B 83 13.01 19.26 12.90
CA ILE B 83 13.78 18.25 12.20
C ILE B 83 13.07 16.92 12.30
N SER B 84 12.92 16.25 11.16
CA SER B 84 12.42 14.88 11.10
C SER B 84 13.52 13.97 10.57
N THR B 85 13.64 12.79 11.18
CA THR B 85 14.56 11.77 10.69
C THR B 85 13.83 10.56 10.13
N ASN B 86 12.50 10.54 10.16
CA ASN B 86 11.71 9.43 9.64
C ASN B 86 10.85 9.86 8.45
N GLY B 87 11.35 10.77 7.63
CA GLY B 87 10.66 11.15 6.41
C GLY B 87 9.37 11.91 6.61
N SER B 88 9.29 12.74 7.64
CA SER B 88 8.18 13.63 8.05
C SER B 88 7.14 12.95 8.95
N ASN B 89 7.36 11.70 9.39
CA ASN B 89 6.37 11.05 10.21
C ASN B 89 6.26 11.69 11.60
N SER B 90 7.38 12.16 12.14
CA SER B 90 7.39 12.89 13.40
C SER B 90 8.45 13.98 13.34
N TYR B 91 8.29 15.00 14.17
CA TYR B 91 9.20 16.14 14.20
C TYR B 91 9.66 16.41 15.62
N ALA B 92 10.85 16.99 15.72
CA ALA B 92 11.39 17.53 16.96
C ALA B 92 11.83 18.96 16.70
N LEU B 93 11.59 19.83 17.68
CA LEU B 93 11.95 21.24 17.50
C LEU B 93 13.42 21.45 17.81
N VAL B 94 14.11 22.17 16.92
CA VAL B 94 15.54 22.45 17.08
C VAL B 94 15.70 23.48 18.19
N PRO B 95 16.44 23.16 19.25
CA PRO B 95 16.46 24.05 20.43
C PRO B 95 17.12 25.40 20.16
N GLU B 96 18.12 25.46 19.29
CA GLU B 96 18.79 26.73 19.04
C GLU B 96 17.90 27.72 18.32
N THR B 97 16.91 27.23 17.58
CA THR B 97 16.02 28.08 16.81
C THR B 97 14.66 28.28 17.48
N GLU B 98 14.53 27.90 18.76
CA GLU B 98 13.28 28.10 19.47
C GLU B 98 12.91 29.58 19.49
N ASN B 99 11.64 29.87 19.20
CA ASN B 99 11.13 31.23 19.15
C ASN B 99 11.78 32.06 18.05
N LYS B 100 12.29 31.40 16.99
CA LYS B 100 12.98 32.07 15.89
C LYS B 100 12.32 31.67 14.57
N SER B 101 11.54 32.57 13.98
CA SER B 101 10.85 32.26 12.73
C SER B 101 11.86 32.07 11.60
N ILE B 102 11.77 30.93 10.92
CA ILE B 102 12.70 30.55 9.87
C ILE B 102 11.93 30.28 8.59
N ALA B 103 12.40 30.84 7.47
CA ALA B 103 11.71 30.73 6.20
C ALA B 103 12.62 30.32 5.05
N SER B 104 13.84 29.86 5.33
CA SER B 104 14.76 29.42 4.28
C SER B 104 15.69 28.36 4.84
N ILE B 105 15.88 27.28 4.09
CA ILE B 105 16.86 26.25 4.42
C ILE B 105 17.59 25.88 3.14
N ALA B 106 18.93 25.88 3.19
CA ALA B 106 19.74 25.58 2.01
C ALA B 106 20.93 24.72 2.40
N PHE B 107 21.24 23.75 1.55
CA PHE B 107 22.35 22.82 1.78
C PHE B 107 23.53 23.17 0.87
N LYS B 108 24.70 22.73 1.29
CA LYS B 108 25.91 22.95 0.50
C LYS B 108 26.03 21.89 -0.59
N PRO B 109 26.31 22.26 -1.83
CA PRO B 109 26.46 21.26 -2.89
C PRO B 109 27.65 20.35 -2.60
N GLY B 110 27.41 19.04 -2.67
CA GLY B 110 28.43 18.05 -2.39
C GLY B 110 28.56 17.64 -0.95
N ASN B 111 27.99 18.40 -0.01
CA ASN B 111 28.09 18.08 1.42
C ASN B 111 26.80 18.57 2.09
N ALA B 112 25.84 17.67 2.21
CA ALA B 112 24.56 18.00 2.82
C ALA B 112 24.64 18.14 4.33
N ASN B 113 25.82 17.96 4.93
CA ASN B 113 25.98 18.21 6.35
C ASN B 113 26.19 19.69 6.65
N HIS B 114 26.54 20.49 5.64
CA HIS B 114 26.61 21.94 5.79
C HIS B 114 25.26 22.51 5.41
N ILE B 115 24.54 23.04 6.41
CA ILE B 115 23.20 23.58 6.21
C ILE B 115 23.17 25.02 6.69
N ILE B 116 22.34 25.83 6.04
CA ILE B 116 22.08 27.20 6.46
C ILE B 116 20.59 27.34 6.67
N ALA B 117 20.19 27.81 7.85
CA ALA B 117 18.80 28.13 8.16
C ALA B 117 18.71 29.61 8.42
N ALA B 118 17.87 30.31 7.66
CA ALA B 118 17.81 31.75 7.71
C ALA B 118 16.52 32.22 8.37
N PRO B 119 16.61 33.08 9.39
CA PRO B 119 15.39 33.68 9.95
C PRO B 119 14.57 34.37 8.88
N GLY B 120 13.25 34.22 8.98
CA GLY B 120 12.37 34.85 8.02
C GLY B 120 10.93 34.47 8.27
N TRP B 121 10.05 35.16 7.56
CA TRP B 121 8.61 34.87 7.68
C TRP B 121 7.82 35.26 6.44
N ARG B 122 8.44 35.33 5.26
CA ARG B 122 7.76 35.61 3.99
C ARG B 122 7.05 36.95 4.10
N ASP B 123 5.78 37.05 3.70
CA ASP B 123 5.01 38.28 3.79
C ASP B 123 4.12 38.33 5.03
N ASP B 124 4.30 37.41 5.97
CA ASP B 124 3.46 37.35 7.16
C ASP B 124 3.92 38.36 8.21
N ASP B 125 4.05 39.63 7.82
CA ASP B 125 4.54 40.64 8.75
C ASP B 125 3.58 40.84 9.91
N ASP B 126 2.29 40.59 9.70
CA ASP B 126 1.31 40.74 10.78
C ASP B 126 1.32 39.58 11.76
N PHE B 127 2.17 38.58 11.56
CA PHE B 127 2.25 37.44 12.45
C PHE B 127 3.60 37.29 13.14
N ILE B 128 4.62 38.05 12.75
CA ILE B 128 5.96 37.87 13.31
C ILE B 128 5.98 38.16 14.81
N GLY B 129 5.00 38.89 15.32
CA GLY B 129 4.98 39.22 16.73
C GLY B 129 4.16 38.32 17.62
N LYS B 130 3.61 37.22 17.09
CA LYS B 130 2.68 36.41 17.88
C LYS B 130 3.37 35.79 19.09
N PHE B 131 4.65 35.42 18.96
CA PHE B 131 5.41 34.86 20.07
C PHE B 131 6.46 35.83 20.60
N GLY B 132 6.28 37.12 20.37
CA GLY B 132 7.13 38.14 20.95
C GLY B 132 8.27 38.62 20.08
N GLU B 133 8.46 38.03 18.90
CA GLU B 133 9.52 38.49 18.01
C GLU B 133 9.15 39.83 17.40
N THR B 134 10.16 40.52 16.86
CA THR B 134 9.97 41.77 16.15
C THR B 134 10.62 41.66 14.78
N ALA B 135 10.02 42.35 13.80
CA ALA B 135 10.61 42.40 12.47
C ALA B 135 11.97 43.07 12.51
N ALA B 136 12.07 44.18 13.24
CA ALA B 136 13.36 44.86 13.37
C ALA B 136 14.30 44.05 14.23
N GLY B 137 15.58 44.03 13.84
CA GLY B 137 16.59 43.31 14.57
C GLY B 137 17.85 43.10 13.77
N PRO B 138 18.83 42.43 14.38
CA PRO B 138 20.08 42.16 13.66
C PRO B 138 19.90 41.08 12.62
N GLY B 139 20.48 41.31 11.45
CA GLY B 139 20.50 40.29 10.41
C GLY B 139 21.34 39.12 10.85
N GLN B 140 20.74 37.92 10.92
CA GLN B 140 21.44 36.76 11.43
C GLN B 140 21.04 35.53 10.63
N VAL B 141 21.84 34.48 10.78
CA VAL B 141 21.71 33.25 10.00
C VAL B 141 22.24 32.09 10.84
N PHE B 142 21.47 31.01 10.90
CA PHE B 142 21.90 29.81 11.61
C PHE B 142 22.59 28.87 10.63
N VAL B 143 23.79 28.43 10.97
CA VAL B 143 24.59 27.56 10.11
C VAL B 143 24.99 26.33 10.91
N SER B 144 25.03 25.18 10.23
CA SER B 144 25.44 23.92 10.83
C SER B 144 26.42 23.22 9.91
N GLN B 145 27.49 22.68 10.49
CA GLN B 145 28.47 21.88 9.77
C GLN B 145 28.32 20.39 10.06
N ASN B 146 27.27 20.00 10.77
CA ASN B 146 27.15 18.64 11.31
C ASN B 146 25.83 17.97 10.92
N GLY B 147 25.14 18.48 9.89
CA GLY B 147 23.89 17.88 9.49
C GLY B 147 22.72 18.13 10.40
N GLY B 148 22.85 18.99 11.40
CA GLY B 148 21.74 19.37 12.25
C GLY B 148 21.93 19.12 13.74
N SER B 149 23.05 18.57 14.19
CA SER B 149 23.24 18.38 15.63
C SER B 149 23.27 19.71 16.36
N SER B 150 23.96 20.70 15.78
CA SER B 150 24.16 21.98 16.44
C SER B 150 24.10 23.10 15.41
N TRP B 151 23.77 24.30 15.88
CA TRP B 151 23.67 25.47 15.02
C TRP B 151 24.28 26.66 15.73
N GLN B 152 25.12 27.40 15.02
CA GLN B 152 25.71 28.62 15.53
C GLN B 152 25.09 29.82 14.84
N THR B 153 25.02 30.93 15.56
CA THR B 153 24.35 32.15 15.08
C THR B 153 25.40 33.06 14.46
N VAL B 154 25.32 33.23 13.14
CA VAL B 154 26.20 34.12 12.41
C VAL B 154 25.44 35.42 12.16
N THR B 155 26.03 36.54 12.58
CA THR B 155 25.45 37.85 12.37
C THR B 155 26.08 38.47 11.12
N PHE B 156 25.25 39.05 10.25
CA PHE B 156 25.75 39.79 9.11
C PHE B 156 25.31 41.24 9.07
N ASP B 157 24.52 41.70 10.04
CA ASP B 157 24.20 43.11 10.19
C ASP B 157 23.89 43.39 11.65
N SER B 158 24.53 44.43 12.19
CA SER B 158 24.46 44.72 13.62
C SER B 158 23.27 45.59 14.02
N ASN B 159 22.63 46.24 13.05
CA ASN B 159 21.58 47.20 13.38
C ASN B 159 20.31 46.49 13.80
N SER B 160 19.80 46.84 14.98
CA SER B 160 18.52 46.34 15.46
C SER B 160 17.36 47.29 15.13
N SER B 161 17.65 48.44 14.52
CA SER B 161 16.61 49.35 14.08
C SER B 161 15.92 48.87 12.81
N THR B 162 16.45 47.83 12.16
CA THR B 162 16.16 47.52 10.77
C THR B 162 15.56 46.13 10.61
N ASP B 163 14.79 45.96 9.53
CA ASP B 163 14.08 44.72 9.27
C ASP B 163 15.05 43.64 8.80
N ARG B 164 14.99 42.48 9.43
CA ARG B 164 15.98 41.41 9.27
C ARG B 164 15.45 40.23 8.46
N ASN B 165 14.27 40.36 7.85
CA ASN B 165 13.66 39.25 7.12
C ASN B 165 14.55 38.79 5.98
N VAL B 166 14.92 37.52 5.98
CA VAL B 166 15.69 36.90 4.91
C VAL B 166 14.74 36.13 4.01
N TYR B 167 14.85 36.34 2.70
CA TYR B 167 13.93 35.74 1.75
C TYR B 167 14.50 34.51 1.04
N SER B 168 15.79 34.52 0.68
CA SER B 168 16.37 33.37 0.02
C SER B 168 17.85 33.24 0.36
N VAL B 169 18.34 32.01 0.22
CA VAL B 169 19.74 31.65 0.47
C VAL B 169 20.13 30.65 -0.62
N VAL B 170 21.11 31.00 -1.44
CA VAL B 170 21.44 30.21 -2.63
C VAL B 170 22.94 30.01 -2.73
N PHE B 171 23.37 28.77 -2.88
CA PHE B 171 24.76 28.42 -3.07
C PHE B 171 25.15 28.55 -4.55
N ASP B 172 26.47 28.61 -4.78
CA ASP B 172 27.03 28.56 -6.12
C ASP B 172 27.33 27.09 -6.43
N GLN B 173 26.60 26.53 -7.40
CA GLN B 173 26.76 25.12 -7.74
C GLN B 173 28.16 24.80 -8.24
N SER B 174 28.89 25.79 -8.76
CA SER B 174 30.20 25.57 -9.35
C SER B 174 31.35 25.78 -8.36
N ASN B 175 31.08 26.31 -7.17
CA ASN B 175 32.05 26.31 -6.08
C ASN B 175 31.28 26.44 -4.79
N ALA B 176 31.19 25.35 -4.03
CA ALA B 176 30.18 25.19 -2.99
C ALA B 176 30.38 26.11 -1.79
N ASN B 177 31.54 26.74 -1.64
CA ASN B 177 31.76 27.63 -0.50
C ASN B 177 31.31 29.05 -0.78
N THR B 178 30.76 29.32 -1.94
CA THR B 178 30.17 30.60 -2.30
C THR B 178 28.66 30.53 -2.09
N VAL B 179 28.09 31.54 -1.44
CA VAL B 179 26.64 31.55 -1.19
C VAL B 179 26.20 32.97 -0.88
N TYR B 180 25.02 33.34 -1.39
CA TYR B 180 24.40 34.64 -1.16
C TYR B 180 23.10 34.49 -0.39
N LEU B 181 22.71 35.56 0.29
CA LEU B 181 21.37 35.67 0.87
C LEU B 181 20.73 36.97 0.43
N GLY B 182 19.40 36.92 0.29
CA GLY B 182 18.64 38.10 -0.07
C GLY B 182 17.70 38.51 1.04
N SER B 183 17.82 39.75 1.51
CA SER B 183 17.14 40.17 2.73
C SER B 183 16.64 41.59 2.57
N ASN B 184 15.80 42.01 3.52
CA ASN B 184 15.49 43.42 3.64
C ASN B 184 16.71 44.21 4.08
N LYS B 185 17.74 43.54 4.62
CA LYS B 185 19.01 44.21 4.86
C LYS B 185 19.67 44.60 3.55
N GLY B 186 19.53 43.77 2.53
CA GLY B 186 20.23 43.88 1.27
C GLY B 186 20.76 42.52 0.88
N VAL B 187 21.51 42.48 -0.22
CA VAL B 187 22.11 41.23 -0.69
C VAL B 187 23.49 41.10 -0.08
N TYR B 188 23.72 40.00 0.62
CA TYR B 188 25.00 39.72 1.27
C TYR B 188 25.61 38.48 0.64
N LYS B 189 26.94 38.45 0.60
CA LYS B 189 27.67 37.35 0.00
C LYS B 189 28.71 36.82 0.97
N SER B 190 28.86 35.50 1.00
CA SER B 190 29.90 34.85 1.77
C SER B 190 30.69 33.94 0.84
N THR B 191 32.02 34.04 0.92
CA THR B 191 32.91 33.01 0.41
C THR B 191 33.31 32.03 1.51
N ASN B 192 32.68 32.14 2.67
CA ASN B 192 32.98 31.34 3.86
C ASN B 192 32.15 30.08 3.95
N GLY B 193 31.15 29.92 3.09
CA GLY B 193 30.07 28.99 3.36
C GLY B 193 29.06 29.50 4.36
N GLY B 194 29.18 30.75 4.79
CA GLY B 194 28.23 31.36 5.68
C GLY B 194 28.74 31.76 7.05
N LEU B 195 30.05 31.88 7.25
CA LEU B 195 30.58 32.26 8.56
C LEU B 195 30.88 33.75 8.67
N ASN B 196 31.11 34.44 7.56
CA ASN B 196 31.18 35.90 7.56
C ASN B 196 30.54 36.41 6.27
N TRP B 197 29.91 37.58 6.37
CA TRP B 197 29.23 38.21 5.26
C TRP B 197 29.56 39.69 5.23
N GLN B 198 29.22 40.34 4.11
CA GLN B 198 29.26 41.79 3.98
C GLN B 198 28.36 42.19 2.81
N ARG B 199 27.82 43.39 2.89
CA ARG B 199 26.73 43.79 2.03
C ARG B 199 27.20 44.06 0.60
N ILE B 200 26.42 43.57 -0.36
CA ILE B 200 26.54 43.99 -1.76
C ILE B 200 25.66 45.21 -1.95
N ALA B 201 26.21 46.24 -2.58
CA ALA B 201 25.42 47.42 -2.89
C ALA B 201 24.34 47.07 -3.92
N GLY B 202 23.10 47.44 -3.62
CA GLY B 202 22.02 47.23 -4.56
C GLY B 202 22.12 48.19 -5.72
N PRO B 203 21.14 48.09 -6.64
CA PRO B 203 21.18 48.95 -7.83
C PRO B 203 20.92 50.41 -7.53
N ASP B 204 20.21 50.71 -6.43
CA ASP B 204 19.93 52.08 -6.03
C ASP B 204 19.40 52.09 -4.60
N ASP B 205 20.30 51.98 -3.63
CA ASP B 205 19.90 51.86 -2.23
C ASP B 205 19.34 53.14 -1.66
N ALA B 206 19.38 54.25 -2.41
CA ALA B 206 18.77 55.48 -1.93
C ALA B 206 17.26 55.36 -1.87
N VAL B 207 16.65 54.63 -2.82
CA VAL B 207 15.21 54.56 -2.94
C VAL B 207 14.67 53.18 -2.61
N ARG B 208 15.39 52.11 -2.97
CA ARG B 208 14.88 50.74 -2.82
C ARG B 208 15.98 49.84 -2.24
N PRO B 209 16.26 49.95 -0.95
CA PRO B 209 17.35 49.16 -0.37
C PRO B 209 17.00 47.69 -0.17
N TRP B 210 15.72 47.36 -0.04
CA TRP B 210 15.32 46.02 0.39
C TRP B 210 15.27 45.07 -0.80
N ASN B 211 15.98 43.95 -0.69
CA ASN B 211 15.90 42.88 -1.68
C ASN B 211 14.79 41.92 -1.30
N LYS B 212 13.99 41.53 -2.30
CA LYS B 212 12.87 40.62 -2.11
C LYS B 212 13.15 39.26 -2.73
N GLY B 213 14.36 38.76 -2.56
CA GLY B 213 14.74 37.47 -3.09
C GLY B 213 15.82 37.58 -4.15
N ILE B 214 16.66 36.55 -4.23
CA ILE B 214 17.73 36.50 -5.21
C ILE B 214 17.71 35.15 -5.90
N ALA B 215 18.36 35.11 -7.06
CA ALA B 215 18.57 33.89 -7.80
C ALA B 215 19.97 33.91 -8.39
N LEU B 216 20.60 32.74 -8.44
CA LEU B 216 21.96 32.60 -8.92
C LEU B 216 21.99 31.54 -10.01
N SER B 217 22.62 31.86 -11.13
CA SER B 217 22.75 30.89 -12.21
C SER B 217 23.62 29.72 -11.76
N PRO B 218 23.31 28.50 -12.22
CA PRO B 218 24.08 27.33 -11.78
C PRO B 218 25.58 27.45 -11.95
N ASN B 219 26.07 28.17 -12.95
CA ASN B 219 27.50 28.35 -13.09
C ASN B 219 28.04 29.42 -12.14
N GLY B 220 27.17 29.98 -11.29
CA GLY B 220 27.57 30.97 -10.30
C GLY B 220 27.93 32.34 -10.84
N GLN B 221 27.69 32.60 -12.13
CA GLN B 221 28.27 33.76 -12.78
C GLN B 221 27.29 34.91 -13.01
N VAL B 222 25.98 34.71 -12.80
CA VAL B 222 25.01 35.78 -12.91
C VAL B 222 24.05 35.71 -11.72
N LEU B 223 23.69 36.88 -11.20
CA LEU B 223 22.79 37.02 -10.06
C LEU B 223 21.60 37.88 -10.46
N TYR B 224 20.39 37.41 -10.14
CA TYR B 224 19.16 38.14 -10.39
C TYR B 224 18.48 38.49 -9.07
N ALA B 225 17.82 39.64 -9.04
CA ALA B 225 17.23 40.10 -7.79
C ALA B 225 16.09 41.06 -8.08
N THR B 226 15.19 41.19 -7.10
CA THR B 226 14.18 42.23 -7.08
C THR B 226 14.41 43.11 -5.86
N TYR B 227 14.26 44.42 -6.04
CA TYR B 227 14.52 45.38 -4.98
C TYR B 227 13.29 46.26 -4.78
N ALA B 228 13.02 46.58 -3.51
CA ALA B 228 11.80 47.27 -3.15
C ALA B 228 12.12 48.46 -2.25
N GLU B 229 11.24 49.45 -2.27
CA GLU B 229 11.33 50.54 -1.31
C GLU B 229 11.28 50.00 0.11
N ALA B 230 11.87 50.74 1.03
CA ALA B 230 11.93 50.32 2.43
C ALA B 230 10.69 50.76 3.19
N LYS B 231 9.53 50.28 2.72
CA LYS B 231 8.26 50.59 3.33
C LYS B 231 7.67 49.36 3.99
N PRO B 232 7.18 49.47 5.23
CA PRO B 232 6.76 48.26 5.96
C PRO B 232 5.49 47.64 5.42
N ASP B 233 4.44 48.45 5.27
CA ASP B 233 3.14 47.95 4.85
C ASP B 233 3.15 47.63 3.36
N LEU B 234 2.88 46.35 3.03
CA LEU B 234 2.90 45.90 1.66
C LEU B 234 1.76 46.49 0.84
N ARG B 235 0.69 46.97 1.49
CA ARG B 235 -0.45 47.52 0.76
C ARG B 235 -0.11 48.82 0.06
N TYR B 236 0.94 49.51 0.48
CA TYR B 236 1.36 50.77 -0.14
C TYR B 236 2.78 50.68 -0.67
N ASN B 237 3.30 49.46 -0.85
CA ASN B 237 4.59 49.22 -1.48
C ASN B 237 4.31 48.24 -2.61
N THR B 238 4.13 48.76 -3.83
CA THR B 238 3.59 48.00 -4.93
C THR B 238 4.54 47.84 -6.11
N ASN B 239 5.67 48.54 -6.13
CA ASN B 239 6.54 48.62 -7.30
C ASN B 239 7.89 48.00 -6.97
N PHE B 240 8.01 46.69 -7.16
CA PHE B 240 9.27 45.99 -7.02
C PHE B 240 9.93 45.89 -8.39
N LEU B 241 11.21 46.22 -8.47
CA LEU B 241 11.91 46.24 -9.75
C LEU B 241 12.93 45.12 -9.82
N VAL B 242 13.12 44.59 -11.03
CA VAL B 242 13.93 43.40 -11.27
C VAL B 242 15.25 43.82 -11.90
N TYR B 243 16.34 43.24 -11.41
CA TYR B 243 17.68 43.61 -11.85
C TYR B 243 18.51 42.35 -12.05
N ALA B 244 19.62 42.53 -12.75
CA ALA B 244 20.59 41.47 -12.97
C ALA B 244 22.00 42.05 -12.92
N THR B 245 22.92 41.28 -12.37
CA THR B 245 24.32 41.65 -12.40
C THR B 245 25.14 40.39 -12.52
N ARG B 246 26.33 40.57 -13.06
CA ARG B 246 27.34 39.54 -12.99
C ARG B 246 27.93 39.49 -11.60
N THR B 247 28.42 38.31 -11.23
CA THR B 247 29.05 38.17 -9.92
C THR B 247 30.54 38.52 -9.92
N SER B 248 31.14 38.62 -11.11
CA SER B 248 32.51 39.13 -11.24
C SER B 248 32.62 40.66 -10.91
N ASN B 249 31.73 41.51 -11.43
CA ASN B 249 31.61 42.93 -11.18
C ASN B 249 30.19 43.21 -10.74
N ILE B 250 30.03 43.88 -9.61
CA ILE B 250 28.70 44.36 -9.26
C ILE B 250 28.36 45.50 -10.21
N ASN B 251 27.33 45.28 -11.03
CA ASN B 251 26.99 46.16 -12.14
C ASN B 251 25.54 45.89 -12.54
N TRP B 252 24.59 46.36 -11.73
CA TRP B 252 23.20 46.00 -11.89
C TRP B 252 22.61 46.63 -13.14
N GLN B 253 21.91 45.81 -13.91
CA GLN B 253 21.13 46.23 -15.06
C GLN B 253 19.68 45.94 -14.74
N GLN B 254 18.82 46.95 -14.85
CA GLN B 254 17.39 46.68 -14.70
C GLN B 254 16.89 45.89 -15.90
N VAL B 255 16.11 44.85 -15.65
CA VAL B 255 15.65 43.96 -16.69
C VAL B 255 14.14 43.77 -16.59
N THR B 256 13.40 44.88 -16.50
CA THR B 256 11.96 44.82 -16.38
C THR B 256 11.23 44.97 -17.71
N GLY B 257 11.93 45.34 -18.78
CA GLY B 257 11.31 45.50 -20.08
C GLY B 257 10.55 44.29 -20.53
N GLY B 258 9.23 44.43 -20.69
CA GLY B 258 8.37 43.32 -21.00
C GLY B 258 7.55 42.82 -19.83
N LEU B 259 7.86 43.26 -18.62
CA LEU B 259 7.06 42.93 -17.45
C LEU B 259 6.00 44.00 -17.22
N GLU B 260 4.85 43.57 -16.68
CA GLU B 260 3.84 44.52 -16.25
C GLU B 260 4.43 45.48 -15.23
N GLY B 261 4.08 46.76 -15.36
CA GLY B 261 4.56 47.74 -14.42
C GLY B 261 3.89 47.64 -13.07
N ASN B 262 4.59 48.12 -12.04
CA ASN B 262 4.03 48.30 -10.71
C ASN B 262 3.51 46.98 -10.11
N ARG B 263 4.41 46.01 -10.02
CA ARG B 263 4.08 44.70 -9.47
C ARG B 263 5.11 44.31 -8.41
N ARG B 264 4.67 43.53 -7.43
CA ARG B 264 5.51 43.14 -6.30
C ARG B 264 6.29 41.86 -6.61
N TYR B 265 7.11 41.94 -7.66
CA TYR B 265 7.90 40.80 -8.09
C TYR B 265 8.85 40.36 -6.97
N TRP B 266 8.94 39.05 -6.75
CA TRP B 266 9.78 38.55 -5.67
C TRP B 266 10.16 37.10 -5.95
N TYR B 267 11.12 36.61 -5.18
CA TYR B 267 11.57 35.23 -5.24
C TYR B 267 11.94 34.75 -6.65
N PRO B 268 12.85 35.43 -7.34
CA PRO B 268 13.29 34.93 -8.64
C PRO B 268 14.02 33.61 -8.47
N GLU B 269 14.00 32.79 -9.52
CA GLU B 269 14.61 31.47 -9.46
C GLU B 269 15.13 31.09 -10.84
N VAL B 270 16.37 30.61 -10.88
CA VAL B 270 16.98 30.15 -12.12
C VAL B 270 16.76 28.65 -12.26
N ASP B 271 16.34 28.23 -13.44
CA ASP B 271 16.21 26.81 -13.76
C ASP B 271 17.56 26.12 -13.54
N PRO B 272 17.63 25.10 -12.68
CA PRO B 272 18.92 24.40 -12.49
C PRO B 272 19.43 23.74 -13.76
N ARG B 273 18.60 23.65 -14.81
CA ARG B 273 19.04 23.14 -16.09
C ARG B 273 19.86 24.15 -16.88
N SER B 274 19.77 25.44 -16.55
CA SER B 274 20.48 26.49 -17.27
C SER B 274 21.93 26.52 -16.80
N THR B 275 22.68 25.50 -17.22
CA THR B 275 24.07 25.34 -16.83
C THR B 275 25.05 26.13 -17.71
N GLY B 276 24.59 26.69 -18.82
CA GLY B 276 25.43 27.47 -19.72
C GLY B 276 25.27 28.96 -19.51
N ASN B 277 25.24 29.70 -20.62
CA ASN B 277 25.12 31.15 -20.59
C ASN B 277 23.72 31.65 -20.89
N SER B 278 22.77 30.76 -21.20
CA SER B 278 21.37 31.13 -21.39
C SER B 278 20.58 30.66 -20.18
N HIS B 279 19.93 31.60 -19.49
CA HIS B 279 19.25 31.33 -18.24
C HIS B 279 17.75 31.49 -18.41
N LYS B 280 17.00 30.53 -17.87
CA LYS B 280 15.56 30.67 -17.70
C LYS B 280 15.30 31.08 -16.26
N VAL B 281 14.57 32.18 -16.08
CA VAL B 281 14.29 32.75 -14.77
C VAL B 281 12.79 32.74 -14.53
N LEU B 282 12.36 32.24 -13.38
CA LEU B 282 10.97 32.13 -13.00
C LEU B 282 10.62 33.25 -12.04
N LEU B 283 9.50 33.94 -12.29
CA LEU B 283 9.19 35.14 -11.51
C LEU B 283 7.68 35.26 -11.30
N GLY B 284 7.26 35.16 -10.04
CA GLY B 284 5.91 35.50 -9.64
C GLY B 284 5.90 36.72 -8.74
N ALA B 285 4.89 36.85 -7.88
CA ALA B 285 4.79 38.03 -7.03
C ALA B 285 3.93 37.72 -5.82
N VAL B 286 4.02 38.58 -4.82
CA VAL B 286 3.12 38.54 -3.68
C VAL B 286 1.95 39.46 -3.97
N LYS B 287 0.73 38.98 -3.69
CA LYS B 287 -0.53 39.71 -3.84
C LYS B 287 -0.98 39.86 -5.29
N ASP B 288 -0.12 40.39 -6.15
CA ASP B 288 -0.54 40.77 -7.50
C ASP B 288 -0.95 39.57 -8.33
N ARG B 289 -2.02 39.73 -9.11
CA ARG B 289 -2.57 38.68 -9.97
C ARG B 289 -2.22 38.99 -11.43
N PHE B 290 -1.25 38.25 -11.98
CA PHE B 290 -0.92 38.37 -13.39
C PHE B 290 -0.49 37.06 -14.01
N GLY B 291 -0.61 35.95 -13.28
CA GLY B 291 -0.04 34.69 -13.76
C GLY B 291 1.41 34.52 -13.34
N LEU B 292 2.24 34.02 -14.24
CA LEU B 292 3.62 33.69 -13.90
C LEU B 292 4.51 33.92 -15.11
N TYR B 293 5.68 34.53 -14.88
CA TYR B 293 6.61 34.87 -15.93
C TYR B 293 7.78 33.89 -15.96
N GLU B 294 8.23 33.56 -17.17
CA GLU B 294 9.53 32.94 -17.38
C GLU B 294 10.35 33.85 -18.30
N GLY B 295 11.55 34.21 -17.86
CA GLY B 295 12.42 35.07 -18.63
C GLY B 295 13.60 34.30 -19.17
N THR B 296 14.05 34.67 -20.37
CA THR B 296 15.21 34.07 -21.01
C THR B 296 16.30 35.13 -21.14
N PHE B 297 17.48 34.81 -20.64
CA PHE B 297 18.61 35.73 -20.66
C PHE B 297 19.77 35.07 -21.38
N ASN B 298 20.17 35.65 -22.51
CA ASN B 298 21.24 35.11 -23.34
C ASN B 298 22.48 35.96 -23.14
N TRP B 299 23.42 35.44 -22.36
CA TRP B 299 24.69 36.09 -22.09
C TRP B 299 25.74 35.57 -23.06
N ASP B 300 26.71 36.43 -23.36
CA ASP B 300 27.89 35.96 -24.06
C ASP B 300 29.10 36.08 -23.14
N ASN B 301 30.15 35.37 -23.52
CA ASN B 301 31.24 35.03 -22.61
C ASN B 301 32.02 36.25 -22.12
N ASN B 302 31.89 37.39 -22.79
CA ASN B 302 32.61 38.58 -22.37
C ASN B 302 32.00 39.21 -21.12
N GLY B 303 30.73 38.94 -20.85
CA GLY B 303 30.09 39.37 -19.64
C GLY B 303 28.97 40.39 -19.79
N ASN B 304 28.34 40.49 -20.95
CA ASN B 304 27.22 41.40 -21.16
C ASN B 304 25.97 40.64 -21.59
N LEU B 305 24.83 41.31 -21.41
CA LEU B 305 23.53 40.73 -21.71
C LEU B 305 23.23 41.01 -23.18
N THR B 306 23.39 39.99 -24.03
CA THR B 306 23.05 40.14 -25.45
C THR B 306 21.60 40.55 -25.62
N ASN B 307 20.69 39.72 -25.12
CA ASN B 307 19.27 39.98 -25.21
C ASN B 307 18.57 39.30 -24.04
N PHE B 308 17.34 39.72 -23.79
CA PHE B 308 16.49 39.05 -22.80
C PHE B 308 15.04 39.36 -23.13
N TYR B 309 14.15 38.44 -22.73
CA TYR B 309 12.72 38.66 -22.88
C TYR B 309 11.98 37.91 -21.79
N TRP B 310 10.80 38.43 -21.44
CA TRP B 310 9.91 37.81 -20.47
C TRP B 310 8.68 37.28 -21.18
N GLU B 311 8.23 36.11 -20.76
CA GLU B 311 7.06 35.46 -21.34
C GLU B 311 6.15 34.96 -20.23
N LYS B 312 4.85 35.17 -20.40
CA LYS B 312 3.88 34.65 -19.45
C LYS B 312 3.64 33.18 -19.77
N ILE B 313 4.06 32.29 -18.86
CA ILE B 313 3.81 30.86 -19.04
C ILE B 313 2.51 30.43 -18.36
N TRP B 314 1.87 31.34 -17.63
CA TRP B 314 0.59 31.11 -16.97
C TRP B 314 -0.13 32.44 -16.94
N ASP B 315 -1.43 32.44 -17.25
CA ASP B 315 -2.12 33.70 -17.50
C ASP B 315 -3.59 33.57 -17.10
N SER B 316 -4.36 34.60 -17.44
CA SER B 316 -5.79 34.65 -17.14
C SER B 316 -6.48 33.38 -17.62
N TYR B 317 -7.51 32.98 -16.89
CA TYR B 317 -8.28 31.80 -17.25
C TYR B 317 -8.89 31.98 -18.64
N ASP B 318 -8.59 31.04 -19.54
CA ASP B 318 -9.14 31.04 -20.89
C ASP B 318 -9.69 29.68 -21.28
N GLY B 319 -9.88 28.77 -20.31
CA GLY B 319 -10.32 27.43 -20.58
C GLY B 319 -9.22 26.42 -20.78
N SER B 320 -7.95 26.85 -20.85
CA SER B 320 -6.85 25.93 -21.14
C SER B 320 -6.32 25.23 -19.91
N TRP B 321 -6.82 25.54 -18.72
CA TRP B 321 -6.43 24.82 -17.51
C TRP B 321 -7.61 24.76 -16.56
N ASP B 322 -7.64 23.72 -15.73
CA ASP B 322 -8.72 23.49 -14.79
C ASP B 322 -8.55 24.42 -13.59
N ILE B 323 -9.42 25.45 -13.49
CA ILE B 323 -9.33 26.38 -12.38
C ILE B 323 -9.85 25.78 -11.09
N GLY B 324 -10.46 24.60 -11.14
CA GLY B 324 -10.97 24.00 -9.92
C GLY B 324 -12.15 24.77 -9.37
N TRP B 325 -12.43 24.56 -8.07
CA TRP B 325 -13.55 25.25 -7.47
C TRP B 325 -13.25 26.71 -7.20
N ASP B 326 -11.99 27.05 -6.95
CA ASP B 326 -11.58 28.41 -6.58
C ASP B 326 -11.34 29.22 -7.84
N TYR B 327 -12.38 29.92 -8.30
CA TYR B 327 -12.28 30.77 -9.48
C TYR B 327 -11.40 31.97 -9.14
N ALA B 328 -10.10 31.76 -9.19
CA ALA B 328 -9.10 32.76 -8.81
C ALA B 328 -8.24 33.06 -10.03
N THR B 329 -8.59 34.12 -10.75
CA THR B 329 -7.93 34.44 -12.01
C THR B 329 -7.80 35.96 -12.14
N PRO B 330 -6.66 36.45 -12.65
CA PRO B 330 -5.44 35.71 -12.98
C PRO B 330 -4.81 35.07 -11.75
N PRO B 331 -3.95 34.07 -11.93
CA PRO B 331 -3.26 33.48 -10.78
C PRO B 331 -2.40 34.53 -10.09
N ASN B 332 -2.39 34.48 -8.76
CA ASN B 332 -1.38 35.17 -7.97
C ASN B 332 -0.34 34.13 -7.58
N ALA B 333 0.74 34.06 -8.36
CA ALA B 333 1.78 33.06 -8.15
C ALA B 333 2.72 33.54 -7.04
N ARG B 334 2.27 33.35 -5.79
CA ARG B 334 3.04 33.79 -4.64
C ARG B 334 4.18 32.84 -4.30
N PHE B 335 4.30 31.73 -5.02
CA PHE B 335 5.53 30.95 -5.07
C PHE B 335 5.57 30.25 -6.41
N ALA B 336 6.78 29.90 -6.84
CA ALA B 336 6.95 29.20 -8.11
C ALA B 336 8.34 28.59 -8.14
N HIS B 337 8.42 27.28 -8.38
CA HIS B 337 9.68 26.56 -8.38
C HIS B 337 9.76 25.64 -9.58
N TYR B 338 10.95 25.58 -10.17
CA TYR B 338 11.26 24.54 -11.13
C TYR B 338 11.44 23.21 -10.42
N THR B 339 11.20 22.12 -11.14
CA THR B 339 11.47 20.80 -10.58
C THR B 339 12.99 20.55 -10.55
N PRO B 340 13.46 19.74 -9.60
CA PRO B 340 14.88 19.37 -9.59
C PRO B 340 15.25 18.59 -10.84
N VAL B 341 16.56 18.52 -11.09
CA VAL B 341 17.08 17.70 -12.19
C VAL B 341 17.42 16.28 -11.74
N THR B 342 17.50 16.04 -10.43
CA THR B 342 17.84 14.74 -9.89
C THR B 342 16.57 13.94 -9.58
N GLY B 343 16.77 12.68 -9.19
CA GLY B 343 15.70 11.84 -8.69
C GLY B 343 14.74 11.31 -9.73
N GLY B 344 14.99 11.52 -11.01
CA GLY B 344 14.06 11.11 -12.04
C GLY B 344 12.98 12.11 -12.36
N TRP B 345 13.08 13.34 -11.85
CA TRP B 345 12.07 14.35 -12.12
C TRP B 345 12.11 14.75 -13.58
N ALA B 346 10.92 14.97 -14.16
CA ALA B 346 10.84 15.67 -15.42
C ALA B 346 10.86 17.18 -15.17
N ARG B 347 11.01 17.95 -16.25
CA ARG B 347 11.01 19.40 -16.11
C ARG B 347 9.58 19.90 -15.91
N GLY B 348 9.37 20.67 -14.85
CA GLY B 348 8.06 21.21 -14.57
C GLY B 348 8.15 22.39 -13.62
N VAL B 349 6.99 22.95 -13.30
CA VAL B 349 6.89 24.10 -12.41
C VAL B 349 5.77 23.85 -11.40
N TRP B 350 6.08 24.08 -10.12
CA TRP B 350 5.08 24.06 -9.06
C TRP B 350 4.75 25.49 -8.67
N SER B 351 3.46 25.83 -8.64
CA SER B 351 3.04 27.19 -8.30
C SER B 351 1.61 27.15 -7.76
N THR B 352 0.92 28.29 -7.81
CA THR B 352 -0.38 28.44 -7.15
C THR B 352 -1.13 29.62 -7.77
N THR B 353 -2.46 29.62 -7.60
CA THR B 353 -3.24 30.81 -7.88
C THR B 353 -3.49 31.67 -6.65
N ASN B 354 -3.12 31.15 -5.47
CA ASN B 354 -2.99 31.81 -4.16
C ASN B 354 -3.35 30.83 -3.05
N GLN B 355 -4.55 30.25 -3.13
CA GLN B 355 -5.04 29.30 -2.12
C GLN B 355 -4.92 27.86 -2.58
N THR B 356 -4.16 27.59 -3.64
CA THR B 356 -4.24 26.33 -4.36
C THR B 356 -2.84 25.77 -4.59
N MET B 357 -2.78 24.62 -5.26
CA MET B 357 -1.53 24.00 -5.68
C MET B 357 -1.68 23.58 -7.14
N TYR B 358 -0.72 23.99 -7.97
CA TYR B 358 -0.78 23.73 -9.40
C TYR B 358 0.57 23.25 -9.89
N TYR B 359 0.56 22.29 -10.82
CA TYR B 359 1.78 21.79 -11.43
C TYR B 359 1.67 21.90 -12.94
N ALA B 360 2.76 22.34 -13.56
CA ALA B 360 2.84 22.47 -15.01
C ALA B 360 3.88 21.51 -15.55
N SER B 361 3.49 20.69 -16.52
CA SER B 361 4.47 19.92 -17.27
C SER B 361 4.94 20.72 -18.48
N HIS B 362 6.13 20.38 -18.96
CA HIS B 362 6.79 21.16 -20.00
C HIS B 362 7.00 20.30 -21.24
N ASN B 363 6.71 20.88 -22.40
CA ASN B 363 7.00 20.27 -23.69
C ASN B 363 8.22 20.98 -24.28
N SER B 364 9.33 20.25 -24.39
CA SER B 364 10.59 20.89 -24.75
C SER B 364 10.66 21.23 -26.25
N GLY B 365 10.13 20.38 -27.12
CA GLY B 365 10.17 20.61 -28.55
C GLY B 365 9.16 21.67 -28.96
N ASN B 366 8.49 22.20 -27.95
CA ASN B 366 7.39 23.16 -28.06
C ASN B 366 7.55 24.37 -27.16
N ASN B 367 8.21 24.26 -26.00
CA ASN B 367 8.27 25.31 -24.97
C ASN B 367 6.87 25.71 -24.50
N SER B 368 6.00 24.72 -24.37
CA SER B 368 4.65 24.92 -23.86
C SER B 368 4.51 24.27 -22.49
N TYR B 369 3.66 24.86 -21.67
CA TYR B 369 3.38 24.39 -20.33
C TYR B 369 1.92 23.95 -20.25
N SER B 370 1.69 22.84 -19.55
CA SER B 370 0.36 22.28 -19.38
C SER B 370 0.04 22.27 -17.88
N TRP B 371 -0.82 23.18 -17.45
CA TRP B 371 -1.09 23.37 -16.04
C TRP B 371 -2.13 22.37 -15.54
N GLN B 372 -1.85 21.79 -14.37
CA GLN B 372 -2.66 20.72 -13.80
C GLN B 372 -3.13 21.11 -12.42
N ASN B 373 -4.41 20.89 -12.15
CA ASN B 373 -5.01 21.17 -10.85
C ASN B 373 -4.57 20.10 -9.85
N LYS B 374 -3.86 20.52 -8.80
CA LYS B 374 -3.33 19.60 -7.80
C LYS B 374 -3.89 19.89 -6.40
N TYR B 375 -5.09 20.46 -6.32
CA TYR B 375 -5.73 20.68 -5.03
C TYR B 375 -7.13 20.14 -4.92
N SER B 376 -7.84 19.93 -6.03
CA SER B 376 -9.21 19.43 -5.98
C SER B 376 -9.47 18.58 -7.22
N THR B 377 -10.49 17.74 -7.12
CA THR B 377 -10.80 16.76 -8.16
C THR B 377 -12.22 16.98 -8.67
N PRO B 378 -12.43 17.19 -9.97
CA PRO B 378 -13.79 17.39 -10.47
C PRO B 378 -14.58 16.09 -10.46
N THR B 379 -15.88 16.22 -10.20
CA THR B 379 -16.80 15.11 -10.29
C THR B 379 -17.65 15.25 -11.55
N SER B 380 -18.60 14.31 -11.70
CA SER B 380 -19.48 14.33 -12.85
C SER B 380 -20.70 15.22 -12.65
N GLN B 381 -20.90 15.78 -11.46
CA GLN B 381 -21.98 16.73 -11.23
C GLN B 381 -21.57 18.11 -11.74
N THR B 382 -22.54 18.85 -12.26
CA THR B 382 -22.28 20.17 -12.81
C THR B 382 -23.17 21.22 -12.17
N VAL B 383 -22.65 22.45 -12.14
CA VAL B 383 -23.36 23.63 -11.68
C VAL B 383 -23.39 24.61 -12.86
N ASN B 384 -24.59 24.97 -13.28
CA ASN B 384 -24.75 25.95 -14.36
C ASN B 384 -24.64 27.35 -13.79
N TRP B 385 -23.65 28.12 -14.26
CA TRP B 385 -23.46 29.48 -13.74
C TRP B 385 -22.75 30.32 -14.80
N TYR B 386 -23.35 31.47 -15.12
CA TYR B 386 -22.75 32.46 -16.01
C TYR B 386 -22.48 31.86 -17.40
N GLY B 387 -23.47 31.10 -17.91
CA GLY B 387 -23.35 30.52 -19.23
C GLY B 387 -22.36 29.39 -19.36
N THR B 388 -21.91 28.80 -18.26
CA THR B 388 -20.96 27.71 -18.28
C THR B 388 -21.37 26.69 -17.22
N GLU B 389 -21.10 25.41 -17.50
CA GLU B 389 -21.42 24.34 -16.57
C GLU B 389 -20.14 23.93 -15.85
N TRP B 390 -20.08 24.20 -14.55
CA TRP B 390 -18.89 23.98 -13.74
C TRP B 390 -19.05 22.71 -12.92
N PRO B 391 -18.05 21.84 -12.90
CA PRO B 391 -18.14 20.64 -12.05
C PRO B 391 -18.12 21.02 -10.58
N THR B 392 -18.64 20.12 -9.75
CA THR B 392 -18.32 20.19 -8.34
C THR B 392 -16.97 19.52 -8.10
N TYR B 393 -16.34 19.85 -6.98
CA TYR B 393 -14.98 19.42 -6.72
C TYR B 393 -14.85 18.83 -5.33
N LYS B 394 -14.18 17.69 -5.23
CA LYS B 394 -13.83 17.09 -3.96
C LYS B 394 -12.34 17.29 -3.68
N GLY B 395 -12.00 17.39 -2.40
CA GLY B 395 -10.63 17.70 -2.02
C GLY B 395 -9.67 16.57 -2.32
N LYS B 396 -8.40 16.93 -2.45
CA LYS B 396 -7.33 15.98 -2.67
C LYS B 396 -6.58 15.62 -1.40
N GLY B 397 -7.09 16.01 -0.23
CA GLY B 397 -6.48 15.66 1.03
C GLY B 397 -6.11 16.83 1.92
N THR B 398 -6.16 18.07 1.43
CA THR B 398 -5.90 19.24 2.26
C THR B 398 -7.19 20.03 2.42
N GLU B 399 -7.29 20.76 3.53
CA GLU B 399 -8.37 21.72 3.73
C GLU B 399 -7.84 22.83 4.61
N SER B 400 -7.99 24.07 4.14
CA SER B 400 -7.37 25.20 4.83
C SER B 400 -8.29 26.41 4.89
N THR B 401 -9.60 26.20 4.88
CA THR B 401 -10.54 27.31 4.87
C THR B 401 -10.92 27.71 6.29
N TYR B 402 -11.10 29.01 6.49
CA TYR B 402 -11.77 29.51 7.68
C TYR B 402 -13.28 29.35 7.46
N THR B 403 -13.89 28.40 8.17
CA THR B 403 -15.31 28.15 8.05
C THR B 403 -16.02 28.58 9.33
N TYR B 404 -17.04 29.45 9.17
CA TYR B 404 -17.76 30.02 10.30
C TYR B 404 -18.83 29.08 10.84
N ASP B 405 -19.59 28.44 9.95
CA ASP B 405 -20.85 27.80 10.31
C ASP B 405 -21.16 26.75 9.26
N VAL B 406 -22.08 25.83 9.61
CA VAL B 406 -22.49 24.75 8.72
C VAL B 406 -23.98 24.53 8.90
N ALA B 407 -24.64 24.11 7.82
CA ALA B 407 -26.04 23.70 7.87
C ALA B 407 -26.24 22.53 6.92
N VAL B 408 -27.12 21.61 7.28
CA VAL B 408 -27.34 20.38 6.52
C VAL B 408 -28.84 20.16 6.36
N HIS B 409 -29.24 19.77 5.15
CA HIS B 409 -30.58 19.22 4.95
C HIS B 409 -30.51 18.14 3.88
N GLU B 410 -30.75 16.89 4.28
CA GLU B 410 -30.71 15.72 3.39
C GLU B 410 -29.34 15.68 2.73
N ASN B 411 -29.24 15.67 1.40
CA ASN B 411 -27.96 15.62 0.70
C ASN B 411 -27.28 16.98 0.61
N TYR B 412 -27.97 18.06 0.96
CA TYR B 412 -27.43 19.41 0.84
C TYR B 412 -26.64 19.78 2.07
N VAL B 413 -25.44 20.34 1.86
CA VAL B 413 -24.61 20.88 2.93
C VAL B 413 -24.10 22.24 2.48
N ILE B 414 -24.07 23.21 3.39
CA ILE B 414 -23.44 24.49 3.12
C ILE B 414 -22.42 24.77 4.22
N GLN B 415 -21.22 25.17 3.80
CA GLN B 415 -20.23 25.78 4.68
C GLN B 415 -20.24 27.28 4.45
N GLY B 416 -20.43 28.05 5.50
CA GLY B 416 -20.24 29.48 5.42
C GLY B 416 -18.79 29.83 5.71
N GLN B 417 -18.10 30.44 4.76
CA GLN B 417 -16.66 30.63 4.87
C GLN B 417 -16.29 32.10 4.75
N ALA B 418 -15.10 32.42 5.26
CA ALA B 418 -14.43 33.65 4.92
C ALA B 418 -13.71 33.48 3.58
N ASP B 419 -13.60 34.59 2.84
CA ASP B 419 -12.94 34.63 1.54
C ASP B 419 -13.69 33.87 0.45
N ASN B 420 -14.13 32.64 0.73
CA ASN B 420 -14.76 31.80 -0.27
C ASN B 420 -16.28 31.75 -0.18
N GLY B 421 -16.88 32.42 0.81
CA GLY B 421 -18.31 32.67 0.79
C GLY B 421 -19.17 31.41 0.91
N LEU B 422 -20.17 31.33 0.04
CA LEU B 422 -21.16 30.25 0.06
C LEU B 422 -20.54 29.00 -0.57
N MET B 423 -20.12 28.05 0.26
CA MET B 423 -19.53 26.79 -0.20
C MET B 423 -20.58 25.70 -0.04
N GLU B 424 -21.04 25.14 -1.15
CA GLU B 424 -22.23 24.31 -1.14
C GLU B 424 -21.96 22.93 -1.72
N SER B 425 -22.66 21.94 -1.16
CA SER B 425 -22.55 20.55 -1.58
C SER B 425 -23.93 19.95 -1.76
N TRP B 426 -24.05 19.04 -2.73
CA TRP B 426 -25.29 18.32 -2.96
C TRP B 426 -25.10 16.81 -2.92
N ASP B 427 -23.96 16.32 -2.41
CA ASP B 427 -23.70 14.90 -2.23
C ASP B 427 -23.24 14.61 -0.81
N GLY B 428 -23.78 15.34 0.16
CA GLY B 428 -23.46 15.09 1.55
C GLY B 428 -22.16 15.66 2.04
N GLY B 429 -21.52 16.55 1.29
CA GLY B 429 -20.27 17.14 1.70
C GLY B 429 -19.03 16.56 1.07
N VAL B 430 -19.17 15.65 0.10
CA VAL B 430 -18.01 15.11 -0.59
C VAL B 430 -17.46 16.13 -1.59
N SER B 431 -18.31 16.67 -2.44
CA SER B 431 -17.88 17.60 -3.49
C SER B 431 -18.67 18.90 -3.38
N TRP B 432 -18.05 19.99 -3.84
CA TRP B 432 -18.55 21.32 -3.55
C TRP B 432 -18.44 22.24 -4.75
N SER B 433 -19.19 23.34 -4.69
CA SER B 433 -19.05 24.46 -5.60
C SER B 433 -19.36 25.73 -4.81
N ASN B 434 -18.61 26.80 -5.09
CA ASN B 434 -18.93 28.11 -4.52
C ASN B 434 -19.17 29.15 -5.61
N MET B 435 -19.44 28.69 -6.84
CA MET B 435 -19.59 29.61 -7.97
C MET B 435 -20.78 30.55 -7.78
N GLN B 436 -21.81 30.11 -7.07
CA GLN B 436 -23.00 30.95 -6.92
C GLN B 436 -22.78 32.17 -6.03
N HIS B 437 -21.65 32.26 -5.32
CA HIS B 437 -21.37 33.47 -4.56
C HIS B 437 -20.89 34.61 -5.43
N ARG B 438 -20.52 34.32 -6.68
CA ARG B 438 -20.08 35.35 -7.63
C ARG B 438 -21.30 35.83 -8.41
N ARG B 439 -21.89 36.94 -7.96
CA ARG B 439 -23.17 37.39 -8.46
C ARG B 439 -23.06 38.24 -9.73
N GLY B 440 -21.86 38.64 -10.11
CA GLY B 440 -21.68 39.46 -11.30
C GLY B 440 -21.52 40.93 -10.97
N GLY B 441 -20.91 41.66 -11.89
CA GLY B 441 -20.66 43.07 -11.68
C GLY B 441 -19.76 43.38 -10.51
N GLY B 442 -18.79 42.50 -10.23
CA GLY B 442 -17.91 42.70 -9.10
C GLY B 442 -18.54 42.55 -7.74
N PHE B 443 -19.74 41.98 -7.65
CA PHE B 443 -20.44 41.77 -6.39
C PHE B 443 -20.32 40.30 -6.02
N ASN B 444 -19.46 40.00 -5.04
CA ASN B 444 -19.16 38.63 -4.65
C ASN B 444 -19.47 38.44 -3.17
N LEU B 445 -20.23 37.39 -2.85
CA LEU B 445 -20.62 37.10 -1.48
C LEU B 445 -19.56 36.20 -0.84
N SER B 446 -18.40 36.81 -0.54
CA SER B 446 -17.22 36.07 -0.13
C SER B 446 -17.14 35.82 1.38
N ASP B 447 -18.09 36.32 2.17
CA ASP B 447 -18.06 36.15 3.63
C ASP B 447 -19.44 35.75 4.11
N VAL B 448 -19.52 34.58 4.77
CA VAL B 448 -20.80 33.97 5.15
C VAL B 448 -20.65 33.50 6.60
N GLN B 449 -21.02 34.36 7.55
CA GLN B 449 -20.76 34.09 8.96
C GLN B 449 -21.85 33.26 9.65
N ALA B 450 -22.98 33.03 9.00
CA ALA B 450 -24.06 32.26 9.64
C ALA B 450 -24.93 31.63 8.57
N VAL B 451 -25.31 30.37 8.79
CA VAL B 451 -26.24 29.64 7.94
C VAL B 451 -27.19 28.84 8.82
N ASP B 452 -28.37 28.54 8.28
CA ASP B 452 -29.37 27.71 8.95
C ASP B 452 -30.39 27.25 7.92
N ILE B 453 -31.29 26.37 8.34
CA ILE B 453 -32.35 25.83 7.48
C ILE B 453 -33.68 26.25 8.06
N ALA B 454 -34.48 26.95 7.26
CA ALA B 454 -35.81 27.41 7.63
C ALA B 454 -36.87 26.64 6.87
N ASP B 455 -38.12 27.12 6.94
CA ASP B 455 -39.26 26.43 6.36
C ASP B 455 -40.18 27.45 5.69
N ALA B 456 -40.27 27.40 4.37
CA ALA B 456 -41.10 28.32 3.58
C ALA B 456 -42.26 27.54 2.97
N TRP B 457 -43.41 27.58 3.63
CA TRP B 457 -44.62 26.89 3.18
C TRP B 457 -44.35 25.40 2.95
N GLY B 458 -43.54 24.80 3.83
CA GLY B 458 -43.24 23.38 3.74
C GLY B 458 -42.01 23.03 2.95
N VAL B 459 -41.37 23.99 2.30
CA VAL B 459 -40.15 23.75 1.52
C VAL B 459 -38.95 24.15 2.37
N PRO B 460 -38.03 23.24 2.67
CA PRO B 460 -36.83 23.63 3.44
C PRO B 460 -36.03 24.67 2.69
N THR B 461 -35.56 25.68 3.43
CA THR B 461 -34.98 26.87 2.83
C THR B 461 -33.74 27.29 3.61
N VAL B 462 -32.59 27.31 2.92
CA VAL B 462 -31.37 27.81 3.53
C VAL B 462 -31.52 29.31 3.78
N VAL B 463 -31.07 29.76 4.94
CA VAL B 463 -30.93 31.18 5.25
C VAL B 463 -29.48 31.45 5.58
N ALA B 464 -28.97 32.62 5.16
CA ALA B 464 -27.56 32.90 5.33
C ALA B 464 -27.33 34.40 5.49
N GLN B 465 -26.39 34.73 6.38
CA GLN B 465 -25.74 36.03 6.34
C GLN B 465 -24.63 35.96 5.31
N ALA B 466 -24.73 36.75 4.24
CA ALA B 466 -23.80 36.65 3.12
C ALA B 466 -23.53 38.03 2.56
N THR B 467 -22.24 38.38 2.43
CA THR B 467 -21.87 39.74 2.06
C THR B 467 -20.48 39.72 1.45
N SER B 468 -20.08 40.88 0.94
CA SER B 468 -18.77 41.04 0.35
C SER B 468 -17.71 41.34 1.42
N GLY B 469 -16.46 41.21 1.03
CA GLY B 469 -15.36 41.44 1.94
C GLY B 469 -14.47 40.23 2.13
N TYR B 470 -13.16 40.46 2.19
CA TYR B 470 -12.17 39.41 2.31
C TYR B 470 -11.44 39.50 3.65
N GLY B 471 -10.83 38.37 4.03
CA GLY B 471 -10.13 38.31 5.31
C GLY B 471 -11.01 38.46 6.51
N GLY B 472 -12.29 38.10 6.39
CA GLY B 472 -13.24 38.30 7.46
C GLY B 472 -13.78 39.71 7.58
N GLY B 473 -13.38 40.63 6.70
CA GLY B 473 -13.86 42.00 6.75
C GLY B 473 -15.21 42.17 6.09
N ALA B 474 -16.23 41.50 6.64
CA ALA B 474 -17.57 41.56 6.08
C ALA B 474 -18.09 43.00 6.06
N HIS B 475 -18.65 43.40 4.93
CA HIS B 475 -19.00 44.81 4.75
C HIS B 475 -20.31 45.17 5.45
N ASN B 476 -21.30 44.28 5.43
CA ASN B 476 -22.61 44.62 5.99
C ASN B 476 -23.42 43.35 6.17
N GLY B 477 -24.60 43.52 6.78
CA GLY B 477 -25.52 42.41 6.99
C GLY B 477 -26.50 42.30 5.83
N ARG B 478 -26.62 41.09 5.30
CA ARG B 478 -27.59 40.76 4.25
C ARG B 478 -28.17 39.39 4.53
N LEU B 479 -29.49 39.27 4.42
CA LEU B 479 -30.17 38.00 4.63
C LEU B 479 -30.53 37.41 3.27
N TRP B 480 -29.96 36.24 2.97
CA TRP B 480 -30.24 35.52 1.74
C TRP B 480 -30.97 34.22 2.03
N ALA B 481 -31.75 33.75 1.06
CA ALA B 481 -32.56 32.56 1.21
C ALA B 481 -32.50 31.72 -0.06
N LYS B 482 -32.32 30.41 0.10
CA LYS B 482 -32.34 29.47 -1.03
C LYS B 482 -33.36 28.38 -0.74
N ARG B 483 -34.45 28.39 -1.48
CA ARG B 483 -35.44 27.32 -1.36
C ARG B 483 -34.89 26.04 -1.96
N LEU B 484 -34.90 24.97 -1.17
CA LEU B 484 -34.37 23.67 -1.61
C LEU B 484 -35.46 22.88 -2.33
N ASN B 485 -35.88 23.43 -3.47
CA ASN B 485 -36.93 22.78 -4.26
C ASN B 485 -36.47 21.44 -4.79
N THR B 486 -35.21 21.35 -5.20
CA THR B 486 -34.68 20.13 -5.80
C THR B 486 -33.48 19.55 -5.07
N HIS B 487 -32.93 20.24 -4.07
CA HIS B 487 -31.69 19.84 -3.41
C HIS B 487 -30.61 19.59 -4.46
N SER B 488 -30.45 20.54 -5.35
CA SER B 488 -29.59 20.40 -6.53
C SER B 488 -29.02 21.76 -6.85
N PRO B 489 -27.98 21.82 -7.70
CA PRO B 489 -27.46 23.13 -8.12
C PRO B 489 -28.48 24.01 -8.82
N ALA B 490 -29.64 23.48 -9.19
CA ALA B 490 -30.66 24.30 -9.83
C ALA B 490 -31.30 25.29 -8.86
N ASP B 491 -31.25 25.02 -7.55
CA ASP B 491 -31.78 25.97 -6.57
C ASP B 491 -30.95 27.25 -6.59
N GLN B 492 -31.61 28.37 -6.25
CA GLN B 492 -31.02 29.69 -6.39
C GLN B 492 -31.16 30.52 -5.11
N TRP B 493 -30.21 31.44 -4.93
CA TRP B 493 -30.24 32.40 -3.83
C TRP B 493 -31.01 33.66 -4.23
N VAL B 494 -31.77 34.21 -3.28
CA VAL B 494 -32.37 35.52 -3.41
C VAL B 494 -32.12 36.29 -2.12
N GLU B 495 -31.92 37.60 -2.24
CA GLU B 495 -31.69 38.45 -1.07
C GLU B 495 -33.02 38.96 -0.53
N LEU B 496 -33.24 38.76 0.77
CA LEU B 496 -34.51 39.14 1.39
C LEU B 496 -34.45 40.46 2.14
N ALA B 497 -33.31 40.82 2.72
CA ALA B 497 -33.25 42.01 3.56
C ALA B 497 -31.81 42.43 3.77
N GLY B 498 -31.63 43.69 4.20
CA GLY B 498 -30.32 44.19 4.57
C GLY B 498 -29.60 44.92 3.46
N GLY B 499 -28.28 44.77 3.41
CA GLY B 499 -27.45 45.48 2.47
C GLY B 499 -27.27 46.91 2.88
N PRO B 500 -26.46 47.68 2.13
CA PRO B 500 -26.27 49.08 2.47
C PRO B 500 -27.51 49.94 2.28
N ASN B 501 -28.47 49.51 1.47
CA ASN B 501 -29.71 50.27 1.32
C ASN B 501 -30.80 49.82 2.28
N ALA B 502 -30.47 48.96 3.24
CA ALA B 502 -31.38 48.59 4.33
C ALA B 502 -32.71 48.05 3.79
N LYS B 503 -32.61 47.09 2.87
CA LYS B 503 -33.79 46.44 2.33
C LYS B 503 -34.62 45.83 3.45
N ALA B 504 -35.94 45.94 3.32
CA ALA B 504 -36.91 45.44 4.30
C ALA B 504 -36.77 46.09 5.67
N GLY B 505 -36.07 47.22 5.74
CA GLY B 505 -35.86 47.86 7.03
C GLY B 505 -34.82 47.21 7.91
N LEU B 506 -34.09 46.20 7.41
CA LEU B 506 -33.01 45.60 8.17
C LEU B 506 -31.75 46.44 8.01
N PRO B 507 -31.16 46.95 9.09
CA PRO B 507 -30.02 47.86 8.96
C PRO B 507 -28.77 47.15 8.49
N LYS B 508 -27.74 47.96 8.21
CA LYS B 508 -26.54 47.51 7.52
C LYS B 508 -25.56 46.73 8.40
N GLY B 509 -25.80 46.63 9.70
CA GLY B 509 -24.87 45.93 10.57
C GLY B 509 -24.83 44.44 10.24
N VAL B 510 -23.62 43.88 10.27
CA VAL B 510 -23.43 42.46 9.97
C VAL B 510 -24.32 41.61 10.86
N LEU B 511 -25.05 40.68 10.24
CA LEU B 511 -25.88 39.73 10.99
C LEU B 511 -24.96 38.61 11.48
N ARG B 512 -24.32 38.86 12.62
CA ARG B 512 -23.26 37.96 13.06
C ARG B 512 -23.79 36.57 13.36
N ASP B 513 -25.05 36.44 13.76
CA ASP B 513 -25.70 35.14 13.71
C ASP B 513 -27.12 35.28 13.21
N VAL B 514 -27.58 34.21 12.58
CA VAL B 514 -28.94 34.05 12.07
C VAL B 514 -29.39 32.68 12.53
N ALA B 515 -30.57 32.60 13.14
CA ALA B 515 -31.01 31.34 13.71
C ALA B 515 -32.51 31.15 13.52
N VAL B 516 -32.90 29.91 13.22
CA VAL B 516 -34.28 29.53 12.98
C VAL B 516 -34.88 28.97 14.26
N SER B 517 -36.12 29.34 14.55
CA SER B 517 -36.80 28.81 15.73
C SER B 517 -37.15 27.35 15.52
N PRO B 518 -36.69 26.44 16.38
CA PRO B 518 -37.11 25.04 16.24
C PRO B 518 -38.60 24.84 16.46
N ALA B 519 -39.23 25.68 17.28
CA ALA B 519 -40.66 25.55 17.53
C ALA B 519 -41.48 25.98 16.32
N ASN B 520 -40.94 26.90 15.51
CA ASN B 520 -41.63 27.40 14.33
C ASN B 520 -40.58 27.70 13.27
N PRO B 521 -40.20 26.69 12.47
CA PRO B 521 -39.10 26.88 11.52
C PRO B 521 -39.38 27.87 10.41
N ALA B 522 -40.56 28.48 10.37
CA ALA B 522 -40.79 29.60 9.46
C ALA B 522 -40.28 30.92 10.02
N LYS B 523 -40.01 30.97 11.32
CA LYS B 523 -39.59 32.20 12.00
C LYS B 523 -38.07 32.22 12.12
N VAL B 524 -37.46 33.34 11.73
CA VAL B 524 -36.00 33.46 11.69
C VAL B 524 -35.59 34.70 12.47
N PHE B 525 -34.59 34.54 13.35
CA PHE B 525 -34.02 35.64 14.12
C PHE B 525 -32.65 36.01 13.57
N MET B 526 -32.28 37.28 13.73
CA MET B 526 -30.97 37.77 13.32
C MET B 526 -30.62 39.00 14.14
N PHE B 527 -29.33 39.15 14.45
CA PHE B 527 -28.84 40.30 15.20
C PHE B 527 -27.90 41.10 14.32
N SER B 528 -28.30 42.33 14.00
CA SER B 528 -27.50 43.25 13.20
C SER B 528 -26.55 43.99 14.13
N SER B 529 -25.25 43.75 13.94
CA SER B 529 -24.23 44.27 14.86
C SER B 529 -24.35 45.78 15.02
N ASN B 530 -24.47 46.21 16.27
CA ASN B 530 -24.58 47.60 16.70
C ASN B 530 -25.91 48.23 16.32
N TYR B 531 -26.91 47.42 15.97
CA TYR B 531 -28.25 47.94 15.72
C TYR B 531 -29.32 47.27 16.58
N GLY B 532 -29.38 45.94 16.57
CA GLY B 532 -30.32 45.23 17.42
C GLY B 532 -30.74 43.93 16.79
N MET B 533 -31.76 43.31 17.39
CA MET B 533 -32.26 42.02 16.94
C MET B 533 -33.53 42.19 16.13
N TYR B 534 -33.61 41.45 15.02
CA TYR B 534 -34.71 41.54 14.09
C TYR B 534 -35.26 40.16 13.81
N MET B 535 -36.48 40.11 13.31
CA MET B 535 -37.21 38.85 13.16
C MET B 535 -37.92 38.84 11.83
N VAL B 536 -37.81 37.72 11.12
CA VAL B 536 -38.69 37.41 10.00
C VAL B 536 -39.78 36.49 10.55
N GLU B 537 -40.99 37.03 10.70
CA GLU B 537 -42.06 36.28 11.34
C GLU B 537 -42.40 35.01 10.58
N ASP B 538 -42.46 35.09 9.25
CA ASP B 538 -42.76 33.94 8.41
C ASP B 538 -41.98 34.11 7.11
N ILE B 539 -40.97 33.25 6.90
CA ILE B 539 -40.13 33.43 5.73
C ILE B 539 -40.85 33.08 4.44
N GLY B 540 -41.87 32.23 4.50
CA GLY B 540 -42.69 32.00 3.32
C GLY B 540 -43.40 33.25 2.85
N ARG B 541 -43.97 34.01 3.79
CA ARG B 541 -44.62 35.27 3.45
C ARG B 541 -43.62 36.26 2.87
N ALA B 542 -42.42 36.34 3.45
CA ALA B 542 -41.38 37.20 2.91
C ALA B 542 -41.02 36.79 1.49
N LEU B 543 -41.01 35.49 1.21
CA LEU B 543 -40.74 35.04 -0.14
C LEU B 543 -41.92 35.31 -1.07
N ASP B 544 -43.15 35.28 -0.55
CA ASP B 544 -44.31 35.67 -1.35
C ASP B 544 -44.14 37.08 -1.89
N TYR B 545 -43.74 38.02 -1.02
CA TYR B 545 -43.52 39.39 -1.46
C TYR B 545 -42.34 39.48 -2.42
N HIS B 546 -41.25 38.74 -2.14
CA HIS B 546 -40.08 38.85 -2.98
C HIS B 546 -40.38 38.40 -4.41
N ASP B 547 -41.15 37.31 -4.56
CA ASP B 547 -41.44 36.80 -5.89
C ASP B 547 -42.32 37.74 -6.70
N ARG B 548 -42.96 38.72 -6.05
CA ARG B 548 -43.75 39.73 -6.75
C ARG B 548 -42.94 40.98 -7.07
N GLY B 549 -41.63 40.94 -6.88
CA GLY B 549 -40.84 42.17 -7.01
C GLY B 549 -41.12 43.16 -5.91
N GLU B 550 -41.46 42.69 -4.71
CA GLU B 550 -41.78 43.55 -3.58
C GLU B 550 -40.96 43.10 -2.38
N THR B 551 -41.11 43.80 -1.26
CA THR B 551 -40.35 43.50 -0.07
C THR B 551 -41.23 43.61 1.15
N LEU B 552 -41.26 42.57 1.95
CA LEU B 552 -41.96 42.56 3.23
C LEU B 552 -41.01 43.01 4.34
N PRO B 553 -41.38 44.01 5.13
CA PRO B 553 -40.47 44.48 6.19
C PRO B 553 -40.17 43.39 7.20
N VAL B 554 -38.95 43.43 7.75
CA VAL B 554 -38.62 42.61 8.91
C VAL B 554 -39.24 43.26 10.13
N THR B 555 -39.18 42.57 11.27
CA THR B 555 -39.67 43.10 12.54
C THR B 555 -38.50 43.30 13.48
N GLN B 556 -38.37 44.51 14.04
CA GLN B 556 -37.40 44.74 15.09
C GLN B 556 -37.99 44.33 16.43
N ILE B 557 -37.25 43.52 17.18
CA ILE B 557 -37.69 43.11 18.51
C ILE B 557 -36.76 43.59 19.62
N TYR B 558 -35.60 44.17 19.30
CA TYR B 558 -34.68 44.65 20.32
C TYR B 558 -33.77 45.71 19.74
N GLU B 559 -33.72 46.89 20.37
CA GLU B 559 -32.76 47.92 19.99
C GLU B 559 -31.45 47.67 20.71
N GLY B 560 -30.35 47.68 19.96
CA GLY B 560 -29.04 47.53 20.53
C GLY B 560 -28.13 48.66 20.11
N LEU B 561 -28.62 49.89 20.26
CA LEU B 561 -27.91 51.09 19.84
C LEU B 561 -27.17 51.76 20.97
N ASP B 562 -27.22 51.20 22.17
CA ASP B 562 -27.03 51.93 23.41
C ASP B 562 -25.92 51.25 24.21
N ASN B 563 -24.73 51.87 24.21
CA ASN B 563 -23.50 51.19 24.63
C ASN B 563 -23.56 50.71 26.07
N SER B 564 -24.07 51.53 26.98
CA SER B 564 -24.04 51.23 28.40
C SER B 564 -25.22 50.39 28.87
N ASN B 565 -26.28 50.28 28.07
CA ASN B 565 -27.49 49.57 28.46
C ASN B 565 -27.77 48.33 27.64
N ASP B 566 -27.41 48.31 26.35
CA ASP B 566 -27.86 47.29 25.44
C ASP B 566 -26.78 46.25 25.16
N ALA B 567 -27.24 45.05 24.82
CA ALA B 567 -26.44 44.13 24.03
C ALA B 567 -26.37 44.65 22.60
N ARG B 568 -25.17 44.67 22.01
CA ARG B 568 -25.00 45.28 20.70
C ARG B 568 -24.47 44.35 19.62
N ILE B 569 -23.88 43.20 19.99
CA ILE B 569 -23.42 42.22 19.03
C ILE B 569 -23.74 40.84 19.58
N ALA B 570 -24.24 39.95 18.72
CA ALA B 570 -24.55 38.57 19.10
C ALA B 570 -23.61 37.62 18.38
N ARG B 571 -23.05 36.67 19.12
CA ARG B 571 -22.24 35.62 18.52
C ARG B 571 -23.05 34.39 18.17
N LYS B 572 -24.07 34.07 18.96
CA LYS B 572 -24.95 32.96 18.67
C LYS B 572 -26.33 33.27 19.23
N ILE B 573 -27.36 32.96 18.43
CA ILE B 573 -28.75 33.09 18.83
C ILE B 573 -29.30 31.69 19.06
N ALA B 574 -29.92 31.48 20.22
CA ALA B 574 -30.46 30.19 20.62
C ALA B 574 -31.95 30.34 20.90
N PRO B 575 -32.81 30.17 19.89
CA PRO B 575 -34.25 30.22 20.14
C PRO B 575 -34.70 29.05 21.00
N HIS B 576 -35.72 29.31 21.80
CA HIS B 576 -36.22 28.30 22.73
C HIS B 576 -36.72 27.09 21.96
N PRO B 577 -36.44 25.86 22.41
CA PRO B 577 -36.74 24.69 21.58
C PRO B 577 -38.23 24.42 21.39
N THR B 578 -39.09 24.85 22.32
CA THR B 578 -40.52 24.60 22.20
C THR B 578 -41.40 25.83 22.33
N ASN B 579 -40.85 26.99 22.71
CA ASN B 579 -41.63 28.20 22.90
C ASN B 579 -41.08 29.28 21.97
N GLU B 580 -41.80 29.56 20.88
CA GLU B 580 -41.28 30.53 19.92
C GLU B 580 -41.32 31.96 20.44
N LYS B 581 -41.92 32.20 21.61
CA LYS B 581 -41.92 33.52 22.23
C LYS B 581 -40.69 33.79 23.09
N VAL B 582 -39.74 32.86 23.17
CA VAL B 582 -38.55 33.01 24.00
C VAL B 582 -37.33 32.78 23.14
N VAL B 583 -36.32 33.65 23.29
CA VAL B 583 -35.08 33.55 22.54
C VAL B 583 -33.93 33.95 23.45
N PHE B 584 -32.81 33.24 23.33
CA PHE B 584 -31.58 33.57 24.03
C PHE B 584 -30.51 33.92 23.01
N PHE B 585 -29.51 34.67 23.45
CA PHE B 585 -28.32 34.90 22.64
C PHE B 585 -27.17 35.32 23.52
N SER B 586 -25.96 35.12 23.02
CA SER B 586 -24.74 35.53 23.70
C SER B 586 -24.31 36.88 23.15
N SER B 587 -24.28 37.89 24.02
CA SER B 587 -23.88 39.23 23.63
C SER B 587 -22.38 39.39 23.75
N THR B 588 -21.75 39.87 22.69
CA THR B 588 -20.30 40.11 22.68
C THR B 588 -19.97 41.57 22.40
N GLY B 589 -20.96 42.45 22.49
CA GLY B 589 -20.73 43.87 22.37
C GLY B 589 -21.65 44.62 23.31
N GLY B 590 -21.20 45.79 23.74
CA GLY B 590 -21.97 46.55 24.72
C GLY B 590 -21.98 45.80 26.04
N VAL B 591 -23.18 45.59 26.59
CA VAL B 591 -23.34 44.76 27.77
C VAL B 591 -23.30 43.31 27.32
N GLN B 592 -22.23 42.60 27.69
CA GLN B 592 -22.02 41.24 27.23
C GLN B 592 -22.77 40.25 28.14
N GLY B 593 -22.85 39.01 27.68
CA GLY B 593 -23.41 37.93 28.45
C GLY B 593 -24.52 37.22 27.71
N VAL B 594 -25.14 36.27 28.40
CA VAL B 594 -26.31 35.58 27.87
C VAL B 594 -27.54 36.44 28.14
N TRP B 595 -28.26 36.78 27.08
CA TRP B 595 -29.47 37.57 27.18
C TRP B 595 -30.69 36.71 26.87
N ARG B 596 -31.83 37.06 27.43
CA ARG B 596 -33.07 36.34 27.18
C ARG B 596 -34.17 37.32 26.83
N GLY B 597 -34.85 37.07 25.72
CA GLY B 597 -35.97 37.88 25.27
C GLY B 597 -37.26 37.09 25.34
N GLU B 598 -38.33 37.76 25.75
CA GLU B 598 -39.63 37.12 25.90
C GLU B 598 -40.69 38.01 25.25
N GLN B 599 -41.41 37.44 24.28
CA GLN B 599 -42.50 38.16 23.63
C GLN B 599 -43.74 38.16 24.52
N GLN B 600 -44.38 39.32 24.62
CA GLN B 600 -45.53 39.50 25.48
C GLN B 600 -46.83 39.30 24.70
N ASN B 601 -47.96 39.55 25.35
CA ASN B 601 -49.26 39.42 24.71
C ASN B 601 -49.41 40.45 23.59
N ASP B 602 -49.11 41.72 23.88
CA ASP B 602 -49.26 42.79 22.90
C ASP B 602 -48.35 42.63 21.70
N GLY B 603 -47.45 41.64 21.70
CA GLY B 603 -46.49 41.48 20.63
C GLY B 603 -45.14 42.13 20.88
N SER B 604 -45.02 42.96 21.91
CA SER B 604 -43.74 43.55 22.26
C SER B 604 -42.85 42.52 22.96
N TRP B 605 -41.56 42.82 23.01
CA TRP B 605 -40.56 41.95 23.61
C TRP B 605 -39.89 42.66 24.77
N THR B 606 -39.56 41.90 25.82
CA THR B 606 -38.73 42.37 26.91
C THR B 606 -37.49 41.49 26.98
N PHE B 607 -36.32 42.13 26.99
CA PHE B 607 -35.04 41.43 27.00
C PHE B 607 -34.29 41.77 28.28
N ALA B 608 -33.52 40.81 28.78
CA ALA B 608 -32.71 41.03 29.96
C ALA B 608 -31.51 40.09 29.94
N GLN B 609 -30.41 40.56 30.53
CA GLN B 609 -29.26 39.70 30.74
C GLN B 609 -29.56 38.69 31.84
N VAL B 610 -29.18 37.43 31.61
CA VAL B 610 -29.38 36.38 32.60
C VAL B 610 -28.08 35.71 33.01
N LEU B 611 -26.96 36.06 32.38
CA LEU B 611 -25.65 35.60 32.83
C LEU B 611 -24.63 36.68 32.49
N ALA B 612 -23.86 37.11 33.49
CA ALA B 612 -22.84 38.13 33.28
C ALA B 612 -21.55 37.48 32.79
N SER B 613 -21.65 36.91 31.58
CA SER B 613 -20.53 36.28 30.91
C SER B 613 -19.90 37.28 29.94
N SER B 614 -18.85 36.83 29.24
CA SER B 614 -18.19 37.67 28.24
C SER B 614 -17.30 36.79 27.37
N GLY B 615 -16.76 37.40 26.31
CA GLY B 615 -15.93 36.69 25.35
C GLY B 615 -16.38 36.94 23.92
N TRP B 616 -15.44 37.20 23.02
CA TRP B 616 -15.80 37.56 21.65
C TRP B 616 -16.48 36.41 20.91
N ASP B 617 -16.15 35.17 21.26
CA ASP B 617 -16.73 34.00 20.61
C ASP B 617 -17.58 33.18 21.58
N ALA B 618 -18.13 33.83 22.60
CA ALA B 618 -18.98 33.15 23.57
C ALA B 618 -20.26 32.67 22.91
N GLU B 619 -20.69 31.47 23.28
CA GLU B 619 -21.86 30.84 22.69
C GLU B 619 -22.88 30.48 23.75
N VAL B 620 -24.13 30.34 23.31
CA VAL B 620 -25.21 29.81 24.13
C VAL B 620 -26.00 28.83 23.27
N GLU B 621 -26.48 27.76 23.91
CA GLU B 621 -27.32 26.76 23.25
C GLU B 621 -28.49 26.41 24.14
N ALA B 622 -29.67 26.29 23.55
CA ALA B 622 -30.88 25.90 24.26
C ALA B 622 -31.50 24.71 23.56
N TRP B 623 -31.84 23.67 24.32
CA TRP B 623 -32.42 22.47 23.75
C TRP B 623 -33.21 21.74 24.82
N ALA B 624 -34.02 20.78 24.39
CA ALA B 624 -34.89 20.01 25.27
C ALA B 624 -34.55 18.54 25.19
N TYR B 625 -34.61 17.86 26.34
CA TYR B 625 -34.36 16.42 26.38
C TYR B 625 -35.03 15.84 27.61
N ASN B 626 -35.98 14.93 27.38
CA ASN B 626 -36.65 14.17 28.44
C ASN B 626 -37.28 15.07 29.49
N GLY B 627 -37.98 16.10 29.02
CA GLY B 627 -38.75 16.98 29.89
C GLY B 627 -37.98 18.10 30.54
N THR B 628 -36.71 18.29 30.20
CA THR B 628 -35.91 19.39 30.73
C THR B 628 -35.44 20.26 29.59
N VAL B 629 -35.50 21.57 29.79
CA VAL B 629 -34.95 22.54 28.84
C VAL B 629 -33.58 22.94 29.37
N TYR B 630 -32.56 22.71 28.56
CA TYR B 630 -31.17 22.99 28.93
C TYR B 630 -30.72 24.29 28.27
N LEU B 631 -29.99 25.10 29.04
CA LEU B 631 -29.39 26.33 28.54
C LEU B 631 -27.91 26.30 28.89
N MET B 632 -27.06 26.25 27.88
CA MET B 632 -25.63 26.00 28.06
C MET B 632 -24.83 27.15 27.47
N SER B 633 -23.89 27.66 28.26
CA SER B 633 -23.04 28.79 27.87
C SER B 633 -21.59 28.36 27.84
N PHE B 634 -20.89 28.77 26.78
CA PHE B 634 -19.44 28.61 26.66
C PHE B 634 -18.86 30.01 26.59
N ALA B 635 -18.21 30.44 27.67
CA ALA B 635 -17.78 31.82 27.82
C ALA B 635 -16.87 31.90 29.04
N LYS B 636 -16.30 33.07 29.26
CA LYS B 636 -15.62 33.37 30.50
C LYS B 636 -16.53 34.19 31.40
N GLY B 637 -16.19 34.23 32.69
CA GLY B 637 -16.96 34.99 33.65
C GLY B 637 -18.23 34.27 34.09
N GLY B 638 -19.23 35.06 34.44
CA GLY B 638 -20.48 34.55 34.95
C GLY B 638 -20.89 35.20 36.26
N GLY B 639 -19.93 35.81 36.95
CA GLY B 639 -20.20 36.51 38.18
C GLY B 639 -19.67 35.79 39.40
N PRO B 640 -20.01 36.29 40.58
CA PRO B 640 -19.51 35.69 41.83
C PRO B 640 -19.88 34.22 41.92
N GLY B 641 -18.89 33.39 42.25
CA GLY B 641 -19.08 31.96 42.32
C GLY B 641 -18.95 31.22 41.01
N LEU B 642 -18.85 31.93 39.89
CA LEU B 642 -18.72 31.31 38.58
C LEU B 642 -17.50 31.80 37.81
N THR B 643 -17.19 33.08 37.87
CA THR B 643 -16.01 33.61 37.20
C THR B 643 -14.74 33.00 37.78
N ASP B 644 -13.77 32.69 36.90
CA ASP B 644 -12.45 32.20 37.30
C ASP B 644 -11.44 32.80 36.33
N GLY B 645 -11.07 34.06 36.59
CA GLY B 645 -10.11 34.75 35.73
C GLY B 645 -10.63 34.88 34.31
N ASN B 646 -9.72 34.75 33.36
CA ASN B 646 -10.07 34.77 31.95
C ASN B 646 -10.33 33.38 31.40
N ASN B 647 -10.50 32.37 32.26
CA ASN B 647 -10.73 31.01 31.81
C ASN B 647 -12.15 30.85 31.31
N TRP B 648 -12.28 30.27 30.11
CA TRP B 648 -13.61 29.93 29.59
C TRP B 648 -14.08 28.62 30.21
N GLN B 649 -15.38 28.55 30.49
CA GLN B 649 -15.98 27.41 31.16
C GLN B 649 -17.31 27.08 30.50
N ILE B 650 -17.81 25.87 30.79
CA ILE B 650 -19.15 25.47 30.39
C ILE B 650 -20.07 25.60 31.59
N LEU B 651 -21.07 26.47 31.48
CA LEU B 651 -22.07 26.64 32.52
C LEU B 651 -23.41 26.13 32.03
N LEU B 652 -24.17 25.51 32.93
CA LEU B 652 -25.44 24.88 32.58
C LEU B 652 -26.55 25.43 33.46
N SER B 653 -27.73 25.61 32.87
CA SER B 653 -28.92 26.02 33.60
C SER B 653 -30.10 25.23 33.08
N THR B 654 -30.96 24.79 34.00
CA THR B 654 -32.19 24.10 33.64
C THR B 654 -33.43 24.93 33.96
N ASP B 655 -33.27 26.22 34.24
CA ASP B 655 -34.40 27.12 34.50
C ASP B 655 -34.24 28.41 33.72
N GLU B 656 -33.91 28.29 32.43
CA GLU B 656 -33.86 29.41 31.50
C GLU B 656 -32.94 30.54 31.99
N GLY B 657 -31.85 30.19 32.66
CA GLY B 657 -30.85 31.16 33.04
C GLY B 657 -31.03 31.82 34.39
N GLN B 658 -31.99 31.37 35.20
CA GLN B 658 -32.14 31.93 36.54
C GLN B 658 -31.00 31.50 37.45
N ASN B 659 -30.58 30.24 37.34
CA ASN B 659 -29.50 29.70 38.15
C ASN B 659 -28.59 28.84 37.28
N TRP B 660 -27.28 28.96 37.50
CA TRP B 660 -26.29 28.28 36.68
C TRP B 660 -25.39 27.40 37.52
N GLN B 661 -24.79 26.38 36.88
CA GLN B 661 -23.81 25.51 37.51
C GLN B 661 -22.61 25.33 36.58
N LYS B 662 -21.42 25.29 37.18
CA LYS B 662 -20.21 24.95 36.45
C LYS B 662 -20.19 23.44 36.17
N ILE B 663 -19.94 23.06 34.91
CA ILE B 663 -19.90 21.63 34.60
C ILE B 663 -18.65 21.25 33.82
N PHE B 664 -17.87 22.24 33.36
CA PHE B 664 -16.59 21.93 32.74
C PHE B 664 -15.65 23.11 32.85
N THR B 665 -14.44 22.86 33.33
CA THR B 665 -13.41 23.86 33.56
C THR B 665 -12.11 23.41 32.92
N PRO B 666 -11.13 24.32 32.79
CA PRO B 666 -9.80 23.89 32.33
C PRO B 666 -9.20 22.77 33.16
N ALA B 667 -9.46 22.73 34.47
CA ALA B 667 -8.95 21.64 35.28
C ALA B 667 -9.57 20.31 34.88
N ASP B 668 -10.88 20.29 34.60
CA ASP B 668 -11.53 19.08 34.12
C ASP B 668 -10.94 18.63 32.79
N ALA B 669 -10.65 19.58 31.90
CA ALA B 669 -10.09 19.24 30.60
C ALA B 669 -8.70 18.63 30.73
N MET B 670 -7.88 19.19 31.62
CA MET B 670 -6.52 18.65 31.79
C MET B 670 -6.53 17.29 32.46
N ALA B 671 -7.56 16.99 33.26
CA ALA B 671 -7.67 15.67 33.87
C ALA B 671 -8.13 14.64 32.85
N VAL B 672 -9.09 15.00 31.99
CA VAL B 672 -9.61 14.06 31.00
C VAL B 672 -8.62 13.89 29.84
N ARG B 673 -7.88 14.93 29.50
CA ARG B 673 -6.89 14.90 28.42
C ARG B 673 -5.58 15.45 28.97
N PRO B 674 -4.71 14.58 29.48
CA PRO B 674 -3.44 15.05 30.06
C PRO B 674 -2.58 15.77 29.02
N THR B 675 -1.80 16.74 29.50
CA THR B 675 -0.91 17.48 28.61
C THR B 675 0.09 16.58 27.90
N SER B 676 0.25 15.34 28.36
CA SER B 676 1.03 14.33 27.66
C SER B 676 0.61 14.17 26.20
N ASN B 677 -0.62 14.55 25.83
CA ASN B 677 -1.10 14.37 24.47
C ASN B 677 -0.67 15.47 23.51
N LEU B 678 -0.11 16.56 24.03
CA LEU B 678 0.18 17.76 23.25
C LEU B 678 1.68 17.86 23.02
N VAL B 679 2.07 17.83 21.75
CA VAL B 679 3.49 17.92 21.40
C VAL B 679 4.05 19.30 21.73
N TRP B 680 3.19 20.30 21.88
CA TRP B 680 3.63 21.69 22.05
C TRP B 680 3.64 22.14 23.51
N TRP B 681 3.21 21.29 24.45
CA TRP B 681 2.98 21.77 25.81
C TRP B 681 4.27 22.27 26.46
N ASN B 682 5.38 21.55 26.28
CA ASN B 682 6.60 21.91 26.97
C ASN B 682 7.25 23.15 26.39
N SER B 683 6.93 23.51 25.15
CA SER B 683 7.52 24.69 24.52
C SER B 683 6.69 25.95 24.74
N VAL B 684 5.38 25.88 24.49
CA VAL B 684 4.55 27.08 24.49
C VAL B 684 3.34 26.91 25.40
N GLY B 685 3.29 25.82 26.15
CA GLY B 685 2.16 25.59 27.04
C GLY B 685 2.00 26.68 28.08
N ASN B 686 3.10 27.35 28.44
CA ASN B 686 3.05 28.46 29.40
C ASN B 686 2.30 29.66 28.84
N ARG B 687 2.11 29.74 27.52
CA ARG B 687 1.33 30.81 26.92
C ARG B 687 -0.11 30.45 26.66
N PHE B 688 -0.46 29.16 26.70
CA PHE B 688 -1.78 28.72 26.29
C PHE B 688 -2.85 29.26 27.24
N LYS B 689 -3.88 29.87 26.67
CA LYS B 689 -5.05 30.31 27.42
C LYS B 689 -6.23 29.41 27.06
N PHE B 690 -7.00 29.03 28.08
CA PHE B 690 -8.13 28.11 27.89
C PHE B 690 -9.33 28.93 27.42
N THR B 691 -9.30 29.29 26.13
CA THR B 691 -10.43 29.96 25.50
C THR B 691 -10.97 29.10 24.36
N GLY B 692 -11.69 29.71 23.44
CA GLY B 692 -12.19 28.99 22.28
C GLY B 692 -12.63 29.96 21.21
N LYS B 693 -12.86 29.42 20.01
CA LYS B 693 -13.40 30.17 18.89
C LYS B 693 -14.89 29.90 18.72
N GLY B 694 -15.50 29.18 19.66
CA GLY B 694 -16.84 28.67 19.52
C GLY B 694 -16.84 27.15 19.48
N GLY B 695 -17.82 26.60 18.78
CA GLY B 695 -17.91 25.17 18.54
C GLY B 695 -18.52 24.35 19.67
N SER B 696 -19.16 25.00 20.65
CA SER B 696 -19.90 24.27 21.66
C SER B 696 -21.32 24.00 21.17
N ALA B 697 -21.89 22.90 21.64
CA ALA B 697 -23.22 22.51 21.19
C ALA B 697 -23.86 21.59 22.22
N GLY B 698 -25.19 21.53 22.15
CA GLY B 698 -25.96 20.65 23.00
C GLY B 698 -27.15 20.08 22.27
N ALA B 699 -27.42 18.79 22.48
CA ALA B 699 -28.57 18.12 21.90
C ALA B 699 -28.76 16.79 22.61
N GLY B 700 -30.00 16.45 22.92
CA GLY B 700 -30.27 15.20 23.62
C GLY B 700 -29.50 15.13 24.93
N ASN B 701 -28.78 14.04 25.12
CA ASN B 701 -27.95 13.84 26.31
C ASN B 701 -26.47 14.13 26.03
N LYS B 702 -26.18 14.99 25.06
CA LYS B 702 -24.81 15.23 24.64
C LYS B 702 -24.48 16.72 24.62
N ILE B 703 -23.28 17.04 25.09
CA ILE B 703 -22.72 18.40 25.06
C ILE B 703 -21.28 18.29 24.58
N VAL B 704 -20.87 19.21 23.71
CA VAL B 704 -19.52 19.22 23.16
C VAL B 704 -18.93 20.62 23.29
N MET B 705 -17.61 20.68 23.43
CA MET B 705 -16.88 21.94 23.44
C MET B 705 -15.44 21.67 23.02
N SER B 706 -14.72 22.74 22.71
CA SER B 706 -13.33 22.62 22.26
C SER B 706 -12.52 23.79 22.80
N TYR B 707 -11.42 23.47 23.49
CA TYR B 707 -10.51 24.48 24.04
C TYR B 707 -9.45 24.82 23.00
N TYR B 708 -9.32 26.11 22.68
CA TYR B 708 -8.48 26.53 21.57
C TYR B 708 -8.08 27.98 21.77
N ASP B 709 -6.79 28.27 21.62
CA ASP B 709 -6.24 29.62 21.77
C ASP B 709 -5.86 30.13 20.38
N HIS B 710 -6.71 30.99 19.82
CA HIS B 710 -6.49 31.50 18.47
C HIS B 710 -5.24 32.37 18.37
N ASP B 711 -4.73 32.88 19.49
CA ASP B 711 -3.55 33.72 19.46
C ASP B 711 -2.32 32.93 19.00
N TYR B 712 -2.30 31.63 19.25
CA TYR B 712 -1.19 30.78 18.83
C TYR B 712 -1.61 29.60 17.99
N GLN B 713 -2.90 29.49 17.63
CA GLN B 713 -3.42 28.37 16.84
C GLN B 713 -3.17 27.03 17.53
N LEU B 714 -3.36 27.01 18.85
CA LEU B 714 -3.16 25.81 19.66
C LEU B 714 -4.52 25.29 20.10
N GLY B 715 -4.79 24.02 19.79
CA GLY B 715 -6.00 23.38 20.24
C GLY B 715 -5.72 22.36 21.32
N TYR B 716 -6.30 22.54 22.51
CA TYR B 716 -6.05 21.60 23.59
C TYR B 716 -6.75 20.27 23.33
N GLY B 717 -8.03 20.31 22.98
CA GLY B 717 -8.77 19.09 22.76
C GLY B 717 -10.26 19.31 22.63
N VAL B 718 -10.96 18.29 22.12
CA VAL B 718 -12.41 18.30 21.97
C VAL B 718 -12.98 17.38 23.03
N PHE B 719 -14.01 17.85 23.72
CA PHE B 719 -14.57 17.13 24.85
C PHE B 719 -16.07 16.94 24.69
N LEU B 720 -16.53 15.73 24.98
CA LEU B 720 -17.93 15.35 24.83
C LEU B 720 -18.46 14.92 26.19
N GLY B 721 -19.53 15.57 26.64
CA GLY B 721 -20.16 15.25 27.91
C GLY B 721 -21.48 14.55 27.67
N THR B 722 -21.80 13.58 28.54
CA THR B 722 -23.06 12.85 28.48
C THR B 722 -23.85 13.14 29.75
N ILE B 723 -25.12 13.52 29.56
CA ILE B 723 -25.99 13.87 30.69
C ILE B 723 -26.50 12.58 31.31
N GLN B 724 -26.05 12.29 32.53
CA GLN B 724 -26.55 11.12 33.24
C GLN B 724 -27.96 11.36 33.76
N SER B 725 -28.62 10.28 34.18
CA SER B 725 -30.00 10.38 34.64
C SER B 725 -30.12 11.12 35.95
N ASN B 726 -29.05 11.21 36.75
CA ASN B 726 -29.06 12.00 37.97
C ASN B 726 -28.76 13.47 37.72
N GLY B 727 -28.54 13.87 36.47
CA GLY B 727 -28.34 15.25 36.11
C GLY B 727 -26.89 15.65 35.89
N GLN B 728 -25.94 14.87 36.39
CA GLN B 728 -24.53 15.22 36.23
CA GLN B 728 -24.54 15.21 36.23
C GLN B 728 -24.05 14.86 34.82
N VAL B 729 -22.95 15.48 34.43
CA VAL B 729 -22.36 15.31 33.12
C VAL B 729 -21.00 14.65 33.29
N ASN B 730 -20.77 13.55 32.57
CA ASN B 730 -19.48 12.89 32.55
C ASN B 730 -18.82 13.14 31.21
N TRP B 731 -17.56 13.54 31.25
CA TRP B 731 -16.85 14.03 30.09
C TRP B 731 -15.84 13.01 29.59
N GLN B 732 -15.64 12.99 28.29
CA GLN B 732 -14.65 12.14 27.65
C GLN B 732 -13.94 12.93 26.57
N ASP B 733 -12.74 12.45 26.21
CA ASP B 733 -11.92 13.09 25.19
C ASP B 733 -12.27 12.49 23.83
N ILE B 734 -12.71 13.35 22.91
CA ILE B 734 -13.07 12.88 21.57
C ILE B 734 -12.23 13.61 20.53
N THR B 735 -11.05 14.08 20.92
CA THR B 735 -10.15 14.71 19.95
C THR B 735 -9.73 13.72 18.88
N ASP B 736 -9.31 12.52 19.29
CA ASP B 736 -8.97 11.41 18.38
C ASP B 736 -7.99 11.92 17.32
N ASP B 737 -8.26 11.74 16.04
CA ASP B 737 -7.33 12.12 14.98
C ASP B 737 -7.57 13.52 14.44
N LEU B 738 -8.31 14.37 15.16
CA LEU B 738 -8.57 15.74 14.71
C LEU B 738 -7.34 16.58 15.04
N HIS B 739 -6.54 16.88 14.02
CA HIS B 739 -5.25 17.51 14.28
C HIS B 739 -5.38 19.02 14.46
N PHE B 740 -6.29 19.65 13.73
CA PHE B 740 -6.68 21.04 13.99
C PHE B 740 -8.07 20.99 14.61
N SER B 741 -8.14 21.20 15.92
CA SER B 741 -9.35 20.93 16.68
C SER B 741 -10.04 22.18 17.21
N GLY B 742 -9.49 23.37 16.97
CA GLY B 742 -10.24 24.58 17.25
C GLY B 742 -11.49 24.63 16.39
N MET B 743 -12.58 25.14 16.98
CA MET B 743 -13.89 25.08 16.33
C MET B 743 -14.60 26.41 16.40
N THR B 744 -15.27 26.77 15.31
CA THR B 744 -16.14 27.93 15.28
C THR B 744 -17.61 27.57 15.48
N SER B 745 -18.01 26.35 15.14
CA SER B 745 -19.39 25.93 15.27
C SER B 745 -19.45 24.41 15.33
N SER B 746 -20.46 23.91 16.05
CA SER B 746 -20.75 22.48 16.09
C SER B 746 -22.26 22.28 16.10
N ARG B 747 -22.71 21.24 15.39
CA ARG B 747 -24.12 20.86 15.37
C ARG B 747 -24.21 19.35 15.45
N PHE B 748 -25.14 18.86 16.25
CA PHE B 748 -25.46 17.43 16.27
C PHE B 748 -26.51 17.17 15.20
N ILE B 749 -26.18 16.32 14.23
CA ILE B 749 -26.99 16.12 13.05
C ILE B 749 -27.14 14.64 12.78
N LYS B 750 -28.37 14.19 12.56
CA LYS B 750 -28.65 12.80 12.22
C LYS B 750 -28.60 12.64 10.70
N ASP B 751 -27.80 11.67 10.24
CA ASP B 751 -27.59 11.44 8.82
C ASP B 751 -27.67 9.94 8.57
N ALA B 752 -28.69 9.50 7.83
CA ALA B 752 -28.89 8.09 7.50
C ALA B 752 -28.97 7.23 8.76
N GLY B 753 -29.74 7.69 9.74
CA GLY B 753 -30.00 6.93 10.94
C GLY B 753 -28.90 6.94 11.98
N GLN B 754 -27.86 7.76 11.80
CA GLN B 754 -26.73 7.80 12.71
C GLN B 754 -26.52 9.24 13.19
N MET B 755 -26.33 9.42 14.49
CA MET B 755 -26.05 10.74 15.02
C MET B 755 -24.60 11.12 14.72
N TYR B 756 -24.40 12.32 14.21
CA TYR B 756 -23.09 12.83 13.89
C TYR B 756 -22.88 14.18 14.56
N LEU B 757 -21.62 14.52 14.81
CA LEU B 757 -21.21 15.85 15.21
C LEU B 757 -20.53 16.51 14.02
N TYR B 758 -21.12 17.58 13.51
CA TYR B 758 -20.53 18.38 12.45
C TYR B 758 -19.90 19.61 13.08
N SER B 759 -18.59 19.78 12.88
CA SER B 759 -17.87 20.92 13.44
C SER B 759 -17.08 21.64 12.36
N THR B 760 -17.20 22.97 12.33
CA THR B 760 -16.39 23.80 11.47
C THR B 760 -15.23 24.39 12.27
N THR B 761 -14.13 24.65 11.57
CA THR B 761 -12.89 25.07 12.22
C THR B 761 -12.40 26.38 11.61
N PRO B 762 -11.70 27.20 12.41
CA PRO B 762 -11.14 28.47 11.91
C PRO B 762 -9.83 28.29 11.15
N GLY B 763 -9.84 27.42 10.15
CA GLY B 763 -8.63 27.22 9.38
C GLY B 763 -8.48 25.86 8.70
N ALA B 764 -9.32 24.89 9.05
CA ALA B 764 -9.23 23.56 8.45
C ALA B 764 -10.57 23.06 7.93
N GLY B 765 -11.52 23.96 7.65
CA GLY B 765 -12.76 23.54 7.02
C GLY B 765 -13.65 22.73 7.94
N LEU B 766 -14.38 21.79 7.33
CA LEU B 766 -15.48 21.09 7.98
C LEU B 766 -15.10 19.63 8.22
N TRP B 767 -15.42 19.14 9.42
CA TRP B 767 -15.19 17.76 9.81
C TRP B 767 -16.43 17.23 10.52
N ARG B 768 -16.64 15.92 10.44
CA ARG B 768 -17.74 15.29 11.15
C ARG B 768 -17.28 14.01 11.82
N ARG B 769 -17.95 13.67 12.91
CA ARG B 769 -17.60 12.53 13.74
C ARG B 769 -18.87 11.80 14.14
N SER B 770 -18.82 10.47 14.11
CA SER B 770 -19.93 9.66 14.60
C SER B 770 -19.98 9.74 16.12
N ILE B 771 -21.20 9.82 16.65
CA ILE B 771 -21.42 9.97 18.10
C ILE B 771 -22.26 8.78 18.56
N SER B 772 -21.72 8.01 19.49
CA SER B 772 -22.38 6.80 19.97
C SER B 772 -23.11 7.06 21.29
N GLY B 773 -24.13 6.24 21.53
CA GLY B 773 -24.89 6.34 22.76
C GLY B 773 -25.67 7.63 22.92
N MET B 774 -26.04 8.27 21.82
CA MET B 774 -26.85 9.48 21.87
C MET B 774 -28.34 9.13 21.84
N ASN B 775 -29.11 9.84 22.67
CA ASN B 775 -30.56 9.70 22.69
C ASN B 775 -31.23 11.06 22.55
N MET B 776 -32.31 11.09 21.77
CA MET B 776 -32.98 12.31 21.40
C MET B 776 -34.44 12.20 21.80
N ASP B 777 -35.10 13.33 21.99
CA ASP B 777 -36.53 13.32 22.11
C ASP B 777 -37.01 13.07 20.68
N PRO B 778 -38.07 12.30 20.49
CA PRO B 778 -38.52 12.14 19.11
C PRO B 778 -39.03 13.47 18.64
N ALA B 779 -38.65 13.86 17.43
CA ALA B 779 -39.11 15.12 16.91
C ALA B 779 -38.98 15.05 15.42
ZN ZN C . 7.12 -23.16 -12.82
ZN ZN D . -3.22 -45.01 -0.88
C ACT E . 5.14 -16.89 -23.17
O ACT E . 5.51 -15.95 -22.42
OXT ACT E . 5.93 -17.39 -24.01
CH3 ACT E . 3.70 -17.41 -23.08
C1 GOL F . -9.74 -32.79 -11.40
O1 GOL F . -9.03 -32.64 -12.59
C2 GOL F . -11.24 -32.71 -11.77
O2 GOL F . -11.65 -33.79 -12.55
C3 GOL F . -11.99 -32.65 -10.41
O3 GOL F . -11.49 -31.53 -9.73
C1 GOL G . -1.26 -32.13 -9.57
O1 GOL G . -1.99 -33.26 -9.17
C2 GOL G . 0.20 -32.35 -9.08
O2 GOL G . 0.67 -33.61 -9.39
C3 GOL G . 1.03 -31.23 -9.74
O3 GOL G . 2.37 -31.61 -9.64
C1 GOL H . -9.38 -17.02 -9.12
O1 GOL H . -9.78 -16.43 -10.32
C2 GOL H . -9.67 -18.54 -9.26
O2 GOL H . -8.67 -19.19 -9.97
C3 GOL H . -9.78 -19.06 -7.81
O3 GOL H . -10.64 -20.17 -7.84
C1 GOL I . 17.80 7.50 2.14
O1 GOL I . 17.28 6.46 2.92
C2 GOL I . 17.05 7.48 0.79
O2 GOL I . 15.70 7.75 0.95
C3 GOL I . 17.77 8.55 -0.08
O3 GOL I . 16.80 9.09 -0.92
C1 GOL J . -10.98 -12.07 7.33
O1 GOL J . -9.67 -11.77 6.96
C2 GOL J . -11.53 -13.08 6.30
O2 GOL J . -10.62 -14.09 6.06
C3 GOL J . -12.84 -13.61 6.91
O3 GOL J . -13.64 -14.05 5.85
O43 PE3 K . 3.68 -60.78 6.60
C42 PE3 K . 4.28 -60.09 5.50
C41 PE3 K . 3.23 -59.69 4.48
O40 PE3 K . 2.16 -58.80 4.91
C39 PE3 K . 2.69 -57.54 5.36
C38 PE3 K . 1.56 -56.59 5.76
O37 PE3 K . 0.76 -57.12 6.82
O43 PE3 L . 14.60 -18.43 11.58
C42 PE3 L . 13.99 -19.52 10.89
C41 PE3 L . 12.46 -19.33 10.87
O40 PE3 L . 11.85 -20.43 10.17
C39 PE3 L . 10.41 -20.28 10.14
C38 PE3 L . 9.85 -20.25 11.55
O37 PE3 L . 8.42 -20.10 11.51
O43 PE3 M . 15.79 -31.40 -24.80
C42 PE3 M . 14.74 -32.09 -24.11
C41 PE3 M . 14.05 -31.08 -23.19
O40 PE3 M . 12.96 -31.55 -22.38
C39 PE3 M . 13.37 -32.60 -21.51
C38 PE3 M . 12.24 -32.91 -20.55
O37 PE3 M . 12.64 -33.95 -19.66
C36 PE3 M . 11.63 -34.06 -18.65
C35 PE3 M . 12.04 -35.14 -17.66
O34 PE3 M . 11.19 -35.40 -16.51
C33 PE3 M . 11.03 -34.36 -15.49
C32 PE3 M . 10.41 -32.99 -15.76
O31 PE3 M . 10.40 -32.22 -14.55
CL CL N . 8.37 -19.86 -39.00
ZN ZN O . 0.49 -71.29 -8.49
ZN ZN P . -30.47 51.11 23.91
ZN ZN Q . 0.37 35.03 4.89
ZN ZN R . -24.77 30.26 13.57
C1 GOL S . -9.30 35.25 9.21
O1 GOL S . -9.21 34.85 7.88
C2 GOL S . -10.74 35.76 9.42
O2 GOL S . -11.67 34.94 8.81
C3 GOL S . -10.94 35.80 10.96
O3 GOL S . -12.24 36.29 11.18
C1 GOL T . -9.75 37.37 -3.42
O1 GOL T . -9.27 38.33 -4.33
C2 GOL T . -8.57 36.44 -3.07
O2 GOL T . -7.39 37.14 -2.81
C3 GOL T . -9.05 35.65 -1.82
O3 GOL T . -7.97 35.56 -0.95
C1 GOL U . 11.02 4.66 7.27
O1 GOL U . 9.78 5.04 7.75
C2 GOL U . 12.07 5.59 7.91
O2 GOL U . 11.83 6.93 7.59
C3 GOL U . 11.98 5.33 9.43
O3 GOL U . 13.17 5.79 10.00
O43 PE3 V . -39.80 21.08 5.25
C42 PE3 V . -39.46 21.38 6.61
C41 PE3 V . -38.03 21.91 6.69
O40 PE3 V . -37.74 22.18 8.06
C39 PE3 V . -36.41 22.66 8.23
C38 PE3 V . -36.16 22.93 9.71
O37 PE3 V . -36.34 21.71 10.46
O43 PE3 W . 3.12 9.40 9.71
C42 PE3 W . 2.22 9.68 10.78
C41 PE3 W . 1.20 10.71 10.30
O40 PE3 W . 0.24 11.06 11.30
C39 PE3 W . 0.80 11.65 12.49
C38 PE3 W . -0.37 11.97 13.40
O37 PE3 W . 0.05 12.57 14.63
O43 PE3 X . -45.92 22.49 0.01
C42 PE3 X . -45.99 21.13 -0.43
C41 PE3 X . -46.22 20.22 0.77
O40 PE3 X . -45.14 20.38 1.70
C39 PE3 X . -45.47 19.51 2.78
C38 PE3 X . -44.46 19.53 3.93
O37 PE3 X . -45.00 18.62 4.91
C36 PE3 X . -46.29 19.15 5.26
C35 PE3 X . -47.07 18.35 6.28
O34 PE3 X . -48.25 19.14 6.40
C33 PE3 X . -49.17 18.60 7.35
C32 PE3 X . -50.36 19.55 7.35
O31 PE3 X . -51.36 19.12 8.27
C1 GOL Y . -12.58 41.49 18.69
O1 GOL Y . -11.29 40.95 18.58
C2 GOL Y . -12.72 42.55 17.57
O2 GOL Y . -12.90 41.96 16.32
C3 GOL Y . -13.93 43.42 17.98
O3 GOL Y . -13.99 44.49 17.10
C1 GOL Z . 22.85 17.62 -11.62
O1 GOL Z . 23.66 18.33 -12.50
C2 GOL Z . 22.94 16.12 -12.00
O2 GOL Z . 23.15 15.31 -10.90
C3 GOL Z . 21.60 15.80 -12.71
O3 GOL Z . 21.88 15.60 -14.07
C1 GOL AA . 3.07 25.93 31.89
O1 GOL AA . 2.82 25.99 33.25
C2 GOL AA . 4.03 24.74 31.65
O2 GOL AA . 3.33 23.56 31.40
C3 GOL AA . 4.90 25.14 30.45
O3 GOL AA . 5.77 24.09 30.20
C1 GOL BA . -18.16 35.84 -11.80
O1 GOL BA . -17.88 35.14 -12.97
C2 GOL BA . -17.84 37.34 -12.06
O2 GOL BA . -18.77 37.93 -12.88
C3 GOL BA . -17.80 37.99 -10.65
O3 GOL BA . -17.95 39.36 -10.80
C1 GOL CA . -6.11 27.78 34.62
O1 GOL CA . -5.43 28.30 33.51
C2 GOL CA . -5.89 26.25 34.60
O2 GOL CA . -4.57 25.94 34.29
C3 GOL CA . -6.30 25.77 36.01
O3 GOL CA . -5.88 24.45 36.13
C1 GOL DA . -19.95 10.93 2.42
O1 GOL DA . -18.66 10.81 2.93
C2 GOL DA . -20.83 11.55 3.43
O2 GOL DA . -20.34 12.78 3.77
C3 GOL DA . -22.26 11.68 3.03
O3 GOL DA . -23.00 10.81 3.85
CL CL EA . -7.62 31.56 14.77
#